data_1CDT
# 
_entry.id   1CDT 
# 
_audit_conform.dict_name       mmcif_pdbx.dic 
_audit_conform.dict_version    5.398 
_audit_conform.dict_location   http://mmcif.pdb.org/dictionaries/ascii/mmcif_pdbx.dic 
# 
loop_
_database_2.database_id 
_database_2.database_code 
_database_2.pdbx_database_accession 
_database_2.pdbx_DOI 
PDB   1CDT         pdb_00001cdt 10.2210/pdb1cdt/pdb 
WWPDB D_1000172265 ?            ?                   
# 
loop_
_pdbx_audit_revision_history.ordinal 
_pdbx_audit_revision_history.data_content_type 
_pdbx_audit_revision_history.major_revision 
_pdbx_audit_revision_history.minor_revision 
_pdbx_audit_revision_history.revision_date 
1 'Structure model' 1 0 1991-07-15 
2 'Structure model' 1 1 2008-03-24 
3 'Structure model' 1 2 2011-07-13 
4 'Structure model' 1 3 2017-11-29 
5 'Structure model' 1 4 2024-11-06 
# 
_pdbx_audit_revision_details.ordinal             1 
_pdbx_audit_revision_details.revision_ordinal    1 
_pdbx_audit_revision_details.data_content_type   'Structure model' 
_pdbx_audit_revision_details.provider            repository 
_pdbx_audit_revision_details.type                'Initial release' 
_pdbx_audit_revision_details.description         ? 
_pdbx_audit_revision_details.details             ? 
# 
loop_
_pdbx_audit_revision_group.ordinal 
_pdbx_audit_revision_group.revision_ordinal 
_pdbx_audit_revision_group.data_content_type 
_pdbx_audit_revision_group.group 
1 2 'Structure model' 'Version format compliance' 
2 3 'Structure model' 'Version format compliance' 
3 4 'Structure model' 'Derived calculations'      
4 4 'Structure model' Other                       
5 5 'Structure model' 'Data collection'           
6 5 'Structure model' 'Database references'       
7 5 'Structure model' 'Derived calculations'      
8 5 'Structure model' 'Structure summary'         
# 
loop_
_pdbx_audit_revision_category.ordinal 
_pdbx_audit_revision_category.revision_ordinal 
_pdbx_audit_revision_category.data_content_type 
_pdbx_audit_revision_category.category 
1 4 'Structure model' pdbx_database_status      
2 4 'Structure model' struct_conf               
3 5 'Structure model' chem_comp_atom            
4 5 'Structure model' chem_comp_bond            
5 5 'Structure model' database_2                
6 5 'Structure model' pdbx_entry_details        
7 5 'Structure model' pdbx_modification_feature 
8 5 'Structure model' struct_site               
# 
loop_
_pdbx_audit_revision_item.ordinal 
_pdbx_audit_revision_item.revision_ordinal 
_pdbx_audit_revision_item.data_content_type 
_pdbx_audit_revision_item.item 
1 4 'Structure model' '_pdbx_database_status.process_site'  
2 5 'Structure model' '_database_2.pdbx_DOI'                
3 5 'Structure model' '_database_2.pdbx_database_accession' 
4 5 'Structure model' '_struct_site.pdbx_auth_asym_id'      
5 5 'Structure model' '_struct_site.pdbx_auth_comp_id'      
6 5 'Structure model' '_struct_site.pdbx_auth_seq_id'       
# 
_pdbx_database_status.status_code                     REL 
_pdbx_database_status.entry_id                        1CDT 
_pdbx_database_status.recvd_initial_deposition_date   1990-05-17 
_pdbx_database_status.deposit_site                    ? 
_pdbx_database_status.process_site                    BNL 
_pdbx_database_status.SG_entry                        . 
_pdbx_database_status.pdb_format_compatible           Y 
_pdbx_database_status.status_code_mr                  ? 
_pdbx_database_status.status_code_sf                  ? 
_pdbx_database_status.status_code_cs                  ? 
_pdbx_database_status.methods_development_category    ? 
_pdbx_database_status.status_code_nmr_data            ? 
# 
loop_
_audit_author.name 
_audit_author.pdbx_ordinal 
'Rees, B.'     1 
'Bilwes, A.'   2 
'Samama, J.P.' 3 
'Moras, D.'    4 
# 
loop_
_citation.id 
_citation.title 
_citation.journal_abbrev 
_citation.journal_volume 
_citation.page_first 
_citation.page_last 
_citation.year 
_citation.journal_id_ASTM 
_citation.country 
_citation.journal_id_ISSN 
_citation.journal_id_CSD 
_citation.book_publisher 
_citation.pdbx_database_id_PubMed 
_citation.pdbx_database_id_DOI 
primary 'Cardiotoxin VII4 from Naja mossambica mossambica. The refined crystal structure.' J.Mol.Biol.            214 281  297 
1990 JMOBAK UK 0022-2836 0070 ? 2370666 '10.1016/0022-2836(90)90161-E' 
1       'Crystal Structure of a Snake Venom Cardiotoxin'                                   Proc.Natl.Acad.Sci.USA 84  3132 ?   
1987 PNASA6 US 0027-8424 0040 ? ?       ?                              
# 
loop_
_citation_author.citation_id 
_citation_author.name 
_citation_author.ordinal 
_citation_author.identifier_ORCID 
primary 'Rees, B.'      1  ? 
primary 'Bilwes, A.'    2  ? 
primary 'Samama, J.P.'  3  ? 
primary 'Moras, D.'     4  ? 
1       'Rees, B.'      5  ? 
1       'Samama, J.P.'  6  ? 
1       'Thierry, J.C.' 7  ? 
1       'Gilibert, M.'  8  ? 
1       'Fischer, J.'   9  ? 
1       'Schweitz, H.'  10 ? 
1       'Lazdunski, M.' 11 ? 
1       'Moras, D.'     12 ? 
# 
loop_
_entity.id 
_entity.type 
_entity.src_method 
_entity.pdbx_description 
_entity.formula_weight 
_entity.pdbx_number_of_molecules 
_entity.pdbx_ec 
_entity.pdbx_mutation 
_entity.pdbx_fragment 
_entity.details 
1 polymer     man 'CARDIOTOXIN VII4' 6727.321 2  ? ? ? ? 
2 non-polymer syn 'PHOSPHATE ION'    94.971   2  ? ? ? ? 
3 water       nat water              18.015   48 ? ? ? ? 
# 
_entity_poly.entity_id                      1 
_entity_poly.type                           'polypeptide(L)' 
_entity_poly.nstd_linkage                   no 
_entity_poly.nstd_monomer                   no 
_entity_poly.pdbx_seq_one_letter_code       LKCNKLIPIAYKTCPEGKNLCYKMMLASKKMVPVKRGCINVCPKNSALVKYVCCSTDRCN 
_entity_poly.pdbx_seq_one_letter_code_can   LKCNKLIPIAYKTCPEGKNLCYKMMLASKKMVPVKRGCINVCPKNSALVKYVCCSTDRCN 
_entity_poly.pdbx_strand_id                 A,B 
_entity_poly.pdbx_target_identifier         ? 
# 
loop_
_pdbx_entity_nonpoly.entity_id 
_pdbx_entity_nonpoly.name 
_pdbx_entity_nonpoly.comp_id 
2 'PHOSPHATE ION' PO4 
3 water           HOH 
# 
loop_
_entity_poly_seq.entity_id 
_entity_poly_seq.num 
_entity_poly_seq.mon_id 
_entity_poly_seq.hetero 
1 1  LEU n 
1 2  LYS n 
1 3  CYS n 
1 4  ASN n 
1 5  LYS n 
1 6  LEU n 
1 7  ILE n 
1 8  PRO n 
1 9  ILE n 
1 10 ALA n 
1 11 TYR n 
1 12 LYS n 
1 13 THR n 
1 14 CYS n 
1 15 PRO n 
1 16 GLU n 
1 17 GLY n 
1 18 LYS n 
1 19 ASN n 
1 20 LEU n 
1 21 CYS n 
1 22 TYR n 
1 23 LYS n 
1 24 MET n 
1 25 MET n 
1 26 LEU n 
1 27 ALA n 
1 28 SER n 
1 29 LYS n 
1 30 LYS n 
1 31 MET n 
1 32 VAL n 
1 33 PRO n 
1 34 VAL n 
1 35 LYS n 
1 36 ARG n 
1 37 GLY n 
1 38 CYS n 
1 39 ILE n 
1 40 ASN n 
1 41 VAL n 
1 42 CYS n 
1 43 PRO n 
1 44 LYS n 
1 45 ASN n 
1 46 SER n 
1 47 ALA n 
1 48 LEU n 
1 49 VAL n 
1 50 LYS n 
1 51 TYR n 
1 52 VAL n 
1 53 CYS n 
1 54 CYS n 
1 55 SER n 
1 56 THR n 
1 57 ASP n 
1 58 ARG n 
1 59 CYS n 
1 60 ASN n 
# 
_entity_src_gen.entity_id                          1 
_entity_src_gen.pdbx_src_id                        1 
_entity_src_gen.pdbx_alt_source_flag               sample 
_entity_src_gen.pdbx_seq_type                      ? 
_entity_src_gen.pdbx_beg_seq_num                   ? 
_entity_src_gen.pdbx_end_seq_num                   ? 
_entity_src_gen.gene_src_common_name               'Mozambique cobra' 
_entity_src_gen.gene_src_genus                     Naja 
_entity_src_gen.pdbx_gene_src_gene                 ? 
_entity_src_gen.gene_src_species                   ? 
_entity_src_gen.gene_src_strain                    ? 
_entity_src_gen.gene_src_tissue                    ? 
_entity_src_gen.gene_src_tissue_fraction           ? 
_entity_src_gen.gene_src_details                   ? 
_entity_src_gen.pdbx_gene_src_fragment             ? 
_entity_src_gen.pdbx_gene_src_scientific_name      'Naja mossambica' 
_entity_src_gen.pdbx_gene_src_ncbi_taxonomy_id     8644 
_entity_src_gen.pdbx_gene_src_variant              ? 
_entity_src_gen.pdbx_gene_src_cell_line            ? 
_entity_src_gen.pdbx_gene_src_atcc                 ? 
_entity_src_gen.pdbx_gene_src_organ                ? 
_entity_src_gen.pdbx_gene_src_organelle            ? 
_entity_src_gen.pdbx_gene_src_cell                 ? 
_entity_src_gen.pdbx_gene_src_cellular_location    ? 
_entity_src_gen.host_org_common_name               ? 
_entity_src_gen.pdbx_host_org_scientific_name      ? 
_entity_src_gen.pdbx_host_org_ncbi_taxonomy_id     ? 
_entity_src_gen.host_org_genus                     ? 
_entity_src_gen.pdbx_host_org_gene                 ? 
_entity_src_gen.pdbx_host_org_organ                ? 
_entity_src_gen.host_org_species                   ? 
_entity_src_gen.pdbx_host_org_tissue               ? 
_entity_src_gen.pdbx_host_org_tissue_fraction      ? 
_entity_src_gen.pdbx_host_org_strain               ? 
_entity_src_gen.pdbx_host_org_variant              ? 
_entity_src_gen.pdbx_host_org_cell_line            ? 
_entity_src_gen.pdbx_host_org_atcc                 ? 
_entity_src_gen.pdbx_host_org_culture_collection   ? 
_entity_src_gen.pdbx_host_org_cell                 ? 
_entity_src_gen.pdbx_host_org_organelle            ? 
_entity_src_gen.pdbx_host_org_cellular_location    ? 
_entity_src_gen.pdbx_host_org_vector_type          ? 
_entity_src_gen.pdbx_host_org_vector               ? 
_entity_src_gen.host_org_details                   ? 
_entity_src_gen.expression_system_id               ? 
_entity_src_gen.plasmid_name                       ? 
_entity_src_gen.plasmid_details                    ? 
_entity_src_gen.pdbx_description                   ? 
# 
loop_
_chem_comp.id 
_chem_comp.type 
_chem_comp.mon_nstd_flag 
_chem_comp.name 
_chem_comp.pdbx_synonyms 
_chem_comp.formula 
_chem_comp.formula_weight 
ALA 'L-peptide linking' y ALANINE         ? 'C3 H7 N O2'     89.093  
ARG 'L-peptide linking' y ARGININE        ? 'C6 H15 N4 O2 1' 175.209 
ASN 'L-peptide linking' y ASPARAGINE      ? 'C4 H8 N2 O3'    132.118 
ASP 'L-peptide linking' y 'ASPARTIC ACID' ? 'C4 H7 N O4'     133.103 
CYS 'L-peptide linking' y CYSTEINE        ? 'C3 H7 N O2 S'   121.158 
GLU 'L-peptide linking' y 'GLUTAMIC ACID' ? 'C5 H9 N O4'     147.129 
GLY 'peptide linking'   y GLYCINE         ? 'C2 H5 N O2'     75.067  
HOH non-polymer         . WATER           ? 'H2 O'           18.015  
ILE 'L-peptide linking' y ISOLEUCINE      ? 'C6 H13 N O2'    131.173 
LEU 'L-peptide linking' y LEUCINE         ? 'C6 H13 N O2'    131.173 
LYS 'L-peptide linking' y LYSINE          ? 'C6 H15 N2 O2 1' 147.195 
MET 'L-peptide linking' y METHIONINE      ? 'C5 H11 N O2 S'  149.211 
PO4 non-polymer         . 'PHOSPHATE ION' ? 'O4 P -3'        94.971  
PRO 'L-peptide linking' y PROLINE         ? 'C5 H9 N O2'     115.130 
SER 'L-peptide linking' y SERINE          ? 'C3 H7 N O3'     105.093 
THR 'L-peptide linking' y THREONINE       ? 'C4 H9 N O3'     119.119 
TYR 'L-peptide linking' y TYROSINE        ? 'C9 H11 N O3'    181.189 
VAL 'L-peptide linking' y VALINE          ? 'C5 H11 N O2'    117.146 
# 
loop_
_pdbx_poly_seq_scheme.asym_id 
_pdbx_poly_seq_scheme.entity_id 
_pdbx_poly_seq_scheme.seq_id 
_pdbx_poly_seq_scheme.mon_id 
_pdbx_poly_seq_scheme.ndb_seq_num 
_pdbx_poly_seq_scheme.pdb_seq_num 
_pdbx_poly_seq_scheme.auth_seq_num 
_pdbx_poly_seq_scheme.pdb_mon_id 
_pdbx_poly_seq_scheme.auth_mon_id 
_pdbx_poly_seq_scheme.pdb_strand_id 
_pdbx_poly_seq_scheme.pdb_ins_code 
_pdbx_poly_seq_scheme.hetero 
A 1 1  LEU 1  1  1  LEU LEU A . n 
A 1 2  LYS 2  2  2  LYS LYS A . n 
A 1 3  CYS 3  3  3  CYS CYS A . n 
A 1 4  ASN 4  4  4  ASN ASN A . n 
A 1 5  LYS 5  5  5  LYS LYS A . n 
A 1 6  LEU 6  6  6  LEU LEU A . n 
A 1 7  ILE 7  7  7  ILE ILE A . n 
A 1 8  PRO 8  8  8  PRO PRO A . n 
A 1 9  ILE 9  9  9  ILE ILE A . n 
A 1 10 ALA 10 10 10 ALA ALA A . n 
A 1 11 TYR 11 11 11 TYR TYR A . n 
A 1 12 LYS 12 12 12 LYS LYS A . n 
A 1 13 THR 13 13 13 THR THR A . n 
A 1 14 CYS 14 14 14 CYS CYS A . n 
A 1 15 PRO 15 15 15 PRO PRO A . n 
A 1 16 GLU 16 16 16 GLU GLU A . n 
A 1 17 GLY 17 17 17 GLY GLY A . n 
A 1 18 LYS 18 18 18 LYS LYS A . n 
A 1 19 ASN 19 19 19 ASN ASN A . n 
A 1 20 LEU 20 20 20 LEU LEU A . n 
A 1 21 CYS 21 21 21 CYS CYS A . n 
A 1 22 TYR 22 22 22 TYR TYR A . n 
A 1 23 LYS 23 23 23 LYS LYS A . n 
A 1 24 MET 24 24 24 MET MET A . n 
A 1 25 MET 25 25 25 MET MET A . n 
A 1 26 LEU 26 26 26 LEU LEU A . n 
A 1 27 ALA 27 27 27 ALA ALA A . n 
A 1 28 SER 28 28 28 SER SER A . n 
A 1 29 LYS 29 29 29 LYS LYS A . n 
A 1 30 LYS 30 30 30 LYS LYS A . n 
A 1 31 MET 31 31 31 MET MET A . n 
A 1 32 VAL 32 32 32 VAL VAL A . n 
A 1 33 PRO 33 33 33 PRO PRO A . n 
A 1 34 VAL 34 34 34 VAL VAL A . n 
A 1 35 LYS 35 35 35 LYS LYS A . n 
A 1 36 ARG 36 36 36 ARG ARG A . n 
A 1 37 GLY 37 37 37 GLY GLY A . n 
A 1 38 CYS 38 38 38 CYS CYS A . n 
A 1 39 ILE 39 39 39 ILE ILE A . n 
A 1 40 ASN 40 40 40 ASN ASN A . n 
A 1 41 VAL 41 41 41 VAL VAL A . n 
A 1 42 CYS 42 42 42 CYS CYS A . n 
A 1 43 PRO 43 43 43 PRO PRO A . n 
A 1 44 LYS 44 44 44 LYS LYS A . n 
A 1 45 ASN 45 45 45 ASN ASN A . n 
A 1 46 SER 46 46 46 SER SER A . n 
A 1 47 ALA 47 47 47 ALA ALA A . n 
A 1 48 LEU 48 48 48 LEU LEU A . n 
A 1 49 VAL 49 49 49 VAL VAL A . n 
A 1 50 LYS 50 50 50 LYS LYS A . n 
A 1 51 TYR 51 51 51 TYR TYR A . n 
A 1 52 VAL 52 52 52 VAL VAL A . n 
A 1 53 CYS 53 53 53 CYS CYS A . n 
A 1 54 CYS 54 54 54 CYS CYS A . n 
A 1 55 SER 55 55 55 SER SER A . n 
A 1 56 THR 56 56 56 THR THR A . n 
A 1 57 ASP 57 57 57 ASP ASP A . n 
A 1 58 ARG 58 58 58 ARG ARG A . n 
A 1 59 CYS 59 59 59 CYS CYS A . n 
A 1 60 ASN 60 60 60 ASN ASN A . n 
B 1 1  LEU 1  1  1  LEU LEU B . n 
B 1 2  LYS 2  2  2  LYS LYS B . n 
B 1 3  CYS 3  3  3  CYS CYS B . n 
B 1 4  ASN 4  4  4  ASN ASN B . n 
B 1 5  LYS 5  5  5  LYS LYS B . n 
B 1 6  LEU 6  6  6  LEU LEU B . n 
B 1 7  ILE 7  7  7  ILE ILE B . n 
B 1 8  PRO 8  8  8  PRO PRO B . n 
B 1 9  ILE 9  9  9  ILE ILE B . n 
B 1 10 ALA 10 10 10 ALA ALA B . n 
B 1 11 TYR 11 11 11 TYR TYR B . n 
B 1 12 LYS 12 12 12 LYS LYS B . n 
B 1 13 THR 13 13 13 THR THR B . n 
B 1 14 CYS 14 14 14 CYS CYS B . n 
B 1 15 PRO 15 15 15 PRO PRO B . n 
B 1 16 GLU 16 16 16 GLU GLU B . n 
B 1 17 GLY 17 17 17 GLY GLY B . n 
B 1 18 LYS 18 18 18 LYS LYS B . n 
B 1 19 ASN 19 19 19 ASN ASN B . n 
B 1 20 LEU 20 20 20 LEU LEU B . n 
B 1 21 CYS 21 21 21 CYS CYS B . n 
B 1 22 TYR 22 22 22 TYR TYR B . n 
B 1 23 LYS 23 23 23 LYS LYS B . n 
B 1 24 MET 24 24 24 MET MET B . n 
B 1 25 MET 25 25 25 MET MET B . n 
B 1 26 LEU 26 26 26 LEU LEU B . n 
B 1 27 ALA 27 27 27 ALA ALA B . n 
B 1 28 SER 28 28 28 SER SER B . n 
B 1 29 LYS 29 29 29 LYS LYS B . n 
B 1 30 LYS 30 30 30 LYS LYS B . n 
B 1 31 MET 31 31 31 MET MET B . n 
B 1 32 VAL 32 32 32 VAL VAL B . n 
B 1 33 PRO 33 33 33 PRO PRO B . n 
B 1 34 VAL 34 34 34 VAL VAL B . n 
B 1 35 LYS 35 35 35 LYS LYS B . n 
B 1 36 ARG 36 36 36 ARG ARG B . n 
B 1 37 GLY 37 37 37 GLY GLY B . n 
B 1 38 CYS 38 38 38 CYS CYS B . n 
B 1 39 ILE 39 39 39 ILE ILE B . n 
B 1 40 ASN 40 40 40 ASN ASN B . n 
B 1 41 VAL 41 41 41 VAL VAL B . n 
B 1 42 CYS 42 42 42 CYS CYS B . n 
B 1 43 PRO 43 43 43 PRO PRO B . n 
B 1 44 LYS 44 44 44 LYS LYS B . n 
B 1 45 ASN 45 45 45 ASN ASN B . n 
B 1 46 SER 46 46 46 SER SER B . n 
B 1 47 ALA 47 47 47 ALA ALA B . n 
B 1 48 LEU 48 48 48 LEU LEU B . n 
B 1 49 VAL 49 49 49 VAL VAL B . n 
B 1 50 LYS 50 50 50 LYS LYS B . n 
B 1 51 TYR 51 51 51 TYR TYR B . n 
B 1 52 VAL 52 52 52 VAL VAL B . n 
B 1 53 CYS 53 53 53 CYS CYS B . n 
B 1 54 CYS 54 54 54 CYS CYS B . n 
B 1 55 SER 55 55 55 SER SER B . n 
B 1 56 THR 56 56 56 THR THR B . n 
B 1 57 ASP 57 57 57 ASP ASP B . n 
B 1 58 ARG 58 58 58 ARG ARG B . n 
B 1 59 CYS 59 59 59 CYS CYS B . n 
B 1 60 ASN 60 60 60 ASN ASN B . n 
# 
loop_
_pdbx_nonpoly_scheme.asym_id 
_pdbx_nonpoly_scheme.entity_id 
_pdbx_nonpoly_scheme.mon_id 
_pdbx_nonpoly_scheme.ndb_seq_num 
_pdbx_nonpoly_scheme.pdb_seq_num 
_pdbx_nonpoly_scheme.auth_seq_num 
_pdbx_nonpoly_scheme.pdb_mon_id 
_pdbx_nonpoly_scheme.auth_mon_id 
_pdbx_nonpoly_scheme.pdb_strand_id 
_pdbx_nonpoly_scheme.pdb_ins_code 
C 2 PO4 1  61 61 PO4 PO4 A . 
D 2 PO4 1  61 61 PO4 PO4 B . 
E 3 HOH 1  62 1  HOH HOH A . 
E 3 HOH 2  63 2  HOH HOH A . 
E 3 HOH 3  64 3  HOH HOH A . 
E 3 HOH 4  65 4  HOH HOH A . 
E 3 HOH 5  66 5  HOH HOH A . 
E 3 HOH 6  67 6  HOH HOH A . 
E 3 HOH 7  68 7  HOH HOH A . 
E 3 HOH 8  69 8  HOH HOH A . 
E 3 HOH 9  70 9  HOH HOH A . 
E 3 HOH 10 71 10 HOH HOH A . 
E 3 HOH 11 72 11 HOH HOH A . 
E 3 HOH 12 73 12 HOH HOH A . 
E 3 HOH 13 74 13 HOH HOH A . 
E 3 HOH 14 75 14 HOH HOH A . 
E 3 HOH 15 76 15 HOH HOH A . 
E 3 HOH 16 77 16 HOH HOH A . 
E 3 HOH 17 78 17 HOH HOH A . 
E 3 HOH 18 79 18 HOH HOH A . 
E 3 HOH 19 80 19 HOH HOH A . 
E 3 HOH 20 81 20 HOH HOH A . 
E 3 HOH 21 82 22 HOH HOH A . 
E 3 HOH 22 83 23 HOH HOH A . 
E 3 HOH 23 84 24 HOH HOH A . 
E 3 HOH 24 85 25 HOH HOH A . 
E 3 HOH 25 86 38 HOH HOH A . 
E 3 HOH 26 87 39 HOH HOH A . 
E 3 HOH 27 88 43 HOH HOH A . 
E 3 HOH 28 89 44 HOH HOH A . 
F 3 HOH 1  62 21 HOH HOH B . 
F 3 HOH 2  63 26 HOH HOH B . 
F 3 HOH 3  64 27 HOH HOH B . 
F 3 HOH 4  65 28 HOH HOH B . 
F 3 HOH 5  66 29 HOH HOH B . 
F 3 HOH 6  67 30 HOH HOH B . 
F 3 HOH 7  68 31 HOH HOH B . 
F 3 HOH 8  69 32 HOH HOH B . 
F 3 HOH 9  70 33 HOH HOH B . 
F 3 HOH 10 71 34 HOH HOH B . 
F 3 HOH 11 72 35 HOH HOH B . 
F 3 HOH 12 73 36 HOH HOH B . 
F 3 HOH 13 74 37 HOH HOH B . 
F 3 HOH 14 75 40 HOH HOH B . 
F 3 HOH 15 76 41 HOH HOH B . 
F 3 HOH 16 77 42 HOH HOH B . 
F 3 HOH 17 78 45 HOH HOH B . 
F 3 HOH 18 79 46 HOH HOH B . 
F 3 HOH 19 80 47 HOH HOH B . 
F 3 HOH 20 81 48 HOH HOH B . 
# 
_software.name             PROLSQ 
_software.classification   refinement 
_software.version          . 
_software.citation_id      ? 
_software.pdbx_ordinal     1 
# 
_cell.entry_id           1CDT 
_cell.length_a           73.900 
_cell.length_b           73.900 
_cell.length_c           59.000 
_cell.angle_alpha        90.00 
_cell.angle_beta         90.00 
_cell.angle_gamma        120.00 
_cell.Z_PDB              12 
_cell.pdbx_unique_axis   ? 
# 
_symmetry.entry_id                         1CDT 
_symmetry.space_group_name_H-M             'P 61' 
_symmetry.pdbx_full_space_group_name_H-M   ? 
_symmetry.cell_setting                     ? 
_symmetry.Int_Tables_number                169 
# 
_exptl.entry_id          1CDT 
_exptl.method            'X-RAY DIFFRACTION' 
_exptl.crystals_number   ? 
# 
_exptl_crystal.id                    1 
_exptl_crystal.density_meas          ? 
_exptl_crystal.density_Matthews      3.45 
_exptl_crystal.density_percent_sol   64.39 
_exptl_crystal.description           ? 
# 
_refine.entry_id                                 1CDT 
_refine.ls_number_reflns_obs                     4002 
_refine.ls_number_reflns_all                     ? 
_refine.pdbx_ls_sigma_I                          ? 
_refine.pdbx_ls_sigma_F                          ? 
_refine.pdbx_data_cutoff_high_absF               ? 
_refine.pdbx_data_cutoff_low_absF                ? 
_refine.pdbx_data_cutoff_high_rms_absF           ? 
_refine.ls_d_res_low                             5.0 
_refine.ls_d_res_high                            2.5 
_refine.ls_percent_reflns_obs                    ? 
_refine.ls_R_factor_obs                          0.197 
_refine.ls_R_factor_all                          ? 
_refine.ls_R_factor_R_work                       ? 
_refine.ls_R_factor_R_free                       ? 
_refine.ls_R_factor_R_free_error                 ? 
_refine.ls_R_factor_R_free_error_details         ? 
_refine.ls_percent_reflns_R_free                 ? 
_refine.ls_number_reflns_R_free                  ? 
_refine.ls_number_parameters                     ? 
_refine.ls_number_restraints                     ? 
_refine.occupancy_min                            ? 
_refine.occupancy_max                            ? 
_refine.B_iso_mean                               ? 
_refine.aniso_B[1][1]                            ? 
_refine.aniso_B[2][2]                            ? 
_refine.aniso_B[3][3]                            ? 
_refine.aniso_B[1][2]                            ? 
_refine.aniso_B[1][3]                            ? 
_refine.aniso_B[2][3]                            ? 
_refine.solvent_model_details                    ? 
_refine.solvent_model_param_ksol                 ? 
_refine.solvent_model_param_bsol                 ? 
_refine.pdbx_ls_cross_valid_method               ? 
_refine.details                                  
;SOLVENT OCCUPANCIES WERE REFINED WITHOUT SETTING AN UPPER BOUND.  VALUES LARGE THAN 1.0 ARE INDICATIVE OF THE INTRINSIC INACCURACY OF THIS PARAMETER AND OF ITS LARGE CORRELATION WITH THE TEMPERATURE FACTOR.
;
_refine.pdbx_starting_model                      ? 
_refine.pdbx_method_to_determine_struct          ? 
_refine.pdbx_isotropic_thermal_model             ? 
_refine.pdbx_stereochemistry_target_values       ? 
_refine.pdbx_stereochem_target_val_spec_case     ? 
_refine.pdbx_R_Free_selection_details            ? 
_refine.pdbx_overall_ESU_R                       ? 
_refine.pdbx_overall_ESU_R_Free                  ? 
_refine.overall_SU_ML                            ? 
_refine.overall_SU_B                             ? 
_refine.pdbx_refine_id                           'X-RAY DIFFRACTION' 
_refine.pdbx_diffrn_id                           1 
_refine.pdbx_TLS_residual_ADP_flag               ? 
_refine.correlation_coeff_Fo_to_Fc               ? 
_refine.correlation_coeff_Fo_to_Fc_free          ? 
_refine.pdbx_solvent_vdw_probe_radii             ? 
_refine.pdbx_solvent_ion_probe_radii             ? 
_refine.pdbx_solvent_shrinkage_radii             ? 
_refine.pdbx_overall_phase_error                 ? 
_refine.overall_SU_R_Cruickshank_DPI             ? 
_refine.pdbx_overall_SU_R_free_Cruickshank_DPI   ? 
_refine.pdbx_overall_SU_R_Blow_DPI               ? 
_refine.pdbx_overall_SU_R_free_Blow_DPI          ? 
# 
_refine_hist.pdbx_refine_id                   'X-RAY DIFFRACTION' 
_refine_hist.cycle_id                         LAST 
_refine_hist.pdbx_number_atoms_protein        920 
_refine_hist.pdbx_number_atoms_nucleic_acid   0 
_refine_hist.pdbx_number_atoms_ligand         10 
_refine_hist.number_atoms_solvent             48 
_refine_hist.number_atoms_total               978 
_refine_hist.d_res_high                       2.5 
_refine_hist.d_res_low                        5.0 
# 
loop_
_refine_ls_restr.type 
_refine_ls_restr.dev_ideal 
_refine_ls_restr.dev_ideal_target 
_refine_ls_restr.weight 
_refine_ls_restr.number 
_refine_ls_restr.pdbx_refine_id 
_refine_ls_restr.pdbx_restraint_function 
p_bond_d    0.015 ? ? ? 'X-RAY DIFFRACTION' ? 
p_angle_deg 2.4   ? ? ? 'X-RAY DIFFRACTION' ? 
# 
_struct.entry_id                  1CDT 
_struct.title                     'CARDIOTOXIN V4/II FROM NAJA MOSSAMBICA MOSSAMBICA: THE REFINED CRYSTAL STRUCTURE' 
_struct.pdbx_model_details        ? 
_struct.pdbx_CASP_flag            ? 
_struct.pdbx_model_type_details   ? 
# 
_struct_keywords.entry_id        1CDT 
_struct_keywords.pdbx_keywords   CYTOTOXIN 
_struct_keywords.text            CYTOTOXIN 
# 
loop_
_struct_asym.id 
_struct_asym.pdbx_blank_PDB_chainid_flag 
_struct_asym.pdbx_modified 
_struct_asym.entity_id 
_struct_asym.details 
A N N 1 ? 
B N N 1 ? 
C N N 2 ? 
D N N 2 ? 
E N N 3 ? 
F N N 3 ? 
# 
_struct_ref.id                         1 
_struct_ref.db_name                    UNP 
_struct_ref.db_code                    CX4_NAJMO 
_struct_ref.entity_id                  1 
_struct_ref.pdbx_db_accession          P01452 
_struct_ref.pdbx_align_begin           1 
_struct_ref.pdbx_seq_one_letter_code   LKCNKLIPIAYKTCPEGKNLCYKMMLASKKMVPVKRGCINVCPKNSALVKYVCCSTDRCN 
_struct_ref.pdbx_db_isoform            ? 
# 
loop_
_struct_ref_seq.align_id 
_struct_ref_seq.ref_id 
_struct_ref_seq.pdbx_PDB_id_code 
_struct_ref_seq.pdbx_strand_id 
_struct_ref_seq.seq_align_beg 
_struct_ref_seq.pdbx_seq_align_beg_ins_code 
_struct_ref_seq.seq_align_end 
_struct_ref_seq.pdbx_seq_align_end_ins_code 
_struct_ref_seq.pdbx_db_accession 
_struct_ref_seq.db_align_beg 
_struct_ref_seq.pdbx_db_align_beg_ins_code 
_struct_ref_seq.db_align_end 
_struct_ref_seq.pdbx_db_align_end_ins_code 
_struct_ref_seq.pdbx_auth_seq_align_beg 
_struct_ref_seq.pdbx_auth_seq_align_end 
1 1 1CDT A 1 ? 60 ? P01452 1 ? 60 ? 1 60 
2 1 1CDT B 1 ? 60 ? P01452 1 ? 60 ? 1 60 
# 
_pdbx_struct_assembly.id                   1 
_pdbx_struct_assembly.details              author_defined_assembly 
_pdbx_struct_assembly.method_details       ? 
_pdbx_struct_assembly.oligomeric_details   dimeric 
_pdbx_struct_assembly.oligomeric_count     2 
# 
_pdbx_struct_assembly_gen.assembly_id       1 
_pdbx_struct_assembly_gen.oper_expression   1 
_pdbx_struct_assembly_gen.asym_id_list      A,B,C,D,E,F 
# 
_pdbx_struct_oper_list.id                   1 
_pdbx_struct_oper_list.type                 'identity operation' 
_pdbx_struct_oper_list.name                 1_555 
_pdbx_struct_oper_list.symmetry_operation   x,y,z 
_pdbx_struct_oper_list.matrix[1][1]         1.0000000000 
_pdbx_struct_oper_list.matrix[1][2]         0.0000000000 
_pdbx_struct_oper_list.matrix[1][3]         0.0000000000 
_pdbx_struct_oper_list.vector[1]            0.0000000000 
_pdbx_struct_oper_list.matrix[2][1]         0.0000000000 
_pdbx_struct_oper_list.matrix[2][2]         1.0000000000 
_pdbx_struct_oper_list.matrix[2][3]         0.0000000000 
_pdbx_struct_oper_list.vector[2]            0.0000000000 
_pdbx_struct_oper_list.matrix[3][1]         0.0000000000 
_pdbx_struct_oper_list.matrix[3][2]         0.0000000000 
_pdbx_struct_oper_list.matrix[3][3]         1.0000000000 
_pdbx_struct_oper_list.vector[3]            0.0000000000 
# 
_struct_biol.id   1 
# 
loop_
_struct_conn.id 
_struct_conn.conn_type_id 
_struct_conn.pdbx_leaving_atom_flag 
_struct_conn.pdbx_PDB_id 
_struct_conn.ptnr1_label_asym_id 
_struct_conn.ptnr1_label_comp_id 
_struct_conn.ptnr1_label_seq_id 
_struct_conn.ptnr1_label_atom_id 
_struct_conn.pdbx_ptnr1_label_alt_id 
_struct_conn.pdbx_ptnr1_PDB_ins_code 
_struct_conn.pdbx_ptnr1_standard_comp_id 
_struct_conn.ptnr1_symmetry 
_struct_conn.ptnr2_label_asym_id 
_struct_conn.ptnr2_label_comp_id 
_struct_conn.ptnr2_label_seq_id 
_struct_conn.ptnr2_label_atom_id 
_struct_conn.pdbx_ptnr2_label_alt_id 
_struct_conn.pdbx_ptnr2_PDB_ins_code 
_struct_conn.ptnr1_auth_asym_id 
_struct_conn.ptnr1_auth_comp_id 
_struct_conn.ptnr1_auth_seq_id 
_struct_conn.ptnr2_auth_asym_id 
_struct_conn.ptnr2_auth_comp_id 
_struct_conn.ptnr2_auth_seq_id 
_struct_conn.ptnr2_symmetry 
_struct_conn.pdbx_ptnr3_label_atom_id 
_struct_conn.pdbx_ptnr3_label_seq_id 
_struct_conn.pdbx_ptnr3_label_comp_id 
_struct_conn.pdbx_ptnr3_label_asym_id 
_struct_conn.pdbx_ptnr3_label_alt_id 
_struct_conn.pdbx_ptnr3_PDB_ins_code 
_struct_conn.details 
_struct_conn.pdbx_dist_value 
_struct_conn.pdbx_value_order 
_struct_conn.pdbx_role 
disulf1 disulf ? ? A CYS 3  SG ? ? ? 1_555 A CYS 21 SG ? ? A CYS 3  A CYS 21 1_555 ? ? ? ? ? ? ? 2.043 ? ? 
disulf2 disulf ? ? A CYS 14 SG ? ? ? 1_555 A CYS 38 SG ? ? A CYS 14 A CYS 38 1_555 ? ? ? ? ? ? ? 2.062 ? ? 
disulf3 disulf ? ? A CYS 42 SG ? ? ? 1_555 A CYS 53 SG ? ? A CYS 42 A CYS 53 1_555 ? ? ? ? ? ? ? 2.053 ? ? 
disulf4 disulf ? ? A CYS 54 SG ? ? ? 1_555 A CYS 59 SG ? ? A CYS 54 A CYS 59 1_555 ? ? ? ? ? ? ? 2.031 ? ? 
disulf5 disulf ? ? B CYS 3  SG ? ? ? 1_555 B CYS 21 SG ? ? B CYS 3  B CYS 21 1_555 ? ? ? ? ? ? ? 2.013 ? ? 
disulf6 disulf ? ? B CYS 14 SG ? ? ? 1_555 B CYS 38 SG ? ? B CYS 14 B CYS 38 1_555 ? ? ? ? ? ? ? 2.029 ? ? 
disulf7 disulf ? ? B CYS 42 SG ? ? ? 1_555 B CYS 53 SG ? ? B CYS 42 B CYS 53 1_555 ? ? ? ? ? ? ? 2.036 ? ? 
disulf8 disulf ? ? B CYS 54 SG ? ? ? 1_555 B CYS 59 SG ? ? B CYS 54 B CYS 59 1_555 ? ? ? ? ? ? ? 2.043 ? ? 
# 
_struct_conn_type.id          disulf 
_struct_conn_type.criteria    ? 
_struct_conn_type.reference   ? 
# 
loop_
_pdbx_modification_feature.ordinal 
_pdbx_modification_feature.label_comp_id 
_pdbx_modification_feature.label_asym_id 
_pdbx_modification_feature.label_seq_id 
_pdbx_modification_feature.label_alt_id 
_pdbx_modification_feature.modified_residue_label_comp_id 
_pdbx_modification_feature.modified_residue_label_asym_id 
_pdbx_modification_feature.modified_residue_label_seq_id 
_pdbx_modification_feature.modified_residue_label_alt_id 
_pdbx_modification_feature.auth_comp_id 
_pdbx_modification_feature.auth_asym_id 
_pdbx_modification_feature.auth_seq_id 
_pdbx_modification_feature.PDB_ins_code 
_pdbx_modification_feature.symmetry 
_pdbx_modification_feature.modified_residue_auth_comp_id 
_pdbx_modification_feature.modified_residue_auth_asym_id 
_pdbx_modification_feature.modified_residue_auth_seq_id 
_pdbx_modification_feature.modified_residue_PDB_ins_code 
_pdbx_modification_feature.modified_residue_symmetry 
_pdbx_modification_feature.comp_id_linking_atom 
_pdbx_modification_feature.modified_residue_id_linking_atom 
_pdbx_modification_feature.modified_residue_id 
_pdbx_modification_feature.ref_pcm_id 
_pdbx_modification_feature.ref_comp_id 
_pdbx_modification_feature.type 
_pdbx_modification_feature.category 
1 CYS A 3  ? CYS A 21 ? CYS A 3  ? 1_555 CYS A 21 ? 1_555 SG SG . . . None 'Disulfide bridge' 
2 CYS A 14 ? CYS A 38 ? CYS A 14 ? 1_555 CYS A 38 ? 1_555 SG SG . . . None 'Disulfide bridge' 
3 CYS A 42 ? CYS A 53 ? CYS A 42 ? 1_555 CYS A 53 ? 1_555 SG SG . . . None 'Disulfide bridge' 
4 CYS A 54 ? CYS A 59 ? CYS A 54 ? 1_555 CYS A 59 ? 1_555 SG SG . . . None 'Disulfide bridge' 
5 CYS B 3  ? CYS B 21 ? CYS B 3  ? 1_555 CYS B 21 ? 1_555 SG SG . . . None 'Disulfide bridge' 
6 CYS B 14 ? CYS B 38 ? CYS B 14 ? 1_555 CYS B 38 ? 1_555 SG SG . . . None 'Disulfide bridge' 
7 CYS B 42 ? CYS B 53 ? CYS B 42 ? 1_555 CYS B 53 ? 1_555 SG SG . . . None 'Disulfide bridge' 
8 CYS B 54 ? CYS B 59 ? CYS B 54 ? 1_555 CYS B 59 ? 1_555 SG SG . . . None 'Disulfide bridge' 
# 
loop_
_struct_sheet.id 
_struct_sheet.type 
_struct_sheet.number_strands 
_struct_sheet.details 
S1A ? 2 ? 
S2A ? 3 ? 
S1B ? 2 ? 
S2B ? 3 ? 
# 
loop_
_struct_sheet_order.sheet_id 
_struct_sheet_order.range_id_1 
_struct_sheet_order.range_id_2 
_struct_sheet_order.offset 
_struct_sheet_order.sense 
S1A 1 2 ? anti-parallel 
S2A 1 2 ? anti-parallel 
S2A 2 3 ? anti-parallel 
S1B 1 2 ? anti-parallel 
S2B 1 2 ? anti-parallel 
S2B 2 3 ? anti-parallel 
# 
loop_
_struct_sheet_range.sheet_id 
_struct_sheet_range.id 
_struct_sheet_range.beg_label_comp_id 
_struct_sheet_range.beg_label_asym_id 
_struct_sheet_range.beg_label_seq_id 
_struct_sheet_range.pdbx_beg_PDB_ins_code 
_struct_sheet_range.end_label_comp_id 
_struct_sheet_range.end_label_asym_id 
_struct_sheet_range.end_label_seq_id 
_struct_sheet_range.pdbx_end_PDB_ins_code 
_struct_sheet_range.beg_auth_comp_id 
_struct_sheet_range.beg_auth_asym_id 
_struct_sheet_range.beg_auth_seq_id 
_struct_sheet_range.end_auth_comp_id 
_struct_sheet_range.end_auth_asym_id 
_struct_sheet_range.end_auth_seq_id 
S1A 1 LEU A 1  ? LYS A 5  ? LEU A 1  LYS A 5  
S1A 2 ALA A 10 ? CYS A 14 ? ALA A 10 CYS A 14 
S2A 1 LEU A 48 ? CYS A 54 ? LEU A 48 CYS A 54 
S2A 2 LEU A 20 ? ALA A 27 ? LEU A 20 ALA A 27 
S2A 3 VAL A 32 ? ILE A 39 ? VAL A 32 ILE A 39 
S1B 1 LEU B 1  ? LYS B 5  ? LEU B 1  LYS B 5  
S1B 2 ALA B 10 ? CYS B 14 ? ALA B 10 CYS B 14 
S2B 1 LEU B 48 ? CYS B 54 ? LEU B 48 CYS B 54 
S2B 2 LEU B 20 ? ALA B 27 ? LEU B 20 ALA B 27 
S2B 3 VAL B 32 ? ILE B 39 ? VAL B 32 ILE B 39 
# 
loop_
_struct_site.id 
_struct_site.pdbx_evidence_code 
_struct_site.pdbx_auth_asym_id 
_struct_site.pdbx_auth_comp_id 
_struct_site.pdbx_auth_seq_id 
_struct_site.pdbx_auth_ins_code 
_struct_site.pdbx_num_residues 
_struct_site.details 
AC1 Software A PO4 61 ? 5 'BINDING SITE FOR RESIDUE PO4 A 61' 
AC2 Software B PO4 61 ? 4 'BINDING SITE FOR RESIDUE PO4 B 61' 
# 
loop_
_struct_site_gen.id 
_struct_site_gen.site_id 
_struct_site_gen.pdbx_num_res 
_struct_site_gen.label_comp_id 
_struct_site_gen.label_asym_id 
_struct_site_gen.label_seq_id 
_struct_site_gen.pdbx_auth_ins_code 
_struct_site_gen.auth_comp_id 
_struct_site_gen.auth_asym_id 
_struct_site_gen.auth_seq_id 
_struct_site_gen.label_atom_id 
_struct_site_gen.label_alt_id 
_struct_site_gen.symmetry 
_struct_site_gen.details 
1 AC1 5 LYS A 12 ? LYS A 12 . ? 1_555 ? 
2 AC1 5 TYR A 22 ? TYR A 22 . ? 1_555 ? 
3 AC1 5 ARG A 36 ? ARG A 36 . ? 1_555 ? 
4 AC1 5 GLY A 37 ? GLY A 37 . ? 1_555 ? 
5 AC1 5 CYS A 38 ? CYS A 38 . ? 1_555 ? 
6 AC2 4 LYS B 12 ? LYS B 12 . ? 1_555 ? 
7 AC2 4 TYR B 22 ? TYR B 22 . ? 1_555 ? 
8 AC2 4 CYS B 38 ? CYS B 38 . ? 1_555 ? 
9 AC2 4 HOH F .  ? HOH B 68 . ? 1_555 ? 
# 
_pdbx_entry_details.entry_id                   1CDT 
_pdbx_entry_details.compound_details           ? 
_pdbx_entry_details.source_details             ? 
_pdbx_entry_details.nonpolymer_details         ? 
_pdbx_entry_details.sequence_details           ? 
_pdbx_entry_details.has_ligand_of_interest     ? 
_pdbx_entry_details.has_protein_modification   Y 
# 
_pdbx_validate_close_contact.id               1 
_pdbx_validate_close_contact.PDB_model_num    1 
_pdbx_validate_close_contact.auth_atom_id_1   OG 
_pdbx_validate_close_contact.auth_asym_id_1   B 
_pdbx_validate_close_contact.auth_comp_id_1   SER 
_pdbx_validate_close_contact.auth_seq_id_1    55 
_pdbx_validate_close_contact.PDB_ins_code_1   ? 
_pdbx_validate_close_contact.label_alt_id_1   ? 
_pdbx_validate_close_contact.auth_atom_id_2   O 
_pdbx_validate_close_contact.auth_asym_id_2   B 
_pdbx_validate_close_contact.auth_comp_id_2   HOH 
_pdbx_validate_close_contact.auth_seq_id_2    62 
_pdbx_validate_close_contact.PDB_ins_code_2   ? 
_pdbx_validate_close_contact.label_alt_id_2   ? 
_pdbx_validate_close_contact.dist             2.13 
# 
_pdbx_validate_symm_contact.id                1 
_pdbx_validate_symm_contact.PDB_model_num     1 
_pdbx_validate_symm_contact.auth_atom_id_1    CB 
_pdbx_validate_symm_contact.auth_asym_id_1    A 
_pdbx_validate_symm_contact.auth_comp_id_1    SER 
_pdbx_validate_symm_contact.auth_seq_id_1     46 
_pdbx_validate_symm_contact.PDB_ins_code_1    ? 
_pdbx_validate_symm_contact.label_alt_id_1    ? 
_pdbx_validate_symm_contact.site_symmetry_1   1_555 
_pdbx_validate_symm_contact.auth_atom_id_2    NZ 
_pdbx_validate_symm_contact.auth_asym_id_2    B 
_pdbx_validate_symm_contact.auth_comp_id_2    LYS 
_pdbx_validate_symm_contact.auth_seq_id_2     35 
_pdbx_validate_symm_contact.PDB_ins_code_2    ? 
_pdbx_validate_symm_contact.label_alt_id_2    ? 
_pdbx_validate_symm_contact.site_symmetry_2   6_555 
_pdbx_validate_symm_contact.dist              2.07 
# 
loop_
_pdbx_validate_rmsd_angle.id 
_pdbx_validate_rmsd_angle.PDB_model_num 
_pdbx_validate_rmsd_angle.auth_atom_id_1 
_pdbx_validate_rmsd_angle.auth_asym_id_1 
_pdbx_validate_rmsd_angle.auth_comp_id_1 
_pdbx_validate_rmsd_angle.auth_seq_id_1 
_pdbx_validate_rmsd_angle.PDB_ins_code_1 
_pdbx_validate_rmsd_angle.label_alt_id_1 
_pdbx_validate_rmsd_angle.auth_atom_id_2 
_pdbx_validate_rmsd_angle.auth_asym_id_2 
_pdbx_validate_rmsd_angle.auth_comp_id_2 
_pdbx_validate_rmsd_angle.auth_seq_id_2 
_pdbx_validate_rmsd_angle.PDB_ins_code_2 
_pdbx_validate_rmsd_angle.label_alt_id_2 
_pdbx_validate_rmsd_angle.auth_atom_id_3 
_pdbx_validate_rmsd_angle.auth_asym_id_3 
_pdbx_validate_rmsd_angle.auth_comp_id_3 
_pdbx_validate_rmsd_angle.auth_seq_id_3 
_pdbx_validate_rmsd_angle.PDB_ins_code_3 
_pdbx_validate_rmsd_angle.label_alt_id_3 
_pdbx_validate_rmsd_angle.angle_value 
_pdbx_validate_rmsd_angle.angle_target_value 
_pdbx_validate_rmsd_angle.angle_deviation 
_pdbx_validate_rmsd_angle.angle_standard_deviation 
_pdbx_validate_rmsd_angle.linker_flag 
1 1 CB A LEU 20 ? ? CA A LEU 20 ? ? C  A LEU 20 ? ? 123.98 110.20 13.78  1.90 N 
2 1 CA A LEU 20 ? ? CB A LEU 20 ? ? CG A LEU 20 ? ? 135.55 115.30 20.25  2.30 N 
3 1 C  A SER 28 ? ? N  A LYS 29 ? ? CA A LYS 29 ? ? 139.24 121.70 17.54  2.50 Y 
4 1 N  B ILE 7  ? ? CA B ILE 7  ? ? C  B ILE 7  ? ? 94.19  111.00 -16.81 2.70 N 
5 1 CA B CYS 21 ? ? CB B CYS 21 ? ? SG B CYS 21 ? ? 122.37 114.20 8.17   1.10 N 
6 1 CD B ARG 58 ? ? NE B ARG 58 ? ? CZ B ARG 58 ? ? 137.64 123.60 14.04  1.40 N 
# 
loop_
_pdbx_validate_torsion.id 
_pdbx_validate_torsion.PDB_model_num 
_pdbx_validate_torsion.auth_comp_id 
_pdbx_validate_torsion.auth_asym_id 
_pdbx_validate_torsion.auth_seq_id 
_pdbx_validate_torsion.PDB_ins_code 
_pdbx_validate_torsion.label_alt_id 
_pdbx_validate_torsion.phi 
_pdbx_validate_torsion.psi 
1  1 PRO A 15 ? ? -68.90  -174.00 
2  1 LYS A 18 ? ? -114.05 72.02   
3  1 SER A 28 ? ? -56.85  90.45   
4  1 LYS A 29 ? ? 57.80   -53.17  
5  1 MET A 31 ? ? 84.12   104.83  
6  1 ASN A 40 ? ? -69.24  -75.43  
7  1 SER A 55 ? ? -140.35 27.14   
8  1 PRO B 8  ? ? -75.45  25.38   
9  1 SER B 28 ? ? -44.66  71.86   
10 1 LYS B 29 ? ? 108.25  -94.99  
11 1 MET B 31 ? ? -10.87  76.53   
12 1 ASP B 57 ? ? -27.52  106.13  
# 
loop_
_chem_comp_atom.comp_id 
_chem_comp_atom.atom_id 
_chem_comp_atom.type_symbol 
_chem_comp_atom.pdbx_aromatic_flag 
_chem_comp_atom.pdbx_stereo_config 
_chem_comp_atom.pdbx_ordinal 
ALA N    N N N 1   
ALA CA   C N S 2   
ALA C    C N N 3   
ALA O    O N N 4   
ALA CB   C N N 5   
ALA OXT  O N N 6   
ALA H    H N N 7   
ALA H2   H N N 8   
ALA HA   H N N 9   
ALA HB1  H N N 10  
ALA HB2  H N N 11  
ALA HB3  H N N 12  
ALA HXT  H N N 13  
ARG N    N N N 14  
ARG CA   C N S 15  
ARG C    C N N 16  
ARG O    O N N 17  
ARG CB   C N N 18  
ARG CG   C N N 19  
ARG CD   C N N 20  
ARG NE   N N N 21  
ARG CZ   C N N 22  
ARG NH1  N N N 23  
ARG NH2  N N N 24  
ARG OXT  O N N 25  
ARG H    H N N 26  
ARG H2   H N N 27  
ARG HA   H N N 28  
ARG HB2  H N N 29  
ARG HB3  H N N 30  
ARG HG2  H N N 31  
ARG HG3  H N N 32  
ARG HD2  H N N 33  
ARG HD3  H N N 34  
ARG HE   H N N 35  
ARG HH11 H N N 36  
ARG HH12 H N N 37  
ARG HH21 H N N 38  
ARG HH22 H N N 39  
ARG HXT  H N N 40  
ASN N    N N N 41  
ASN CA   C N S 42  
ASN C    C N N 43  
ASN O    O N N 44  
ASN CB   C N N 45  
ASN CG   C N N 46  
ASN OD1  O N N 47  
ASN ND2  N N N 48  
ASN OXT  O N N 49  
ASN H    H N N 50  
ASN H2   H N N 51  
ASN HA   H N N 52  
ASN HB2  H N N 53  
ASN HB3  H N N 54  
ASN HD21 H N N 55  
ASN HD22 H N N 56  
ASN HXT  H N N 57  
ASP N    N N N 58  
ASP CA   C N S 59  
ASP C    C N N 60  
ASP O    O N N 61  
ASP CB   C N N 62  
ASP CG   C N N 63  
ASP OD1  O N N 64  
ASP OD2  O N N 65  
ASP OXT  O N N 66  
ASP H    H N N 67  
ASP H2   H N N 68  
ASP HA   H N N 69  
ASP HB2  H N N 70  
ASP HB3  H N N 71  
ASP HD2  H N N 72  
ASP HXT  H N N 73  
CYS N    N N N 74  
CYS CA   C N R 75  
CYS C    C N N 76  
CYS O    O N N 77  
CYS CB   C N N 78  
CYS SG   S N N 79  
CYS OXT  O N N 80  
CYS H    H N N 81  
CYS H2   H N N 82  
CYS HA   H N N 83  
CYS HB2  H N N 84  
CYS HB3  H N N 85  
CYS HG   H N N 86  
CYS HXT  H N N 87  
GLU N    N N N 88  
GLU CA   C N S 89  
GLU C    C N N 90  
GLU O    O N N 91  
GLU CB   C N N 92  
GLU CG   C N N 93  
GLU CD   C N N 94  
GLU OE1  O N N 95  
GLU OE2  O N N 96  
GLU OXT  O N N 97  
GLU H    H N N 98  
GLU H2   H N N 99  
GLU HA   H N N 100 
GLU HB2  H N N 101 
GLU HB3  H N N 102 
GLU HG2  H N N 103 
GLU HG3  H N N 104 
GLU HE2  H N N 105 
GLU HXT  H N N 106 
GLY N    N N N 107 
GLY CA   C N N 108 
GLY C    C N N 109 
GLY O    O N N 110 
GLY OXT  O N N 111 
GLY H    H N N 112 
GLY H2   H N N 113 
GLY HA2  H N N 114 
GLY HA3  H N N 115 
GLY HXT  H N N 116 
HOH O    O N N 117 
HOH H1   H N N 118 
HOH H2   H N N 119 
ILE N    N N N 120 
ILE CA   C N S 121 
ILE C    C N N 122 
ILE O    O N N 123 
ILE CB   C N S 124 
ILE CG1  C N N 125 
ILE CG2  C N N 126 
ILE CD1  C N N 127 
ILE OXT  O N N 128 
ILE H    H N N 129 
ILE H2   H N N 130 
ILE HA   H N N 131 
ILE HB   H N N 132 
ILE HG12 H N N 133 
ILE HG13 H N N 134 
ILE HG21 H N N 135 
ILE HG22 H N N 136 
ILE HG23 H N N 137 
ILE HD11 H N N 138 
ILE HD12 H N N 139 
ILE HD13 H N N 140 
ILE HXT  H N N 141 
LEU N    N N N 142 
LEU CA   C N S 143 
LEU C    C N N 144 
LEU O    O N N 145 
LEU CB   C N N 146 
LEU CG   C N N 147 
LEU CD1  C N N 148 
LEU CD2  C N N 149 
LEU OXT  O N N 150 
LEU H    H N N 151 
LEU H2   H N N 152 
LEU HA   H N N 153 
LEU HB2  H N N 154 
LEU HB3  H N N 155 
LEU HG   H N N 156 
LEU HD11 H N N 157 
LEU HD12 H N N 158 
LEU HD13 H N N 159 
LEU HD21 H N N 160 
LEU HD22 H N N 161 
LEU HD23 H N N 162 
LEU HXT  H N N 163 
LYS N    N N N 164 
LYS CA   C N S 165 
LYS C    C N N 166 
LYS O    O N N 167 
LYS CB   C N N 168 
LYS CG   C N N 169 
LYS CD   C N N 170 
LYS CE   C N N 171 
LYS NZ   N N N 172 
LYS OXT  O N N 173 
LYS H    H N N 174 
LYS H2   H N N 175 
LYS HA   H N N 176 
LYS HB2  H N N 177 
LYS HB3  H N N 178 
LYS HG2  H N N 179 
LYS HG3  H N N 180 
LYS HD2  H N N 181 
LYS HD3  H N N 182 
LYS HE2  H N N 183 
LYS HE3  H N N 184 
LYS HZ1  H N N 185 
LYS HZ2  H N N 186 
LYS HZ3  H N N 187 
LYS HXT  H N N 188 
MET N    N N N 189 
MET CA   C N S 190 
MET C    C N N 191 
MET O    O N N 192 
MET CB   C N N 193 
MET CG   C N N 194 
MET SD   S N N 195 
MET CE   C N N 196 
MET OXT  O N N 197 
MET H    H N N 198 
MET H2   H N N 199 
MET HA   H N N 200 
MET HB2  H N N 201 
MET HB3  H N N 202 
MET HG2  H N N 203 
MET HG3  H N N 204 
MET HE1  H N N 205 
MET HE2  H N N 206 
MET HE3  H N N 207 
MET HXT  H N N 208 
PO4 P    P N N 209 
PO4 O1   O N N 210 
PO4 O2   O N N 211 
PO4 O3   O N N 212 
PO4 O4   O N N 213 
PRO N    N N N 214 
PRO CA   C N S 215 
PRO C    C N N 216 
PRO O    O N N 217 
PRO CB   C N N 218 
PRO CG   C N N 219 
PRO CD   C N N 220 
PRO OXT  O N N 221 
PRO H    H N N 222 
PRO HA   H N N 223 
PRO HB2  H N N 224 
PRO HB3  H N N 225 
PRO HG2  H N N 226 
PRO HG3  H N N 227 
PRO HD2  H N N 228 
PRO HD3  H N N 229 
PRO HXT  H N N 230 
SER N    N N N 231 
SER CA   C N S 232 
SER C    C N N 233 
SER O    O N N 234 
SER CB   C N N 235 
SER OG   O N N 236 
SER OXT  O N N 237 
SER H    H N N 238 
SER H2   H N N 239 
SER HA   H N N 240 
SER HB2  H N N 241 
SER HB3  H N N 242 
SER HG   H N N 243 
SER HXT  H N N 244 
THR N    N N N 245 
THR CA   C N S 246 
THR C    C N N 247 
THR O    O N N 248 
THR CB   C N R 249 
THR OG1  O N N 250 
THR CG2  C N N 251 
THR OXT  O N N 252 
THR H    H N N 253 
THR H2   H N N 254 
THR HA   H N N 255 
THR HB   H N N 256 
THR HG1  H N N 257 
THR HG21 H N N 258 
THR HG22 H N N 259 
THR HG23 H N N 260 
THR HXT  H N N 261 
TYR N    N N N 262 
TYR CA   C N S 263 
TYR C    C N N 264 
TYR O    O N N 265 
TYR CB   C N N 266 
TYR CG   C Y N 267 
TYR CD1  C Y N 268 
TYR CD2  C Y N 269 
TYR CE1  C Y N 270 
TYR CE2  C Y N 271 
TYR CZ   C Y N 272 
TYR OH   O N N 273 
TYR OXT  O N N 274 
TYR H    H N N 275 
TYR H2   H N N 276 
TYR HA   H N N 277 
TYR HB2  H N N 278 
TYR HB3  H N N 279 
TYR HD1  H N N 280 
TYR HD2  H N N 281 
TYR HE1  H N N 282 
TYR HE2  H N N 283 
TYR HH   H N N 284 
TYR HXT  H N N 285 
VAL N    N N N 286 
VAL CA   C N S 287 
VAL C    C N N 288 
VAL O    O N N 289 
VAL CB   C N N 290 
VAL CG1  C N N 291 
VAL CG2  C N N 292 
VAL OXT  O N N 293 
VAL H    H N N 294 
VAL H2   H N N 295 
VAL HA   H N N 296 
VAL HB   H N N 297 
VAL HG11 H N N 298 
VAL HG12 H N N 299 
VAL HG13 H N N 300 
VAL HG21 H N N 301 
VAL HG22 H N N 302 
VAL HG23 H N N 303 
VAL HXT  H N N 304 
# 
loop_
_chem_comp_bond.comp_id 
_chem_comp_bond.atom_id_1 
_chem_comp_bond.atom_id_2 
_chem_comp_bond.value_order 
_chem_comp_bond.pdbx_aromatic_flag 
_chem_comp_bond.pdbx_stereo_config 
_chem_comp_bond.pdbx_ordinal 
ALA N   CA   sing N N 1   
ALA N   H    sing N N 2   
ALA N   H2   sing N N 3   
ALA CA  C    sing N N 4   
ALA CA  CB   sing N N 5   
ALA CA  HA   sing N N 6   
ALA C   O    doub N N 7   
ALA C   OXT  sing N N 8   
ALA CB  HB1  sing N N 9   
ALA CB  HB2  sing N N 10  
ALA CB  HB3  sing N N 11  
ALA OXT HXT  sing N N 12  
ARG N   CA   sing N N 13  
ARG N   H    sing N N 14  
ARG N   H2   sing N N 15  
ARG CA  C    sing N N 16  
ARG CA  CB   sing N N 17  
ARG CA  HA   sing N N 18  
ARG C   O    doub N N 19  
ARG C   OXT  sing N N 20  
ARG CB  CG   sing N N 21  
ARG CB  HB2  sing N N 22  
ARG CB  HB3  sing N N 23  
ARG CG  CD   sing N N 24  
ARG CG  HG2  sing N N 25  
ARG CG  HG3  sing N N 26  
ARG CD  NE   sing N N 27  
ARG CD  HD2  sing N N 28  
ARG CD  HD3  sing N N 29  
ARG NE  CZ   sing N N 30  
ARG NE  HE   sing N N 31  
ARG CZ  NH1  sing N N 32  
ARG CZ  NH2  doub N N 33  
ARG NH1 HH11 sing N N 34  
ARG NH1 HH12 sing N N 35  
ARG NH2 HH21 sing N N 36  
ARG NH2 HH22 sing N N 37  
ARG OXT HXT  sing N N 38  
ASN N   CA   sing N N 39  
ASN N   H    sing N N 40  
ASN N   H2   sing N N 41  
ASN CA  C    sing N N 42  
ASN CA  CB   sing N N 43  
ASN CA  HA   sing N N 44  
ASN C   O    doub N N 45  
ASN C   OXT  sing N N 46  
ASN CB  CG   sing N N 47  
ASN CB  HB2  sing N N 48  
ASN CB  HB3  sing N N 49  
ASN CG  OD1  doub N N 50  
ASN CG  ND2  sing N N 51  
ASN ND2 HD21 sing N N 52  
ASN ND2 HD22 sing N N 53  
ASN OXT HXT  sing N N 54  
ASP N   CA   sing N N 55  
ASP N   H    sing N N 56  
ASP N   H2   sing N N 57  
ASP CA  C    sing N N 58  
ASP CA  CB   sing N N 59  
ASP CA  HA   sing N N 60  
ASP C   O    doub N N 61  
ASP C   OXT  sing N N 62  
ASP CB  CG   sing N N 63  
ASP CB  HB2  sing N N 64  
ASP CB  HB3  sing N N 65  
ASP CG  OD1  doub N N 66  
ASP CG  OD2  sing N N 67  
ASP OD2 HD2  sing N N 68  
ASP OXT HXT  sing N N 69  
CYS N   CA   sing N N 70  
CYS N   H    sing N N 71  
CYS N   H2   sing N N 72  
CYS CA  C    sing N N 73  
CYS CA  CB   sing N N 74  
CYS CA  HA   sing N N 75  
CYS C   O    doub N N 76  
CYS C   OXT  sing N N 77  
CYS CB  SG   sing N N 78  
CYS CB  HB2  sing N N 79  
CYS CB  HB3  sing N N 80  
CYS SG  HG   sing N N 81  
CYS OXT HXT  sing N N 82  
GLU N   CA   sing N N 83  
GLU N   H    sing N N 84  
GLU N   H2   sing N N 85  
GLU CA  C    sing N N 86  
GLU CA  CB   sing N N 87  
GLU CA  HA   sing N N 88  
GLU C   O    doub N N 89  
GLU C   OXT  sing N N 90  
GLU CB  CG   sing N N 91  
GLU CB  HB2  sing N N 92  
GLU CB  HB3  sing N N 93  
GLU CG  CD   sing N N 94  
GLU CG  HG2  sing N N 95  
GLU CG  HG3  sing N N 96  
GLU CD  OE1  doub N N 97  
GLU CD  OE2  sing N N 98  
GLU OE2 HE2  sing N N 99  
GLU OXT HXT  sing N N 100 
GLY N   CA   sing N N 101 
GLY N   H    sing N N 102 
GLY N   H2   sing N N 103 
GLY CA  C    sing N N 104 
GLY CA  HA2  sing N N 105 
GLY CA  HA3  sing N N 106 
GLY C   O    doub N N 107 
GLY C   OXT  sing N N 108 
GLY OXT HXT  sing N N 109 
HOH O   H1   sing N N 110 
HOH O   H2   sing N N 111 
ILE N   CA   sing N N 112 
ILE N   H    sing N N 113 
ILE N   H2   sing N N 114 
ILE CA  C    sing N N 115 
ILE CA  CB   sing N N 116 
ILE CA  HA   sing N N 117 
ILE C   O    doub N N 118 
ILE C   OXT  sing N N 119 
ILE CB  CG1  sing N N 120 
ILE CB  CG2  sing N N 121 
ILE CB  HB   sing N N 122 
ILE CG1 CD1  sing N N 123 
ILE CG1 HG12 sing N N 124 
ILE CG1 HG13 sing N N 125 
ILE CG2 HG21 sing N N 126 
ILE CG2 HG22 sing N N 127 
ILE CG2 HG23 sing N N 128 
ILE CD1 HD11 sing N N 129 
ILE CD1 HD12 sing N N 130 
ILE CD1 HD13 sing N N 131 
ILE OXT HXT  sing N N 132 
LEU N   CA   sing N N 133 
LEU N   H    sing N N 134 
LEU N   H2   sing N N 135 
LEU CA  C    sing N N 136 
LEU CA  CB   sing N N 137 
LEU CA  HA   sing N N 138 
LEU C   O    doub N N 139 
LEU C   OXT  sing N N 140 
LEU CB  CG   sing N N 141 
LEU CB  HB2  sing N N 142 
LEU CB  HB3  sing N N 143 
LEU CG  CD1  sing N N 144 
LEU CG  CD2  sing N N 145 
LEU CG  HG   sing N N 146 
LEU CD1 HD11 sing N N 147 
LEU CD1 HD12 sing N N 148 
LEU CD1 HD13 sing N N 149 
LEU CD2 HD21 sing N N 150 
LEU CD2 HD22 sing N N 151 
LEU CD2 HD23 sing N N 152 
LEU OXT HXT  sing N N 153 
LYS N   CA   sing N N 154 
LYS N   H    sing N N 155 
LYS N   H2   sing N N 156 
LYS CA  C    sing N N 157 
LYS CA  CB   sing N N 158 
LYS CA  HA   sing N N 159 
LYS C   O    doub N N 160 
LYS C   OXT  sing N N 161 
LYS CB  CG   sing N N 162 
LYS CB  HB2  sing N N 163 
LYS CB  HB3  sing N N 164 
LYS CG  CD   sing N N 165 
LYS CG  HG2  sing N N 166 
LYS CG  HG3  sing N N 167 
LYS CD  CE   sing N N 168 
LYS CD  HD2  sing N N 169 
LYS CD  HD3  sing N N 170 
LYS CE  NZ   sing N N 171 
LYS CE  HE2  sing N N 172 
LYS CE  HE3  sing N N 173 
LYS NZ  HZ1  sing N N 174 
LYS NZ  HZ2  sing N N 175 
LYS NZ  HZ3  sing N N 176 
LYS OXT HXT  sing N N 177 
MET N   CA   sing N N 178 
MET N   H    sing N N 179 
MET N   H2   sing N N 180 
MET CA  C    sing N N 181 
MET CA  CB   sing N N 182 
MET CA  HA   sing N N 183 
MET C   O    doub N N 184 
MET C   OXT  sing N N 185 
MET CB  CG   sing N N 186 
MET CB  HB2  sing N N 187 
MET CB  HB3  sing N N 188 
MET CG  SD   sing N N 189 
MET CG  HG2  sing N N 190 
MET CG  HG3  sing N N 191 
MET SD  CE   sing N N 192 
MET CE  HE1  sing N N 193 
MET CE  HE2  sing N N 194 
MET CE  HE3  sing N N 195 
MET OXT HXT  sing N N 196 
PO4 P   O1   doub N N 197 
PO4 P   O2   sing N N 198 
PO4 P   O3   sing N N 199 
PO4 P   O4   sing N N 200 
PRO N   CA   sing N N 201 
PRO N   CD   sing N N 202 
PRO N   H    sing N N 203 
PRO CA  C    sing N N 204 
PRO CA  CB   sing N N 205 
PRO CA  HA   sing N N 206 
PRO C   O    doub N N 207 
PRO C   OXT  sing N N 208 
PRO CB  CG   sing N N 209 
PRO CB  HB2  sing N N 210 
PRO CB  HB3  sing N N 211 
PRO CG  CD   sing N N 212 
PRO CG  HG2  sing N N 213 
PRO CG  HG3  sing N N 214 
PRO CD  HD2  sing N N 215 
PRO CD  HD3  sing N N 216 
PRO OXT HXT  sing N N 217 
SER N   CA   sing N N 218 
SER N   H    sing N N 219 
SER N   H2   sing N N 220 
SER CA  C    sing N N 221 
SER CA  CB   sing N N 222 
SER CA  HA   sing N N 223 
SER C   O    doub N N 224 
SER C   OXT  sing N N 225 
SER CB  OG   sing N N 226 
SER CB  HB2  sing N N 227 
SER CB  HB3  sing N N 228 
SER OG  HG   sing N N 229 
SER OXT HXT  sing N N 230 
THR N   CA   sing N N 231 
THR N   H    sing N N 232 
THR N   H2   sing N N 233 
THR CA  C    sing N N 234 
THR CA  CB   sing N N 235 
THR CA  HA   sing N N 236 
THR C   O    doub N N 237 
THR C   OXT  sing N N 238 
THR CB  OG1  sing N N 239 
THR CB  CG2  sing N N 240 
THR CB  HB   sing N N 241 
THR OG1 HG1  sing N N 242 
THR CG2 HG21 sing N N 243 
THR CG2 HG22 sing N N 244 
THR CG2 HG23 sing N N 245 
THR OXT HXT  sing N N 246 
TYR N   CA   sing N N 247 
TYR N   H    sing N N 248 
TYR N   H2   sing N N 249 
TYR CA  C    sing N N 250 
TYR CA  CB   sing N N 251 
TYR CA  HA   sing N N 252 
TYR C   O    doub N N 253 
TYR C   OXT  sing N N 254 
TYR CB  CG   sing N N 255 
TYR CB  HB2  sing N N 256 
TYR CB  HB3  sing N N 257 
TYR CG  CD1  doub Y N 258 
TYR CG  CD2  sing Y N 259 
TYR CD1 CE1  sing Y N 260 
TYR CD1 HD1  sing N N 261 
TYR CD2 CE2  doub Y N 262 
TYR CD2 HD2  sing N N 263 
TYR CE1 CZ   doub Y N 264 
TYR CE1 HE1  sing N N 265 
TYR CE2 CZ   sing Y N 266 
TYR CE2 HE2  sing N N 267 
TYR CZ  OH   sing N N 268 
TYR OH  HH   sing N N 269 
TYR OXT HXT  sing N N 270 
VAL N   CA   sing N N 271 
VAL N   H    sing N N 272 
VAL N   H2   sing N N 273 
VAL CA  C    sing N N 274 
VAL CA  CB   sing N N 275 
VAL CA  HA   sing N N 276 
VAL C   O    doub N N 277 
VAL C   OXT  sing N N 278 
VAL CB  CG1  sing N N 279 
VAL CB  CG2  sing N N 280 
VAL CB  HB   sing N N 281 
VAL CG1 HG11 sing N N 282 
VAL CG1 HG12 sing N N 283 
VAL CG1 HG13 sing N N 284 
VAL CG2 HG21 sing N N 285 
VAL CG2 HG22 sing N N 286 
VAL CG2 HG23 sing N N 287 
VAL OXT HXT  sing N N 288 
# 
_atom_sites.entry_id                    1CDT 
_atom_sites.fract_transf_matrix[1][1]   0.00633983 
_atom_sites.fract_transf_matrix[1][2]   0.00106397 
_atom_sites.fract_transf_matrix[1][3]   0.01424193 
_atom_sites.fract_transf_matrix[2][1]   -0.00653764 
_atom_sites.fract_transf_matrix[2][2]   0.00921396 
_atom_sites.fract_transf_matrix[2][3]   0.01079365 
_atom_sites.fract_transf_matrix[3][1]   -0.00959849 
_atom_sites.fract_transf_matrix[3][2]   -0.01294906 
_atom_sites.fract_transf_matrix[3][3]   0.00524017 
_atom_sites.fract_transf_vector[1]      0.394969 
_atom_sites.fract_transf_vector[2]      0.336215 
_atom_sites.fract_transf_vector[3]      -0.134654 
# 
_atom_sites_footnote.id     1 
_atom_sites_footnote.text   
;SOLVENT OCCUPANCIES WERE REFINED WITHOUT SETTING AN UPPER BOUND.  VALUES LARGE THAN 1.0 ARE INDICATIVE OF THE INTRINSIC INACCURACY OF THIS PARAMETER AND OF ITS LARGE CORRELATION WITH THE TEMPERATURE FACTOR.
;
# 
loop_
_atom_type.symbol 
C 
N 
O 
P 
S 
# 
loop_
_atom_site.group_PDB 
_atom_site.id 
_atom_site.type_symbol 
_atom_site.label_atom_id 
_atom_site.label_alt_id 
_atom_site.label_comp_id 
_atom_site.label_asym_id 
_atom_site.label_entity_id 
_atom_site.label_seq_id 
_atom_site.pdbx_PDB_ins_code 
_atom_site.Cartn_x 
_atom_site.Cartn_y 
_atom_site.Cartn_z 
_atom_site.occupancy 
_atom_site.B_iso_or_equiv 
_atom_site.pdbx_formal_charge 
_atom_site.auth_seq_id 
_atom_site.auth_comp_id 
_atom_site.auth_asym_id 
_atom_site.auth_atom_id 
_atom_site.pdbx_PDB_model_num 
ATOM   1   N N   . LEU A 1 1  ? -3.025  -15.999 0.483   1.00 20.39 ? 1  LEU A N   1 
ATOM   2   C CA  . LEU A 1 1  ? -2.936  -14.744 1.216   1.00 20.38 ? 1  LEU A CA  1 
ATOM   3   C C   . LEU A 1 1  ? -4.166  -14.514 2.096   1.00 20.39 ? 1  LEU A C   1 
ATOM   4   O O   . LEU A 1 1  ? -5.315  -14.686 1.660   1.00 20.39 ? 1  LEU A O   1 
ATOM   5   C CB  . LEU A 1 1  ? -2.761  -13.603 0.199   1.00 20.33 ? 1  LEU A CB  1 
ATOM   6   C CG  . LEU A 1 1  ? -1.957  -12.376 0.544   1.00 20.29 ? 1  LEU A CG  1 
ATOM   7   C CD1 . LEU A 1 1  ? -2.691  -11.096 0.131   1.00 20.28 ? 1  LEU A CD1 1 
ATOM   8   C CD2 . LEU A 1 1  ? -1.658  -12.322 2.039   1.00 20.30 ? 1  LEU A CD2 1 
ATOM   9   N N   . LYS A 1 2  ? -3.883  -14.123 3.320   1.00 20.41 ? 2  LYS A N   1 
ATOM   10  C CA  . LYS A 1 2  ? -4.896  -13.836 4.331   1.00 20.45 ? 2  LYS A CA  1 
ATOM   11  C C   . LYS A 1 2  ? -4.946  -12.313 4.527   1.00 20.41 ? 2  LYS A C   1 
ATOM   12  O O   . LYS A 1 2  ? -3.912  -11.685 4.796   1.00 20.40 ? 2  LYS A O   1 
ATOM   13  C CB  . LYS A 1 2  ? -4.655  -14.486 5.684   1.00 20.61 ? 2  LYS A CB  1 
ATOM   14  C CG  . LYS A 1 2  ? -4.365  -15.979 5.637   1.00 20.80 ? 2  LYS A CG  1 
ATOM   15  C CD  . LYS A 1 2  ? -5.208  -16.779 6.608   1.00 20.95 ? 2  LYS A CD  1 
ATOM   16  C CE  . LYS A 1 2  ? -4.425  -17.250 7.816   1.00 21.10 ? 2  LYS A CE  1 
ATOM   17  N NZ  . LYS A 1 2  ? -5.048  -18.490 8.378   1.00 21.21 ? 2  LYS A NZ  1 
ATOM   18  N N   . CYS A 1 3  ? -6.149  -11.797 4.387   1.00 20.39 ? 3  CYS A N   1 
ATOM   19  C CA  . CYS A 1 3  ? -6.427  -10.377 4.531   1.00 20.37 ? 3  CYS A CA  1 
ATOM   20  C C   . CYS A 1 3  ? -7.541  -10.146 5.553   1.00 20.33 ? 3  CYS A C   1 
ATOM   21  O O   . CYS A 1 3  ? -8.499  -10.924 5.584   1.00 20.35 ? 3  CYS A O   1 
ATOM   22  C CB  . CYS A 1 3  ? -6.867  -9.776  3.193   1.00 20.44 ? 3  CYS A CB  1 
ATOM   23  S SG  . CYS A 1 3  ? -5.639  -9.658  1.890   1.00 20.46 ? 3  CYS A SG  1 
ATOM   24  N N   . ASN A 1 4  ? -7.371  -9.096  6.323   1.00 20.28 ? 4  ASN A N   1 
ATOM   25  C CA  . ASN A 1 4  ? -8.307  -8.672  7.367   1.00 20.22 ? 4  ASN A CA  1 
ATOM   26  C C   . ASN A 1 4  ? -9.595  -8.151  6.710   1.00 20.20 ? 4  ASN A C   1 
ATOM   27  O O   . ASN A 1 4  ? -9.588  -7.711  5.554   1.00 20.22 ? 4  ASN A O   1 
ATOM   28  C CB  . ASN A 1 4  ? -7.644  -7.622  8.257   1.00 20.23 ? 4  ASN A CB  1 
ATOM   29  C CG  . ASN A 1 4  ? -6.815  -8.176  9.384   1.00 20.29 ? 4  ASN A CG  1 
ATOM   30  O OD1 . ASN A 1 4  ? -6.088  -7.442  10.076  1.00 20.33 ? 4  ASN A OD1 1 
ATOM   31  N ND2 . ASN A 1 4  ? -6.891  -9.483  9.610   1.00 20.30 ? 4  ASN A ND2 1 
ATOM   32  N N   . LYS A 1 5  ? -10.673 -8.208  7.455   1.00 20.18 ? 5  LYS A N   1 
ATOM   33  C CA  . LYS A 1 5  ? -12.001 -7.758  7.013   1.00 20.16 ? 5  LYS A CA  1 
ATOM   34  C C   . LYS A 1 5  ? -12.232 -6.359  7.595   1.00 20.16 ? 5  LYS A C   1 
ATOM   35  O O   . LYS A 1 5  ? -11.343 -5.862  8.314   1.00 20.14 ? 5  LYS A O   1 
ATOM   36  C CB  . LYS A 1 5  ? -13.116 -8.686  7.452   1.00 20.13 ? 5  LYS A CB  1 
ATOM   37  C CG  . LYS A 1 5  ? -13.284 -9.952  6.614   1.00 20.06 ? 5  LYS A CG  1 
ATOM   38  C CD  . LYS A 1 5  ? -14.189 -10.947 7.309   1.00 20.03 ? 5  LYS A CD  1 
ATOM   39  C CE  . LYS A 1 5  ? -15.143 -11.614 6.335   1.00 20.03 ? 5  LYS A CE  1 
ATOM   40  N NZ  . LYS A 1 5  ? -14.588 -12.921 5.908   1.00 20.04 ? 5  LYS A NZ  1 
ATOM   41  N N   . LEU A 1 6  ? -13.382 -5.785  7.279   1.00 20.17 ? 6  LEU A N   1 
ATOM   42  C CA  . LEU A 1 6  ? -13.720 -4.439  7.782   1.00 20.17 ? 6  LEU A CA  1 
ATOM   43  C C   . LEU A 1 6  ? -13.436 -4.389  9.281   1.00 20.21 ? 6  LEU A C   1 
ATOM   44  O O   . LEU A 1 6  ? -12.698 -3.474  9.695   1.00 20.23 ? 6  LEU A O   1 
ATOM   45  C CB  . LEU A 1 6  ? -15.140 -4.066  7.386   1.00 20.10 ? 6  LEU A CB  1 
ATOM   46  C CG  . LEU A 1 6  ? -15.571 -2.643  7.746   1.00 20.03 ? 6  LEU A CG  1 
ATOM   47  C CD1 . LEU A 1 6  ? -14.601 -1.622  7.170   1.00 19.98 ? 6  LEU A CD1 1 
ATOM   48  C CD2 . LEU A 1 6  ? -16.980 -2.415  7.223   1.00 19.99 ? 6  LEU A CD2 1 
ATOM   49  N N   . ILE A 1 7  ? -14.004 -5.320  10.019  1.00 20.27 ? 7  ILE A N   1 
ATOM   50  C CA  . ILE A 1 7  ? -13.743 -5.335  11.517  1.00 20.37 ? 7  ILE A CA  1 
ATOM   51  C C   . ILE A 1 7  ? -12.599 -6.391  11.463  1.00 20.46 ? 7  ILE A C   1 
ATOM   52  O O   . ILE A 1 7  ? -12.873 -7.560  11.161  1.00 20.45 ? 7  ILE A O   1 
ATOM   53  C CB  . ILE A 1 7  ? -14.925 -5.549  12.427  1.00 20.31 ? 7  ILE A CB  1 
ATOM   54  C CG1 . ILE A 1 7  ? -15.758 -4.248  12.645  1.00 20.33 ? 7  ILE A CG1 1 
ATOM   55  C CG2 . ILE A 1 7  ? -14.507 -6.042  13.865  1.00 20.28 ? 7  ILE A CG2 1 
ATOM   56  C CD1 . ILE A 1 7  ? -16.890 -3.958  11.661  1.00 20.35 ? 7  ILE A CD1 1 
ATOM   57  N N   . PRO A 1 8  ? -11.401 -5.918  11.725  1.00 20.53 ? 8  PRO A N   1 
ATOM   58  C CA  . PRO A 1 8  ? -10.202 -6.728  11.699  1.00 20.63 ? 8  PRO A CA  1 
ATOM   59  C C   . PRO A 1 8  ? -10.064 -7.902  12.605  1.00 20.74 ? 8  PRO A C   1 
ATOM   60  O O   . PRO A 1 8  ? -9.053  -8.637  12.400  1.00 20.75 ? 8  PRO A O   1 
ATOM   61  C CB  . PRO A 1 8  ? -9.038  -5.721  11.868  1.00 20.60 ? 8  PRO A CB  1 
ATOM   62  C CG  . PRO A 1 8  ? -9.640  -4.378  11.601  1.00 20.56 ? 8  PRO A CG  1 
ATOM   63  C CD  . PRO A 1 8  ? -11.089 -4.508  12.071  1.00 20.55 ? 8  PRO A CD  1 
ATOM   64  N N   . ILE A 1 9  ? -10.951 -8.129  13.542  1.00 20.88 ? 9  ILE A N   1 
ATOM   65  C CA  . ILE A 1 9  ? -10.820 -9.306  14.442  1.00 21.04 ? 9  ILE A CA  1 
ATOM   66  C C   . ILE A 1 9  ? -11.002 -10.544 13.541  1.00 21.17 ? 9  ILE A C   1 
ATOM   67  O O   . ILE A 1 9  ? -10.675 -11.676 13.911  1.00 21.21 ? 9  ILE A O   1 
ATOM   68  C CB  . ILE A 1 9  ? -11.764 -9.241  15.661  1.00 21.04 ? 9  ILE A CB  1 
ATOM   69  C CG1 . ILE A 1 9  ? -13.060 -8.464  15.297  1.00 21.02 ? 9  ILE A CG1 1 
ATOM   70  C CG2 . ILE A 1 9  ? -11.085 -8.642  16.931  1.00 21.05 ? 9  ILE A CG2 1 
ATOM   71  C CD1 . ILE A 1 9  ? -14.016 -9.265  14.372  1.00 21.01 ? 9  ILE A CD1 1 
ATOM   72  N N   . ALA A 1 10 ? -11.522 -10.285 12.361  1.00 21.26 ? 10 ALA A N   1 
ATOM   73  C CA  . ALA A 1 10 ? -11.792 -11.263 11.317  1.00 21.42 ? 10 ALA A CA  1 
ATOM   74  C C   . ALA A 1 10 ? -10.863 -11.006 10.117  1.00 21.53 ? 10 ALA A C   1 
ATOM   75  O O   . ALA A 1 10 ? -10.383 -9.889  9.909   1.00 21.51 ? 10 ALA A O   1 
ATOM   76  C CB  . ALA A 1 10 ? -13.256 -11.223 10.912  1.00 21.46 ? 10 ALA A CB  1 
ATOM   77  N N   . TYR A 1 11 ? -10.617 -12.040 9.349   1.00 21.65 ? 11 TYR A N   1 
ATOM   78  C CA  . TYR A 1 11 ? -9.796  -12.106 8.171   1.00 21.85 ? 11 TYR A CA  1 
ATOM   79  C C   . TYR A 1 11 ? -10.314 -13.222 7.239   1.00 21.89 ? 11 TYR A C   1 
ATOM   80  O O   . TYR A 1 11 ? -10.977 -14.162 7.692   1.00 21.90 ? 11 TYR A O   1 
ATOM   81  C CB  . TYR A 1 11 ? -8.295  -12.447 8.457   1.00 22.11 ? 11 TYR A CB  1 
ATOM   82  C CG  . TYR A 1 11 ? -8.178  -13.910 8.861   1.00 22.41 ? 11 TYR A CG  1 
ATOM   83  C CD1 . TYR A 1 11 ? -8.271  -14.280 10.205  1.00 22.57 ? 11 TYR A CD1 1 
ATOM   84  C CD2 . TYR A 1 11 ? -7.987  -14.910 7.917   1.00 22.53 ? 11 TYR A CD2 1 
ATOM   85  C CE1 . TYR A 1 11 ? -8.172  -15.616 10.600  1.00 22.66 ? 11 TYR A CE1 1 
ATOM   86  C CE2 . TYR A 1 11 ? -7.887  -16.248 8.292   1.00 22.65 ? 11 TYR A CE2 1 
ATOM   87  C CZ  . TYR A 1 11 ? -7.979  -16.595 9.633   1.00 22.72 ? 11 TYR A CZ  1 
ATOM   88  O OH  . TYR A 1 11 ? -7.878  -17.919 9.968   1.00 22.83 ? 11 TYR A OH  1 
ATOM   89  N N   . LYS A 1 12 ? -9.972  -13.070 5.980   1.00 21.96 ? 12 LYS A N   1 
ATOM   90  C CA  . LYS A 1 12 ? -10.350 -14.008 4.922   1.00 22.02 ? 12 LYS A CA  1 
ATOM   91  C C   . LYS A 1 12 ? -9.169  -14.353 4.022   1.00 22.03 ? 12 LYS A C   1 
ATOM   92  O O   . LYS A 1 12 ? -8.235  -13.541 3.852   1.00 22.06 ? 12 LYS A O   1 
ATOM   93  C CB  . LYS A 1 12 ? -11.474 -13.421 4.073   1.00 22.09 ? 12 LYS A CB  1 
ATOM   94  C CG  . LYS A 1 12 ? -11.095 -12.838 2.727   1.00 22.17 ? 12 LYS A CG  1 
ATOM   95  C CD  . LYS A 1 12 ? -11.120 -11.321 2.717   1.00 22.27 ? 12 LYS A CD  1 
ATOM   96  C CE  . LYS A 1 12 ? -11.811 -10.757 1.489   1.00 22.37 ? 12 LYS A CE  1 
ATOM   97  N NZ  . LYS A 1 12 ? -12.696 -9.602  1.877   1.00 22.46 ? 12 LYS A NZ  1 
ATOM   98  N N   . THR A 1 13 ? -9.229  -15.550 3.457   1.00 22.05 ? 13 THR A N   1 
ATOM   99  C CA  . THR A 1 13 ? -8.122  -15.980 2.544   1.00 22.07 ? 13 THR A CA  1 
ATOM   100 C C   . THR A 1 13 ? -8.597  -15.478 1.176   1.00 22.09 ? 13 THR A C   1 
ATOM   101 O O   . THR A 1 13 ? -9.829  -15.426 0.964   1.00 22.13 ? 13 THR A O   1 
ATOM   102 C CB  . THR A 1 13 ? -7.724  -17.470 2.637   1.00 22.01 ? 13 THR A CB  1 
ATOM   103 O OG1 . THR A 1 13 ? -8.174  -18.109 1.408   1.00 21.98 ? 13 THR A OG1 1 
ATOM   104 C CG2 . THR A 1 13 ? -8.251  -18.191 3.893   1.00 21.99 ? 13 THR A CG2 1 
ATOM   105 N N   . CYS A 1 14 ? -7.686  -15.124 0.310   1.00 22.10 ? 14 CYS A N   1 
ATOM   106 C CA  . CYS A 1 14 ? -8.013  -14.622 -1.013  1.00 22.08 ? 14 CYS A CA  1 
ATOM   107 C C   . CYS A 1 14 ? -7.881  -15.613 -2.157  1.00 22.26 ? 14 CYS A C   1 
ATOM   108 O O   . CYS A 1 14 ? -7.067  -16.551 -2.127  1.00 22.25 ? 14 CYS A O   1 
ATOM   109 C CB  . CYS A 1 14 ? -7.048  -13.449 -1.349  1.00 21.69 ? 14 CYS A CB  1 
ATOM   110 S SG  . CYS A 1 14 ? -6.659  -12.399 0.070   1.00 21.44 ? 14 CYS A SG  1 
ATOM   111 N N   . PRO A 1 15 ? -8.705  -15.354 -3.172  1.00 22.36 ? 15 PRO A N   1 
ATOM   112 C CA  . PRO A 1 15 ? -8.722  -16.194 -4.383  1.00 22.48 ? 15 PRO A CA  1 
ATOM   113 C C   . PRO A 1 15 ? -7.417  -15.964 -5.114  1.00 22.60 ? 15 PRO A C   1 
ATOM   114 O O   . PRO A 1 15 ? -6.536  -15.247 -4.563  1.00 22.67 ? 15 PRO A O   1 
ATOM   115 C CB  . PRO A 1 15 ? -9.949  -15.752 -5.143  1.00 22.46 ? 15 PRO A CB  1 
ATOM   116 C CG  . PRO A 1 15 ? -10.317 -14.398 -4.633  1.00 22.41 ? 15 PRO A CG  1 
ATOM   117 C CD  . PRO A 1 15 ? -9.677  -14.263 -3.265  1.00 22.40 ? 15 PRO A CD  1 
ATOM   118 N N   . GLU A 1 16 ? -7.302  -16.540 -6.289  1.00 22.70 ? 16 GLU A N   1 
ATOM   119 C CA  . GLU A 1 16 ? -6.043  -16.357 -7.079  1.00 22.84 ? 16 GLU A CA  1 
ATOM   120 C C   . GLU A 1 16 ? -6.346  -15.195 -8.037  1.00 22.79 ? 16 GLU A C   1 
ATOM   121 O O   . GLU A 1 16 ? -7.451  -15.104 -8.594  1.00 22.78 ? 16 GLU A O   1 
ATOM   122 C CB  . GLU A 1 16 ? -5.574  -17.566 -7.796  1.00 23.15 ? 16 GLU A CB  1 
ATOM   123 C CG  . GLU A 1 16 ? -4.905  -18.703 -6.992  1.00 23.43 ? 16 GLU A CG  1 
ATOM   124 C CD  . GLU A 1 16 ? -4.625  -19.889 -7.891  1.00 23.72 ? 16 GLU A CD  1 
ATOM   125 O OE1 . GLU A 1 16 ? -4.685  -19.767 -9.117  1.00 23.85 ? 16 GLU A OE1 1 
ATOM   126 O OE2 . GLU A 1 16 ? -4.350  -20.926 -7.260  1.00 23.81 ? 16 GLU A OE2 1 
ATOM   127 N N   . GLY A 1 17 ? -5.340  -14.352 -8.175  1.00 22.75 ? 17 GLY A N   1 
ATOM   128 C CA  . GLY A 1 17 ? -5.467  -13.168 -9.062  1.00 22.70 ? 17 GLY A CA  1 
ATOM   129 C C   . GLY A 1 17 ? -5.726  -11.979 -8.127  1.00 22.66 ? 17 GLY A C   1 
ATOM   130 O O   . GLY A 1 17 ? -5.678  -10.827 -8.550  1.00 22.71 ? 17 GLY A O   1 
ATOM   131 N N   . LYS A 1 18 ? -5.988  -12.373 -6.894  1.00 22.57 ? 18 LYS A N   1 
ATOM   132 C CA  . LYS A 1 18 ? -6.268  -11.460 -5.787  1.00 22.43 ? 18 LYS A CA  1 
ATOM   133 C C   . LYS A 1 18 ? -5.087  -11.636 -4.816  1.00 22.32 ? 18 LYS A C   1 
ATOM   134 O O   . LYS A 1 18 ? -5.262  -12.225 -3.742  1.00 22.36 ? 18 LYS A O   1 
ATOM   135 C CB  . LYS A 1 18 ? -7.546  -11.736 -5.038  1.00 22.48 ? 18 LYS A CB  1 
ATOM   136 C CG  . LYS A 1 18 ? -8.842  -11.571 -5.796  1.00 22.57 ? 18 LYS A CG  1 
ATOM   137 C CD  . LYS A 1 18 ? -9.378  -10.163 -5.834  1.00 22.62 ? 18 LYS A CD  1 
ATOM   138 C CE  . LYS A 1 18 ? -10.773 -10.080 -6.435  1.00 22.65 ? 18 LYS A CE  1 
ATOM   139 N NZ  . LYS A 1 18 ? -11.193 -8.654  -6.556  1.00 22.66 ? 18 LYS A NZ  1 
ATOM   140 N N   . ASN A 1 19 ? -3.951  -11.111 -5.257  1.00 22.17 ? 19 ASN A N   1 
ATOM   141 C CA  . ASN A 1 19 ? -2.723  -11.198 -4.479  1.00 21.95 ? 19 ASN A CA  1 
ATOM   142 C C   . ASN A 1 19 ? -2.332  -10.135 -3.519  1.00 21.77 ? 19 ASN A C   1 
ATOM   143 O O   . ASN A 1 19 ? -1.190  -10.322 -2.979  1.00 21.82 ? 19 ASN A O   1 
ATOM   144 C CB  . ASN A 1 19 ? -1.571  -11.516 -5.503  1.00 22.08 ? 19 ASN A CB  1 
ATOM   145 C CG  . ASN A 1 19 ? -1.597  -13.032 -5.729  1.00 22.22 ? 19 ASN A CG  1 
ATOM   146 O OD1 . ASN A 1 19 ? -1.833  -13.494 -6.846  1.00 22.27 ? 19 ASN A OD1 1 
ATOM   147 N ND2 . ASN A 1 19 ? -1.352  -13.765 -4.640  1.00 22.25 ? 19 ASN A ND2 1 
ATOM   148 N N   . LEU A 1 20 ? -3.120  -9.117  -3.278  1.00 21.55 ? 20 LEU A N   1 
ATOM   149 C CA  . LEU A 1 20 ? -2.637  -8.089  -2.275  1.00 21.30 ? 20 LEU A CA  1 
ATOM   150 C C   . LEU A 1 20 ? -3.839  -7.778  -1.381  1.00 21.10 ? 20 LEU A C   1 
ATOM   151 O O   . LEU A 1 20 ? -4.999  -8.031  -1.754  1.00 21.08 ? 20 LEU A O   1 
ATOM   152 C CB  . LEU A 1 20 ? -1.863  -7.067  -2.995  1.00 21.31 ? 20 LEU A CB  1 
ATOM   153 C CG  . LEU A 1 20 ? -2.182  -5.835  -3.733  1.00 21.32 ? 20 LEU A CG  1 
ATOM   154 C CD1 . LEU A 1 20 ? -0.992  -5.415  -4.626  1.00 21.33 ? 20 LEU A CD1 1 
ATOM   155 C CD2 . LEU A 1 20 ? -3.387  -5.999  -4.657  1.00 21.36 ? 20 LEU A CD2 1 
ATOM   156 N N   . CYS A 1 21 ? -3.528  -7.251  -0.218  1.00 20.89 ? 21 CYS A N   1 
ATOM   157 C CA  . CYS A 1 21 ? -4.480  -6.848  0.828   1.00 20.67 ? 21 CYS A CA  1 
ATOM   158 C C   . CYS A 1 21 ? -4.651  -5.322  0.620   1.00 20.58 ? 21 CYS A C   1 
ATOM   159 O O   . CYS A 1 21 ? -3.751  -4.731  -0.020  1.00 20.50 ? 21 CYS A O   1 
ATOM   160 C CB  . CYS A 1 21 ? -4.003  -7.122  2.222   1.00 20.55 ? 21 CYS A CB  1 
ATOM   161 S SG  . CYS A 1 21 ? -4.004  -8.822  2.785   1.00 20.51 ? 21 CYS A SG  1 
ATOM   162 N N   . TYR A 1 22 ? -5.714  -4.750  1.120   1.00 20.51 ? 22 TYR A N   1 
ATOM   163 C CA  . TYR A 1 22 ? -5.954  -3.315  0.972   1.00 20.47 ? 22 TYR A CA  1 
ATOM   164 C C   . TYR A 1 22 ? -6.944  -2.785  2.001   1.00 20.42 ? 22 TYR A C   1 
ATOM   165 O O   . TYR A 1 22 ? -7.839  -3.480  2.491   1.00 20.42 ? 22 TYR A O   1 
ATOM   166 C CB  . TYR A 1 22 ? -6.457  -2.946  -0.462  1.00 20.57 ? 22 TYR A CB  1 
ATOM   167 C CG  . TYR A 1 22 ? -7.949  -3.210  -0.580  1.00 20.65 ? 22 TYR A CG  1 
ATOM   168 C CD1 . TYR A 1 22 ? -8.895  -2.210  -0.395  1.00 20.67 ? 22 TYR A CD1 1 
ATOM   169 C CD2 . TYR A 1 22 ? -8.393  -4.498  -0.876  1.00 20.69 ? 22 TYR A CD2 1 
ATOM   170 C CE1 . TYR A 1 22 ? -10.260 -2.478  -0.503  1.00 20.68 ? 22 TYR A CE1 1 
ATOM   171 C CE2 . TYR A 1 22 ? -9.751  -4.781  -0.987  1.00 20.71 ? 22 TYR A CE2 1 
ATOM   172 C CZ  . TYR A 1 22 ? -10.678 -3.768  -0.799  1.00 20.71 ? 22 TYR A CZ  1 
ATOM   173 O OH  . TYR A 1 22 ? -11.996 -4.099  -0.919  1.00 20.78 ? 22 TYR A OH  1 
ATOM   174 N N   . LYS A 1 23 ? -6.748  -1.527  2.298   1.00 20.38 ? 23 LYS A N   1 
ATOM   175 C CA  . LYS A 1 23 ? -7.548  -0.730  3.252   1.00 20.40 ? 23 LYS A CA  1 
ATOM   176 C C   . LYS A 1 23 ? -8.092  0.446   2.429   1.00 20.39 ? 23 LYS A C   1 
ATOM   177 O O   . LYS A 1 23 ? -7.289  1.077   1.710   1.00 20.34 ? 23 LYS A O   1 
ATOM   178 C CB  . LYS A 1 23 ? -6.719  -0.284  4.419   1.00 20.41 ? 23 LYS A CB  1 
ATOM   179 C CG  . LYS A 1 23 ? -7.341  0.729   5.374   1.00 20.44 ? 23 LYS A CG  1 
ATOM   180 C CD  . LYS A 1 23 ? -6.295  1.130   6.424   1.00 20.50 ? 23 LYS A CD  1 
ATOM   181 C CE  . LYS A 1 23 ? -6.879  1.093   7.827   1.00 20.53 ? 23 LYS A CE  1 
ATOM   182 N NZ  . LYS A 1 23 ? -5.835  0.659   8.799   1.00 20.54 ? 23 LYS A NZ  1 
ATOM   183 N N   . MET A 1 24 ? -9.365  0.716   2.519   1.00 20.43 ? 24 MET A N   1 
ATOM   184 C CA  . MET A 1 24 ? -10.016 1.821   1.780   1.00 20.48 ? 24 MET A CA  1 
ATOM   185 C C   . MET A 1 24 ? -10.499 2.824   2.823   1.00 20.57 ? 24 MET A C   1 
ATOM   186 O O   . MET A 1 24 ? -11.445 2.494   3.560   1.00 20.58 ? 24 MET A O   1 
ATOM   187 C CB  . MET A 1 24 ? -11.149 1.310   0.892   1.00 20.43 ? 24 MET A CB  1 
ATOM   188 C CG  . MET A 1 24 ? -11.863 2.449   0.232   1.00 20.42 ? 24 MET A CG  1 
ATOM   189 S SD  . MET A 1 24 ? -13.421 1.889   -0.566  1.00 20.36 ? 24 MET A SD  1 
ATOM   190 C CE  . MET A 1 24 ? -14.390 3.390   -0.285  1.00 20.34 ? 24 MET A CE  1 
ATOM   191 N N   . MET A 1 25 ? -9.878  3.989   2.882   1.00 20.65 ? 25 MET A N   1 
ATOM   192 C CA  . MET A 1 25 ? -10.255 5.022   3.848   1.00 20.79 ? 25 MET A CA  1 
ATOM   193 C C   . MET A 1 25 ? -10.676 6.363   3.251   1.00 20.94 ? 25 MET A C   1 
ATOM   194 O O   . MET A 1 25 ? -10.229 6.850   2.217   1.00 20.87 ? 25 MET A O   1 
ATOM   195 C CB  . MET A 1 25 ? -9.112  5.278   4.850   1.00 20.68 ? 25 MET A CB  1 
ATOM   196 C CG  . MET A 1 25 ? -8.427  3.994   5.216   1.00 20.60 ? 25 MET A CG  1 
ATOM   197 S SD  . MET A 1 25 ? -6.673  4.383   5.509   1.00 20.54 ? 25 MET A SD  1 
ATOM   198 C CE  . MET A 1 25 ? -6.103  4.571   3.812   1.00 20.54 ? 25 MET A CE  1 
ATOM   199 N N   . LEU A 1 26 ? -11.588 6.949   4.001   1.00 21.12 ? 26 LEU A N   1 
ATOM   200 C CA  . LEU A 1 26 ? -12.232 8.249   3.760   1.00 21.31 ? 26 LEU A CA  1 
ATOM   201 C C   . LEU A 1 26 ? -11.284 9.307   4.323   1.00 21.44 ? 26 LEU A C   1 
ATOM   202 O O   . LEU A 1 26 ? -10.892 9.133   5.490   1.00 21.41 ? 26 LEU A O   1 
ATOM   203 C CB  . LEU A 1 26 ? -13.571 8.170   4.464   1.00 21.36 ? 26 LEU A CB  1 
ATOM   204 C CG  . LEU A 1 26 ? -14.888 8.662   3.976   1.00 21.40 ? 26 LEU A CG  1 
ATOM   205 C CD1 . LEU A 1 26 ? -15.216 10.061  4.504   1.00 21.40 ? 26 LEU A CD1 1 
ATOM   206 C CD2 . LEU A 1 26 ? -14.919 8.690   2.442   1.00 21.43 ? 26 LEU A CD2 1 
ATOM   207 N N   . ALA A 1 27 ? -10.967 10.300  3.536   1.00 21.62 ? 27 ALA A N   1 
ATOM   208 C CA  . ALA A 1 27 ? -10.069 11.383  3.939   1.00 21.86 ? 27 ALA A CA  1 
ATOM   209 C C   . ALA A 1 27 ? -10.730 12.344  4.924   1.00 22.09 ? 27 ALA A C   1 
ATOM   210 O O   . ALA A 1 27 ? -10.040 13.135  5.604   1.00 22.09 ? 27 ALA A O   1 
ATOM   211 C CB  . ALA A 1 27 ? -9.575  12.138  2.712   1.00 21.82 ? 27 ALA A CB  1 
ATOM   212 N N   . SER A 1 28 ? -12.046 12.265  4.992   1.00 22.28 ? 28 SER A N   1 
ATOM   213 C CA  . SER A 1 28 ? -12.840 13.119  5.888   1.00 22.53 ? 28 SER A CA  1 
ATOM   214 C C   . SER A 1 28 ? -12.383 12.956  7.340   1.00 22.65 ? 28 SER A C   1 
ATOM   215 O O   . SER A 1 28 ? -12.825 12.130  8.146   1.00 22.69 ? 28 SER A O   1 
ATOM   216 C CB  . SER A 1 28 ? -14.330 12.900  5.733   1.00 22.67 ? 28 SER A CB  1 
ATOM   217 O OG  . SER A 1 28 ? -14.808 13.312  4.448   1.00 22.76 ? 28 SER A OG  1 
ATOM   218 N N   . LYS A 1 29 ? -11.457 13.781  7.695   1.00 22.77 ? 29 LYS A N   1 
ATOM   219 C CA  . LYS A 1 29 ? -10.697 14.101  8.831   1.00 22.92 ? 29 LYS A CA  1 
ATOM   220 C C   . LYS A 1 29 ? -9.812  13.154  9.585   1.00 22.93 ? 29 LYS A C   1 
ATOM   221 O O   . LYS A 1 29 ? -8.599  13.547  9.771   1.00 23.01 ? 29 LYS A O   1 
ATOM   222 C CB  . LYS A 1 29 ? -11.612 14.815  9.901   1.00 23.09 ? 29 LYS A CB  1 
ATOM   223 C CG  . LYS A 1 29 ? -12.910 14.080  10.217  1.00 23.23 ? 29 LYS A CG  1 
ATOM   224 C CD  . LYS A 1 29 ? -12.685 13.018  11.273  1.00 23.31 ? 29 LYS A CD  1 
ATOM   225 C CE  . LYS A 1 29 ? -13.674 11.886  11.270  1.00 23.35 ? 29 LYS A CE  1 
ATOM   226 N NZ  . LYS A 1 29 ? -13.548 11.117  12.557  1.00 23.36 ? 29 LYS A NZ  1 
ATOM   227 N N   . LYS A 1 30 ? -10.230 12.005  10.037  1.00 22.92 ? 30 LYS A N   1 
ATOM   228 C CA  . LYS A 1 30 ? -9.355  11.096  10.788  1.00 22.87 ? 30 LYS A CA  1 
ATOM   229 C C   . LYS A 1 30 ? -8.718  9.959   10.056  1.00 22.78 ? 30 LYS A C   1 
ATOM   230 O O   . LYS A 1 30 ? -7.776  9.346   10.636  1.00 22.80 ? 30 LYS A O   1 
ATOM   231 C CB  . LYS A 1 30 ? -10.182 10.519  11.976  1.00 22.99 ? 30 LYS A CB  1 
ATOM   232 C CG  . LYS A 1 30 ? -9.371  10.495  13.278  1.00 23.14 ? 30 LYS A CG  1 
ATOM   233 C CD  . LYS A 1 30 ? -10.265 10.854  14.458  1.00 23.25 ? 30 LYS A CD  1 
ATOM   234 C CE  . LYS A 1 30 ? -9.616  11.883  15.376  1.00 23.32 ? 30 LYS A CE  1 
ATOM   235 N NZ  . LYS A 1 30 ? -10.518 13.085  15.435  1.00 23.34 ? 30 LYS A NZ  1 
ATOM   236 N N   . MET A 1 31 ? -9.162  9.658   8.855   1.00 22.68 ? 31 MET A N   1 
ATOM   237 C CA  . MET A 1 31 ? -8.580  8.520   8.075   1.00 22.53 ? 31 MET A CA  1 
ATOM   238 C C   . MET A 1 31 ? -9.444  7.391   8.721   1.00 22.39 ? 31 MET A C   1 
ATOM   239 O O   . MET A 1 31 ? -9.147  7.061   9.880   1.00 22.43 ? 31 MET A O   1 
ATOM   240 C CB  . MET A 1 31 ? -7.131  8.290   8.256   1.00 22.63 ? 31 MET A CB  1 
ATOM   241 C CG  . MET A 1 31 ? -6.260  9.366   7.677   1.00 22.76 ? 31 MET A CG  1 
ATOM   242 S SD  . MET A 1 31 ? -6.683  9.487   5.906   1.00 22.91 ? 31 MET A SD  1 
ATOM   243 C CE  . MET A 1 31 ? -5.486  8.301   5.239   1.00 22.90 ? 31 MET A CE  1 
ATOM   244 N N   . VAL A 1 32 ? -10.412 6.921   7.980   1.00 22.24 ? 32 VAL A N   1 
ATOM   245 C CA  . VAL A 1 32 ? -11.291 5.864   8.492   1.00 22.06 ? 32 VAL A CA  1 
ATOM   246 C C   . VAL A 1 32 ? -11.605 4.848   7.394   1.00 21.89 ? 32 VAL A C   1 
ATOM   247 O O   . VAL A 1 32 ? -12.028 5.208   6.289   1.00 21.88 ? 32 VAL A O   1 
ATOM   248 C CB  . VAL A 1 32 ? -12.562 6.459   9.132   1.00 22.13 ? 32 VAL A CB  1 
ATOM   249 C CG1 . VAL A 1 32 ? -13.430 7.246   8.160   1.00 22.15 ? 32 VAL A CG1 1 
ATOM   250 C CG2 . VAL A 1 32 ? -13.404 5.388   9.825   1.00 22.11 ? 32 VAL A CG2 1 
ATOM   251 N N   . PRO A 1 33 ? -11.377 3.604   7.774   1.00 21.73 ? 33 PRO A N   1 
ATOM   252 C CA  . PRO A 1 33 ? -11.604 2.457   6.882   1.00 21.59 ? 33 PRO A CA  1 
ATOM   253 C C   . PRO A 1 33 ? -13.087 2.280   6.640   1.00 21.45 ? 33 PRO A C   1 
ATOM   254 O O   . PRO A 1 33 ? -13.922 2.299   7.551   1.00 21.43 ? 33 PRO A O   1 
ATOM   255 C CB  . PRO A 1 33 ? -10.877 1.306   7.544   1.00 21.62 ? 33 PRO A CB  1 
ATOM   256 C CG  . PRO A 1 33 ? -10.034 1.920   8.634   1.00 21.63 ? 33 PRO A CG  1 
ATOM   257 C CD  . PRO A 1 33 ? -10.869 3.138   9.082   1.00 21.68 ? 33 PRO A CD  1 
ATOM   258 N N   . VAL A 1 34 ? -13.378 2.109   5.372   1.00 21.32 ? 34 VAL A N   1 
ATOM   259 C CA  . VAL A 1 34 ? -14.756 1.921   4.862   1.00 21.15 ? 34 VAL A CA  1 
ATOM   260 C C   . VAL A 1 34 ? -14.872 0.608   4.130   1.00 21.04 ? 34 VAL A C   1 
ATOM   261 O O   . VAL A 1 34 ? -15.990 0.142   3.857   1.00 21.02 ? 34 VAL A O   1 
ATOM   262 C CB  . VAL A 1 34 ? -15.100 3.230   4.122   1.00 21.12 ? 34 VAL A CB  1 
ATOM   263 C CG1 . VAL A 1 34 ? -15.861 3.074   2.836   1.00 21.19 ? 34 VAL A CG1 1 
ATOM   264 C CG2 . VAL A 1 34 ? -15.827 4.191   5.067   1.00 21.06 ? 34 VAL A CG2 1 
ATOM   265 N N   . LYS A 1 35 ? -13.740 0.014   3.825   1.00 20.96 ? 35 LYS A N   1 
ATOM   266 C CA  . LYS A 1 35 ? -13.610 -1.264  3.126   1.00 20.90 ? 35 LYS A CA  1 
ATOM   267 C C   . LYS A 1 35 ? -12.213 -1.841  3.432   1.00 20.84 ? 35 LYS A C   1 
ATOM   268 O O   . LYS A 1 35 ? -11.256 -1.100  3.661   1.00 20.83 ? 35 LYS A O   1 
ATOM   269 C CB  . LYS A 1 35 ? -13.785 -1.217  1.633   1.00 20.95 ? 35 LYS A CB  1 
ATOM   270 C CG  . LYS A 1 35 ? -15.132 -1.605  1.052   1.00 20.98 ? 35 LYS A CG  1 
ATOM   271 C CD  . LYS A 1 35 ? -14.974 -2.169  -0.361  1.00 21.03 ? 35 LYS A CD  1 
ATOM   272 C CE  . LYS A 1 35 ? -16.245 -2.002  -1.163  1.00 21.13 ? 35 LYS A CE  1 
ATOM   273 N NZ  . LYS A 1 35 ? -16.043 -2.426  -2.579  1.00 21.19 ? 35 LYS A NZ  1 
ATOM   274 N N   . ARG A 1 36 ? -12.157 -3.145  3.421   1.00 20.81 ? 36 ARG A N   1 
ATOM   275 C CA  . ARG A 1 36 ? -10.944 -3.930  3.681   1.00 20.79 ? 36 ARG A CA  1 
ATOM   276 C C   . ARG A 1 36 ? -11.098 -5.272  2.973   1.00 20.77 ? 36 ARG A C   1 
ATOM   277 O O   . ARG A 1 36 ? -12.198 -5.851  3.106   1.00 20.80 ? 36 ARG A O   1 
ATOM   278 C CB  . ARG A 1 36 ? -10.701 -4.141  5.161   1.00 20.79 ? 36 ARG A CB  1 
ATOM   279 C CG  . ARG A 1 36 ? -9.729  -3.175  5.813   1.00 20.78 ? 36 ARG A CG  1 
ATOM   280 C CD  . ARG A 1 36 ? -10.004 -3.071  7.274   1.00 20.80 ? 36 ARG A CD  1 
ATOM   281 N NE  . ARG A 1 36 ? -8.815  -2.668  8.018   1.00 20.80 ? 36 ARG A NE  1 
ATOM   282 C CZ  . ARG A 1 36 ? -8.927  -2.063  9.206   1.00 20.83 ? 36 ARG A CZ  1 
ATOM   283 N NH1 . ARG A 1 36 ? -10.124 -1.786  9.722   1.00 20.84 ? 36 ARG A NH1 1 
ATOM   284 N NH2 . ARG A 1 36 ? -7.821  -1.749  9.866   1.00 20.86 ? 36 ARG A NH2 1 
ATOM   285 N N   . GLY A 1 37 ? -10.065 -5.722  2.273   1.00 20.75 ? 37 GLY A N   1 
ATOM   286 C CA  . GLY A 1 37 ? -10.182 -7.002  1.582   1.00 20.75 ? 37 GLY A CA  1 
ATOM   287 C C   . GLY A 1 37 ? -8.991  -7.510  0.831   1.00 20.74 ? 37 GLY A C   1 
ATOM   288 O O   . GLY A 1 37 ? -7.833  -7.249  1.165   1.00 20.75 ? 37 GLY A O   1 
ATOM   289 N N   . CYS A 1 38 ? -9.301  -8.263  -0.210  1.00 20.74 ? 38 CYS A N   1 
ATOM   290 C CA  . CYS A 1 38 ? -8.337  -8.890  -1.126  1.00 20.77 ? 38 CYS A CA  1 
ATOM   291 C C   . CYS A 1 38 ? -8.572  -8.148  -2.464  1.00 20.66 ? 38 CYS A C   1 
ATOM   292 O O   . CYS A 1 38 ? -9.704  -7.704  -2.719  1.00 20.64 ? 38 CYS A O   1 
ATOM   293 C CB  . CYS A 1 38 ? -8.456  -10.376 -1.292  1.00 21.06 ? 38 CYS A CB  1 
ATOM   294 S SG  . CYS A 1 38 ? -8.397  -11.302 0.237   1.00 21.30 ? 38 CYS A SG  1 
ATOM   295 N N   . ILE A 1 39 ? -7.490  -8.060  -3.216  1.00 20.60 ? 39 ILE A N   1 
ATOM   296 C CA  . ILE A 1 39 ? -7.591  -7.371  -4.511  1.00 20.48 ? 39 ILE A CA  1 
ATOM   297 C C   . ILE A 1 39 ? -6.451  -7.750  -5.441  1.00 20.46 ? 39 ILE A C   1 
ATOM   298 O O   . ILE A 1 39 ? -5.382  -8.275  -5.136  1.00 20.47 ? 39 ILE A O   1 
ATOM   299 C CB  . ILE A 1 39 ? -7.803  -5.832  -4.304  1.00 20.37 ? 39 ILE A CB  1 
ATOM   300 C CG1 . ILE A 1 39 ? -8.403  -5.225  -5.600  1.00 20.28 ? 39 ILE A CG1 1 
ATOM   301 C CG2 . ILE A 1 39 ? -6.543  -5.062  -3.848  1.00 20.36 ? 39 ILE A CG2 1 
ATOM   302 C CD1 . ILE A 1 39 ? -9.122  -3.876  -5.406  1.00 20.24 ? 39 ILE A CD1 1 
ATOM   303 N N   . ASN A 1 40 ? -6.768  -7.442  -6.668  1.00 20.41 ? 40 ASN A N   1 
ATOM   304 C CA  . ASN A 1 40 ? -6.051  -7.592  -7.910  1.00 20.33 ? 40 ASN A CA  1 
ATOM   305 C C   . ASN A 1 40 ? -4.853  -6.641  -7.952  1.00 20.18 ? 40 ASN A C   1 
ATOM   306 O O   . ASN A 1 40 ? -3.694  -7.015  -7.790  1.00 20.17 ? 40 ASN A O   1 
ATOM   307 C CB  . ASN A 1 40 ? -7.097  -7.296  -9.004  1.00 20.54 ? 40 ASN A CB  1 
ATOM   308 C CG  . ASN A 1 40 ? -7.183  -8.268  -10.126 1.00 20.81 ? 40 ASN A CG  1 
ATOM   309 O OD1 . ASN A 1 40 ? -6.250  -9.030  -10.422 1.00 20.95 ? 40 ASN A OD1 1 
ATOM   310 N ND2 . ASN A 1 40 ? -8.334  -8.287  -10.823 1.00 20.94 ? 40 ASN A ND2 1 
ATOM   311 N N   . VAL A 1 41 ? -5.232  -5.392  -8.180  1.00 20.06 ? 41 VAL A N   1 
ATOM   312 C CA  . VAL A 1 41 ? -4.293  -4.273  -8.272  1.00 19.90 ? 41 VAL A CA  1 
ATOM   313 C C   . VAL A 1 41 ? -4.638  -3.250  -7.192  1.00 19.81 ? 41 VAL A C   1 
ATOM   314 O O   . VAL A 1 41 ? -5.781  -3.238  -6.707  1.00 19.84 ? 41 VAL A O   1 
ATOM   315 C CB  . VAL A 1 41 ? -4.298  -3.723  -9.715  1.00 19.79 ? 41 VAL A CB  1 
ATOM   316 C CG1 . VAL A 1 41 ? -4.408  -4.854  -10.741 1.00 19.75 ? 41 VAL A CG1 1 
ATOM   317 C CG2 . VAL A 1 41 ? -5.350  -2.677  -9.962  1.00 19.74 ? 41 VAL A CG2 1 
ATOM   318 N N   . CYS A 1 42 ? -3.655  -2.437  -6.851  1.00 19.69 ? 42 CYS A N   1 
ATOM   319 C CA  . CYS A 1 42 ? -3.813  -1.393  -5.838  1.00 19.52 ? 42 CYS A CA  1 
ATOM   320 C C   . CYS A 1 42 ? -4.458  -0.189  -6.544  1.00 19.50 ? 42 CYS A C   1 
ATOM   321 O O   . CYS A 1 42 ? -3.873  0.394   -7.475  1.00 19.50 ? 42 CYS A O   1 
ATOM   322 C CB  . CYS A 1 42 ? -2.497  -0.994  -5.185  1.00 19.31 ? 42 CYS A CB  1 
ATOM   323 S SG  . CYS A 1 42 ? -2.867  -0.039  -3.663  1.00 19.14 ? 42 CYS A SG  1 
ATOM   324 N N   . PRO A 1 43 ? -5.644  0.149   -6.084  1.00 19.46 ? 43 PRO A N   1 
ATOM   325 C CA  . PRO A 1 43 ? -6.422  1.257   -6.621  1.00 19.41 ? 43 PRO A CA  1 
ATOM   326 C C   . PRO A 1 43 ? -5.854  2.631   -6.328  1.00 19.39 ? 43 PRO A C   1 
ATOM   327 O O   . PRO A 1 43 ? -5.382  2.964   -5.231  1.00 19.38 ? 43 PRO A O   1 
ATOM   328 C CB  . PRO A 1 43 ? -7.825  1.059   -6.049  1.00 19.41 ? 43 PRO A CB  1 
ATOM   329 C CG  . PRO A 1 43 ? -7.831  -0.322  -5.457  1.00 19.40 ? 43 PRO A CG  1 
ATOM   330 C CD  . PRO A 1 43 ? -6.382  -0.513  -4.979  1.00 19.45 ? 43 PRO A CD  1 
ATOM   331 N N   . LYS A 1 44 ? -5.917  3.440   -7.369  1.00 19.34 ? 44 LYS A N   1 
ATOM   332 C CA  . LYS A 1 44 ? -5.449  4.819   -7.379  1.00 19.32 ? 44 LYS A CA  1 
ATOM   333 C C   . LYS A 1 44 ? -6.398  5.670   -6.538  1.00 19.28 ? 44 LYS A C   1 
ATOM   334 O O   . LYS A 1 44 ? -7.625  5.502   -6.569  1.00 19.33 ? 44 LYS A O   1 
ATOM   335 C CB  . LYS A 1 44 ? -5.383  5.351   -8.798  1.00 19.46 ? 44 LYS A CB  1 
ATOM   336 C CG  . LYS A 1 44 ? -4.319  6.406   -9.062  1.00 19.62 ? 44 LYS A CG  1 
ATOM   337 C CD  . LYS A 1 44 ? -4.947  7.757   -9.391  1.00 19.73 ? 44 LYS A CD  1 
ATOM   338 C CE  . LYS A 1 44 ? -5.466  7.781   -10.826 1.00 19.78 ? 44 LYS A CE  1 
ATOM   339 N NZ  . LYS A 1 44 ? -6.615  8.747   -10.897 1.00 19.83 ? 44 LYS A NZ  1 
ATOM   340 N N   . ASN A 1 45 ? -5.822  6.580   -5.791  1.00 19.22 ? 45 ASN A N   1 
ATOM   341 C CA  . ASN A 1 45 ? -6.438  7.509   -4.897  1.00 19.10 ? 45 ASN A CA  1 
ATOM   342 C C   . ASN A 1 45 ? -7.185  8.706   -5.467  1.00 19.05 ? 45 ASN A C   1 
ATOM   343 O O   . ASN A 1 45 ? -6.698  9.461   -6.308  1.00 19.07 ? 45 ASN A O   1 
ATOM   344 C CB  . ASN A 1 45 ? -5.359  8.048   -3.903  1.00 19.07 ? 45 ASN A CB  1 
ATOM   345 C CG  . ASN A 1 45 ? -4.849  7.049   -2.910  1.00 19.05 ? 45 ASN A CG  1 
ATOM   346 O OD1 . ASN A 1 45 ? -4.046  7.404   -2.017  1.00 19.03 ? 45 ASN A OD1 1 
ATOM   347 N ND2 . ASN A 1 45 ? -5.278  5.798   -3.024  1.00 19.06 ? 45 ASN A ND2 1 
ATOM   348 N N   . SER A 1 46 ? -8.387  8.821   -4.932  1.00 18.98 ? 46 SER A N   1 
ATOM   349 C CA  . SER A 1 46 ? -9.336  9.900   -5.284  1.00 18.91 ? 46 SER A CA  1 
ATOM   350 C C   . SER A 1 46 ? -9.024  10.980  -4.235  1.00 18.89 ? 46 SER A C   1 
ATOM   351 O O   . SER A 1 46 ? -8.212  10.705  -3.324  1.00 18.88 ? 46 SER A O   1 
ATOM   352 C CB  . SER A 1 46 ? -10.753 9.449   -5.318  1.00 18.93 ? 46 SER A CB  1 
ATOM   353 O OG  . SER A 1 46 ? -11.684 10.384  -4.814  1.00 18.99 ? 46 SER A OG  1 
ATOM   354 N N   . ALA A 1 47 ? -9.635  12.125  -4.373  1.00 18.86 ? 47 ALA A N   1 
ATOM   355 C CA  . ALA A 1 47 ? -9.427  13.242  -3.448  1.00 18.81 ? 47 ALA A CA  1 
ATOM   356 C C   . ALA A 1 47 ? -9.866  12.863  -2.044  1.00 18.80 ? 47 ALA A C   1 
ATOM   357 O O   . ALA A 1 47 ? -9.162  13.130  -1.062  1.00 18.84 ? 47 ALA A O   1 
ATOM   358 C CB  . ALA A 1 47 ? -10.147 14.478  -3.959  1.00 18.79 ? 47 ALA A CB  1 
ATOM   359 N N   . LEU A 1 48 ? -11.025 12.243  -1.970  1.00 18.79 ? 48 LEU A N   1 
ATOM   360 C CA  . LEU A 1 48 ? -11.634 11.798  -0.732  1.00 18.77 ? 48 LEU A CA  1 
ATOM   361 C C   . LEU A 1 48 ? -11.419 10.347  -0.376  1.00 18.76 ? 48 LEU A C   1 
ATOM   362 O O   . LEU A 1 48 ? -11.663 9.998   0.801   1.00 18.76 ? 48 LEU A O   1 
ATOM   363 C CB  . LEU A 1 48 ? -13.151 12.106  -0.869  1.00 18.75 ? 48 LEU A CB  1 
ATOM   364 C CG  . LEU A 1 48 ? -13.663 13.441  -0.399  1.00 18.75 ? 48 LEU A CG  1 
ATOM   365 C CD1 . LEU A 1 48 ? -12.985 14.590  -1.134  1.00 18.78 ? 48 LEU A CD1 1 
ATOM   366 C CD2 . LEU A 1 48 ? -15.172 13.493  -0.660  1.00 18.73 ? 48 LEU A CD2 1 
ATOM   367 N N   . VAL A 1 49 ? -10.998 9.532   -1.335  1.00 18.77 ? 49 VAL A N   1 
ATOM   368 C CA  . VAL A 1 49 ? -10.794 8.103   -0.991  1.00 18.77 ? 49 VAL A CA  1 
ATOM   369 C C   . VAL A 1 49 ? -9.434  7.600   -1.444  1.00 18.76 ? 49 VAL A C   1 
ATOM   370 O O   . VAL A 1 49 ? -9.092  7.533   -2.616  1.00 18.75 ? 49 VAL A O   1 
ATOM   371 C CB  . VAL A 1 49 ? -12.014 7.257   -1.398  1.00 18.73 ? 49 VAL A CB  1 
ATOM   372 C CG1 . VAL A 1 49 ? -12.905 7.892   -2.446  1.00 18.69 ? 49 VAL A CG1 1 
ATOM   373 C CG2 . VAL A 1 49 ? -11.614 5.848   -1.820  1.00 18.74 ? 49 VAL A CG2 1 
ATOM   374 N N   . LYS A 1 50 ? -8.695  7.252   -0.401  1.00 18.76 ? 50 LYS A N   1 
ATOM   375 C CA  . LYS A 1 50 ? -7.344  6.726   -0.450  1.00 18.72 ? 50 LYS A CA  1 
ATOM   376 C C   . LYS A 1 50 ? -7.371  5.213   -0.231  1.00 18.75 ? 50 LYS A C   1 
ATOM   377 O O   . LYS A 1 50 ? -8.349  4.657   0.289   1.00 18.80 ? 50 LYS A O   1 
ATOM   378 C CB  . LYS A 1 50 ? -6.492  7.376   0.643   1.00 18.62 ? 50 LYS A CB  1 
ATOM   379 C CG  . LYS A 1 50 ? -6.825  8.859   0.868   1.00 18.50 ? 50 LYS A CG  1 
ATOM   380 C CD  . LYS A 1 50 ? -6.566  9.648   -0.410  1.00 18.43 ? 50 LYS A CD  1 
ATOM   381 C CE  . LYS A 1 50 ? -6.370  11.125  -0.144  1.00 18.39 ? 50 LYS A CE  1 
ATOM   382 N NZ  . LYS A 1 50 ? -5.901  11.786  -1.386  1.00 18.40 ? 50 LYS A NZ  1 
ATOM   383 N N   . TYR A 1 51 ? -6.293  4.567   -0.632  1.00 18.74 ? 51 TYR A N   1 
ATOM   384 C CA  . TYR A 1 51 ? -6.083  3.138   -0.533  1.00 18.69 ? 51 TYR A CA  1 
ATOM   385 C C   . TYR A 1 51 ? -4.599  2.859   -0.246  1.00 18.74 ? 51 TYR A C   1 
ATOM   386 O O   . TYR A 1 51 ? -3.752  3.519   -0.865  1.00 18.77 ? 51 TYR A O   1 
ATOM   387 C CB  . TYR A 1 51 ? -6.417  2.368   -1.828  1.00 18.55 ? 51 TYR A CB  1 
ATOM   388 C CG  . TYR A 1 51 ? -7.813  2.379   -2.364  1.00 18.47 ? 51 TYR A CG  1 
ATOM   389 C CD1 . TYR A 1 51 ? -8.709  1.307   -2.153  1.00 18.43 ? 51 TYR A CD1 1 
ATOM   390 C CD2 . TYR A 1 51 ? -8.282  3.465   -3.107  1.00 18.39 ? 51 TYR A CD2 1 
ATOM   391 C CE1 . TYR A 1 51 ? -10.006 1.328   -2.659  1.00 18.36 ? 51 TYR A CE1 1 
ATOM   392 C CE2 . TYR A 1 51 ? -9.568  3.504   -3.616  1.00 18.36 ? 51 TYR A CE2 1 
ATOM   393 C CZ  . TYR A 1 51 ? -10.433 2.436   -3.393  1.00 18.34 ? 51 TYR A CZ  1 
ATOM   394 O OH  . TYR A 1 51 ? -11.692 2.538   -3.923  1.00 18.28 ? 51 TYR A OH  1 
ATOM   395 N N   . VAL A 1 52 ? -4.366  1.925   0.644   1.00 18.79 ? 52 VAL A N   1 
ATOM   396 C CA  . VAL A 1 52 ? -2.965  1.539   1.007   1.00 18.78 ? 52 VAL A CA  1 
ATOM   397 C C   . VAL A 1 52 ? -3.005  0.009   0.820   1.00 18.84 ? 52 VAL A C   1 
ATOM   398 O O   . VAL A 1 52 ? -3.929  -0.635  1.344   1.00 18.89 ? 52 VAL A O   1 
ATOM   399 C CB  . VAL A 1 52 ? -2.432  2.111   2.294   1.00 18.64 ? 52 VAL A CB  1 
ATOM   400 C CG1 . VAL A 1 52 ? -3.465  2.812   3.161   1.00 18.58 ? 52 VAL A CG1 1 
ATOM   401 C CG2 . VAL A 1 52 ? -1.648  1.085   3.115   1.00 18.57 ? 52 VAL A CG2 1 
ATOM   402 N N   . CYS A 1 53 ? -2.032  -0.489  0.083   1.00 18.85 ? 53 CYS A N   1 
ATOM   403 C CA  . CYS A 1 53 ? -1.958  -1.937  -0.184  1.00 18.88 ? 53 CYS A CA  1 
ATOM   404 C C   . CYS A 1 53 ? -0.704  -2.524  0.433   1.00 18.87 ? 53 CYS A C   1 
ATOM   405 O O   . CYS A 1 53 ? 0.310   -1.828  0.589   1.00 18.89 ? 53 CYS A O   1 
ATOM   406 C CB  . CYS A 1 53 ? -2.056  -2.193  -1.686  1.00 19.01 ? 53 CYS A CB  1 
ATOM   407 S SG  . CYS A 1 53 ? -3.578  -1.531  -2.445  1.00 19.13 ? 53 CYS A SG  1 
ATOM   408 N N   . CYS A 1 54 ? -0.819  -3.799  0.767   1.00 18.86 ? 54 CYS A N   1 
ATOM   409 C CA  . CYS A 1 54 ? 0.319   -4.544  1.394   1.00 18.76 ? 54 CYS A CA  1 
ATOM   410 C C   . CYS A 1 54 ? 0.164   -5.993  0.997   1.00 18.81 ? 54 CYS A C   1 
ATOM   411 O O   . CYS A 1 54 ? -0.893  -6.283  0.373   1.00 18.87 ? 54 CYS A O   1 
ATOM   412 C CB  . CYS A 1 54 ? 0.292   -4.235  2.871   1.00 18.52 ? 54 CYS A CB  1 
ATOM   413 S SG  . CYS A 1 54 ? -1.289  -4.690  3.663   1.00 18.32 ? 54 CYS A SG  1 
ATOM   414 N N   . SER A 1 55 ? 1.115   -6.872  1.304   1.00 18.83 ? 55 SER A N   1 
ATOM   415 C CA  . SER A 1 55 ? 0.924   -8.279  0.890   1.00 18.85 ? 55 SER A CA  1 
ATOM   416 C C   . SER A 1 55 ? 1.351   -9.353  1.865   1.00 18.86 ? 55 SER A C   1 
ATOM   417 O O   . SER A 1 55 ? 1.675   -10.480 1.413   1.00 18.84 ? 55 SER A O   1 
ATOM   418 C CB  . SER A 1 55 ? 1.434   -8.530  -0.518  1.00 18.84 ? 55 SER A CB  1 
ATOM   419 O OG  . SER A 1 55 ? 2.677   -7.978  -0.794  1.00 18.88 ? 55 SER A OG  1 
ATOM   420 N N   . THR A 1 56 ? 1.340   -9.061  3.138   1.00 18.88 ? 56 THR A N   1 
ATOM   421 C CA  . THR A 1 56 ? 1.716   -10.012 4.212   1.00 18.90 ? 56 THR A CA  1 
ATOM   422 C C   . THR A 1 56 ? 0.427   -10.381 4.937   1.00 18.92 ? 56 THR A C   1 
ATOM   423 O O   . THR A 1 56 ? -0.373  -9.437  5.148   1.00 18.96 ? 56 THR A O   1 
ATOM   424 C CB  . THR A 1 56 ? 2.807   -9.395  5.148   1.00 18.91 ? 56 THR A CB  1 
ATOM   425 O OG1 . THR A 1 56 ? 3.981   -9.216  4.294   1.00 18.90 ? 56 THR A OG1 1 
ATOM   426 C CG2 . THR A 1 56 ? 3.118   -10.221 6.397   1.00 18.94 ? 56 THR A CG2 1 
ATOM   427 N N   . ASP A 1 57 ? 0.207   -11.632 5.298   1.00 18.91 ? 57 ASP A N   1 
ATOM   428 C CA  . ASP A 1 57 ? -1.025  -12.026 5.994   1.00 18.94 ? 57 ASP A CA  1 
ATOM   429 C C   . ASP A 1 57 ? -1.397  -10.970 7.071   1.00 18.87 ? 57 ASP A C   1 
ATOM   430 O O   . ASP A 1 57 ? -0.611  -10.559 7.920   1.00 18.87 ? 57 ASP A O   1 
ATOM   431 C CB  . ASP A 1 57 ? -1.039  -13.402 6.625   1.00 19.13 ? 57 ASP A CB  1 
ATOM   432 C CG  . ASP A 1 57 ? -1.191  -14.591 5.730   1.00 19.26 ? 57 ASP A CG  1 
ATOM   433 O OD1 . ASP A 1 57 ? -0.772  -15.705 6.132   1.00 19.35 ? 57 ASP A OD1 1 
ATOM   434 O OD2 . ASP A 1 57 ? -1.726  -14.435 4.614   1.00 19.28 ? 57 ASP A OD2 1 
ATOM   435 N N   . ARG A 1 58 ? -2.647  -10.590 6.955   1.00 18.81 ? 58 ARG A N   1 
ATOM   436 C CA  . ARG A 1 58 ? -3.325  -9.625  7.796   1.00 18.75 ? 58 ARG A CA  1 
ATOM   437 C C   . ARG A 1 58 ? -2.625  -8.310  8.032   1.00 18.62 ? 58 ARG A C   1 
ATOM   438 O O   . ARG A 1 58 ? -2.644  -7.768  9.162   1.00 18.64 ? 58 ARG A O   1 
ATOM   439 C CB  . ARG A 1 58 ? -3.736  -10.314 9.129   1.00 18.89 ? 58 ARG A CB  1 
ATOM   440 C CG  . ARG A 1 58 ? -4.523  -11.599 8.829   1.00 19.04 ? 58 ARG A CG  1 
ATOM   441 C CD  . ARG A 1 58 ? -5.028  -12.238 10.062  1.00 19.22 ? 58 ARG A CD  1 
ATOM   442 N NE  . ARG A 1 58 ? -6.068  -11.460 10.720  1.00 19.38 ? 58 ARG A NE  1 
ATOM   443 C CZ  . ARG A 1 58 ? -6.087  -11.246 12.034  1.00 19.53 ? 58 ARG A CZ  1 
ATOM   444 N NH1 . ARG A 1 58 ? -5.165  -11.758 12.842  1.00 19.56 ? 58 ARG A NH1 1 
ATOM   445 N NH2 . ARG A 1 58 ? -7.052  -10.491 12.557  1.00 19.62 ? 58 ARG A NH2 1 
ATOM   446 N N   . CYS A 1 59 ? -2.012  -7.748  7.007   1.00 18.52 ? 59 CYS A N   1 
ATOM   447 C CA  . CYS A 1 59 ? -1.298  -6.473  7.077   1.00 18.39 ? 59 CYS A CA  1 
ATOM   448 C C   . CYS A 1 59 ? -2.214  -5.259  6.964   1.00 18.33 ? 59 CYS A C   1 
ATOM   449 O O   . CYS A 1 59 ? -1.791  -4.145  7.350   1.00 18.32 ? 59 CYS A O   1 
ATOM   450 C CB  . CYS A 1 59 ? -0.223  -6.396  5.984   1.00 18.33 ? 59 CYS A CB  1 
ATOM   451 S SG  . CYS A 1 59 ? -0.870  -6.566  4.318   1.00 18.35 ? 59 CYS A SG  1 
ATOM   452 N N   . ASN A 1 60 ? -3.412  -5.458  6.454   1.00 18.25 ? 60 ASN A N   1 
ATOM   453 C CA  . ASN A 1 60 ? -4.412  -4.400  6.277   1.00 18.14 ? 60 ASN A CA  1 
ATOM   454 C C   . ASN A 1 60 ? -5.261  -4.202  7.542   1.00 18.12 ? 60 ASN A C   1 
ATOM   455 O O   . ASN A 1 60 ? -5.134  -5.056  8.442   1.00 18.13 ? 60 ASN A O   1 
ATOM   456 C CB  . ASN A 1 60 ? -5.256  -4.652  5.046   1.00 18.06 ? 60 ASN A CB  1 
ATOM   457 C CG  . ASN A 1 60 ? -6.205  -5.820  5.084   1.00 17.99 ? 60 ASN A CG  1 
ATOM   458 O OD1 . ASN A 1 60 ? -5.940  -6.868  5.680   1.00 17.96 ? 60 ASN A OD1 1 
ATOM   459 N ND2 . ASN A 1 60 ? -7.361  -5.660  4.426   1.00 17.98 ? 60 ASN A ND2 1 
ATOM   460 O OXT . ASN A 1 60 ? -6.009  -3.212  7.577   1.00 18.05 ? 60 ASN A OXT 1 
ATOM   461 N N   . LEU B 1 1  ? 2.124   11.433  -9.887  1.00 20.12 ? 1  LEU B N   1 
ATOM   462 C CA  . LEU B 1 1  ? 1.975   12.116  -8.591  1.00 20.10 ? 1  LEU B CA  1 
ATOM   463 C C   . LEU B 1 1  ? 3.368   12.367  -8.027  1.00 20.08 ? 1  LEU B C   1 
ATOM   464 O O   . LEU B 1 1  ? 4.357   12.074  -8.721  1.00 20.08 ? 1  LEU B O   1 
ATOM   465 C CB  . LEU B 1 1  ? 1.110   11.222  -7.703  1.00 20.14 ? 1  LEU B CB  1 
ATOM   466 C CG  . LEU B 1 1  ? 1.719   9.982   -7.077  1.00 20.14 ? 1  LEU B CG  1 
ATOM   467 C CD1 . LEU B 1 1  ? 0.764   9.367   -6.052  1.00 20.13 ? 1  LEU B CD1 1 
ATOM   468 C CD2 . LEU B 1 1  ? 2.024   8.941   -8.146  1.00 20.14 ? 1  LEU B CD2 1 
ATOM   469 N N   . LYS B 1 2  ? 3.382   12.885  -6.817  1.00 20.06 ? 2  LYS B N   1 
ATOM   470 C CA  . LYS B 1 2  ? 4.651   13.181  -6.119  1.00 20.03 ? 2  LYS B CA  1 
ATOM   471 C C   . LYS B 1 2  ? 4.844   12.035  -5.107  1.00 20.01 ? 2  LYS B C   1 
ATOM   472 O O   . LYS B 1 2  ? 3.927   11.667  -4.361  1.00 19.99 ? 2  LYS B O   1 
ATOM   473 C CB  . LYS B 1 2  ? 4.737   14.502  -5.418  1.00 20.07 ? 2  LYS B CB  1 
ATOM   474 C CG  . LYS B 1 2  ? 5.421   15.604  -6.223  1.00 20.09 ? 2  LYS B CG  1 
ATOM   475 C CD  . LYS B 1 2  ? 4.435   16.600  -6.818  1.00 20.06 ? 2  LYS B CD  1 
ATOM   476 C CE  . LYS B 1 2  ? 4.535   17.950  -6.141  1.00 20.03 ? 2  LYS B CE  1 
ATOM   477 N NZ  . LYS B 1 2  ? 3.776   18.970  -6.909  1.00 20.05 ? 2  LYS B NZ  1 
ATOM   478 N N   . CYS B 1 3  ? 6.048   11.512  -5.142  1.00 20.01 ? 3  CYS B N   1 
ATOM   479 C CA  . CYS B 1 3  ? 6.471   10.417  -4.282  1.00 19.99 ? 3  CYS B CA  1 
ATOM   480 C C   . CYS B 1 3  ? 7.852   10.780  -3.683  1.00 19.94 ? 3  CYS B C   1 
ATOM   481 O O   . CYS B 1 3  ? 8.719   11.334  -4.362  1.00 19.95 ? 3  CYS B O   1 
ATOM   482 C CB  . CYS B 1 3  ? 6.609   9.079   -4.967  1.00 20.09 ? 3  CYS B CB  1 
ATOM   483 S SG  . CYS B 1 3  ? 5.196   8.300   -5.695  1.00 20.18 ? 3  CYS B SG  1 
ATOM   484 N N   . ASN B 1 4  ? 7.947   10.422  -2.435  1.00 19.89 ? 4  ASN B N   1 
ATOM   485 C CA  . ASN B 1 4  ? 9.102   10.607  -1.587  1.00 19.80 ? 4  ASN B CA  1 
ATOM   486 C C   . ASN B 1 4  ? 10.227  9.630   -1.964  1.00 19.78 ? 4  ASN B C   1 
ATOM   487 O O   . ASN B 1 4  ? 9.929   8.518   -2.412  1.00 19.78 ? 4  ASN B O   1 
ATOM   488 C CB  . ASN B 1 4  ? 8.646   10.270  -0.148  1.00 19.69 ? 4  ASN B CB  1 
ATOM   489 C CG  . ASN B 1 4  ? 7.821   11.342  0.505   1.00 19.61 ? 4  ASN B CG  1 
ATOM   490 O OD1 . ASN B 1 4  ? 7.829   12.491  0.037   1.00 19.61 ? 4  ASN B OD1 1 
ATOM   491 N ND2 . ASN B 1 4  ? 7.129   10.960  1.577   1.00 19.54 ? 4  ASN B ND2 1 
ATOM   492 N N   . LYS B 1 5  ? 11.446  10.064  -1.762  1.00 19.77 ? 5  LYS B N   1 
ATOM   493 C CA  . LYS B 1 5  ? 12.671  9.292   -2.039  1.00 19.71 ? 5  LYS B CA  1 
ATOM   494 C C   . LYS B 1 5  ? 13.117  8.654   -0.726  1.00 19.73 ? 5  LYS B C   1 
ATOM   495 O O   . LYS B 1 5  ? 12.432  8.902   0.294   1.00 19.69 ? 5  LYS B O   1 
ATOM   496 C CB  . LYS B 1 5  ? 13.759  10.199  -2.588  1.00 19.65 ? 5  LYS B CB  1 
ATOM   497 C CG  . LYS B 1 5  ? 13.483  10.740  -3.995  1.00 19.55 ? 5  LYS B CG  1 
ATOM   498 C CD  . LYS B 1 5  ? 14.343  11.937  -4.328  1.00 19.48 ? 5  LYS B CD  1 
ATOM   499 C CE  . LYS B 1 5  ? 15.300  11.740  -5.467  1.00 19.42 ? 5  LYS B CE  1 
ATOM   500 N NZ  . LYS B 1 5  ? 16.651  11.324  -5.028  1.00 19.37 ? 5  LYS B NZ  1 
ATOM   501 N N   . LEU B 1 6  ? 14.197  7.880   -0.733  1.00 19.77 ? 6  LEU B N   1 
ATOM   502 C CA  . LEU B 1 6  ? 14.686  7.224   0.510   1.00 19.78 ? 6  LEU B CA  1 
ATOM   503 C C   . LEU B 1 6  ? 14.591  8.189   1.687   1.00 19.84 ? 6  LEU B C   1 
ATOM   504 O O   . LEU B 1 6  ? 13.815  7.887   2.613   1.00 19.85 ? 6  LEU B O   1 
ATOM   505 C CB  . LEU B 1 6  ? 16.024  6.548   0.270   1.00 19.70 ? 6  LEU B CB  1 
ATOM   506 C CG  . LEU B 1 6  ? 16.494  5.597   1.383   1.00 19.67 ? 6  LEU B CG  1 
ATOM   507 C CD1 . LEU B 1 6  ? 15.365  4.687   1.848   1.00 19.66 ? 6  LEU B CD1 1 
ATOM   508 C CD2 . LEU B 1 6  ? 17.656  4.752   0.883   1.00 19.63 ? 6  LEU B CD2 1 
ATOM   509 N N   . ILE B 1 7  ? 15.328  9.267   1.655   1.00 19.92 ? 7  ILE B N   1 
ATOM   510 C CA  . ILE B 1 7  ? 15.276  10.297  2.778   1.00 20.00 ? 7  ILE B CA  1 
ATOM   511 C C   . ILE B 1 7  ? 14.101  11.084  2.156   1.00 20.11 ? 7  ILE B C   1 
ATOM   512 O O   . ILE B 1 7  ? 14.279  11.675  1.074   1.00 20.13 ? 7  ILE B O   1 
ATOM   513 C CB  . ILE B 1 7  ? 16.612  10.974  3.023   1.00 19.86 ? 7  ILE B CB  1 
ATOM   514 C CG1 . ILE B 1 7  ? 17.753  9.899   3.006   1.00 19.81 ? 7  ILE B CG1 1 
ATOM   515 C CG2 . ILE B 1 7  ? 16.706  11.774  4.361   1.00 19.79 ? 7  ILE B CG2 1 
ATOM   516 C CD1 . ILE B 1 7  ? 17.448  8.713   3.973   1.00 19.78 ? 7  ILE B CD1 1 
ATOM   517 N N   . PRO B 1 8  ? 12.969  11.039  2.820   1.00 20.20 ? 8  PRO B N   1 
ATOM   518 C CA  . PRO B 1 8  ? 11.767  11.704  2.340   1.00 20.28 ? 8  PRO B CA  1 
ATOM   519 C C   . PRO B 1 8  ? 11.629  13.183  2.453   1.00 20.40 ? 8  PRO B C   1 
ATOM   520 O O   . PRO B 1 8  ? 10.454  13.662  2.491   1.00 20.43 ? 8  PRO B O   1 
ATOM   521 C CB  . PRO B 1 8  ? 10.638  10.934  3.045   1.00 20.26 ? 8  PRO B CB  1 
ATOM   522 C CG  . PRO B 1 8  ? 11.252  10.115  4.115   1.00 20.21 ? 8  PRO B CG  1 
ATOM   523 C CD  . PRO B 1 8  ? 12.743  10.333  4.094   1.00 20.19 ? 8  PRO B CD  1 
ATOM   524 N N   . ILE B 1 9  ? 12.737  13.891  2.497   1.00 20.51 ? 9  ILE B N   1 
ATOM   525 C CA  . ILE B 1 9  ? 12.681  15.378  2.607   1.00 20.66 ? 9  ILE B CA  1 
ATOM   526 C C   . ILE B 1 9  ? 12.731  15.910  1.180   1.00 20.79 ? 9  ILE B C   1 
ATOM   527 O O   . ILE B 1 9  ? 12.684  17.103  0.868   1.00 20.79 ? 9  ILE B O   1 
ATOM   528 C CB  . ILE B 1 9  ? 13.769  15.876  3.599   1.00 20.63 ? 9  ILE B CB  1 
ATOM   529 C CG1 . ILE B 1 9  ? 15.181  15.441  3.140   1.00 20.59 ? 9  ILE B CG1 1 
ATOM   530 C CG2 . ILE B 1 9  ? 13.483  15.406  5.064   1.00 20.59 ? 9  ILE B CG2 1 
ATOM   531 C CD1 . ILE B 1 9  ? 16.303  15.653  4.200   1.00 20.57 ? 9  ILE B CD1 1 
ATOM   532 N N   . ALA B 1 10 ? 12.832  14.909  0.320   1.00 20.90 ? 10 ALA B N   1 
ATOM   533 C CA  . ALA B 1 10 ? 12.903  15.062  -1.129  1.00 21.08 ? 10 ALA B CA  1 
ATOM   534 C C   . ALA B 1 10 ? 11.852  14.121  -1.733  1.00 21.20 ? 10 ALA B C   1 
ATOM   535 O O   . ALA B 1 10 ? 11.515  13.078  -1.148  1.00 21.22 ? 10 ALA B O   1 
ATOM   536 C CB  . ALA B 1 10 ? 14.302  14.790  -1.654  1.00 21.05 ? 10 ALA B CB  1 
ATOM   537 N N   . TYR B 1 11 ? 11.375  14.535  -2.883  1.00 21.30 ? 11 TYR B N   1 
ATOM   538 C CA  . TYR B 1 11 ? 10.358  13.764  -3.606  1.00 21.45 ? 11 TYR B CA  1 
ATOM   539 C C   . TYR B 1 11 ? 10.567  13.960  -5.095  1.00 21.55 ? 11 TYR B C   1 
ATOM   540 O O   . TYR B 1 11 ? 11.194  14.938  -5.528  1.00 21.59 ? 11 TYR B O   1 
ATOM   541 C CB  . TYR B 1 11 ? 8.959   14.210  -3.131  1.00 21.47 ? 11 TYR B CB  1 
ATOM   542 C CG  . TYR B 1 11 ? 8.761   15.708  -3.290  1.00 21.45 ? 11 TYR B CG  1 
ATOM   543 C CD1 . TYR B 1 11 ? 9.090   16.585  -2.259  1.00 21.42 ? 11 TYR B CD1 1 
ATOM   544 C CD2 . TYR B 1 11 ? 8.250   16.236  -4.472  1.00 21.44 ? 11 TYR B CD2 1 
ATOM   545 C CE1 . TYR B 1 11 ? 8.914   17.957  -2.397  1.00 21.40 ? 11 TYR B CE1 1 
ATOM   546 C CE2 . TYR B 1 11 ? 8.069   17.609  -4.621  1.00 21.44 ? 11 TYR B CE2 1 
ATOM   547 C CZ  . TYR B 1 11 ? 8.402   18.465  -3.583  1.00 21.41 ? 11 TYR B CZ  1 
ATOM   548 O OH  . TYR B 1 11 ? 8.211   19.807  -3.765  1.00 21.43 ? 11 TYR B OH  1 
ATOM   549 N N   . LYS B 1 12 ? 10.041  13.023  -5.846  1.00 21.64 ? 12 LYS B N   1 
ATOM   550 C CA  . LYS B 1 12 ? 10.132  13.036  -7.307  1.00 21.75 ? 12 LYS B CA  1 
ATOM   551 C C   . LYS B 1 12 ? 8.666   13.111  -7.781  1.00 21.80 ? 12 LYS B C   1 
ATOM   552 O O   . LYS B 1 12 ? 7.746   12.893  -6.983  1.00 21.82 ? 12 LYS B O   1 
ATOM   553 C CB  . LYS B 1 12 ? 10.811  11.839  -7.911  1.00 21.85 ? 12 LYS B CB  1 
ATOM   554 C CG  . LYS B 1 12 ? 9.913   10.641  -8.214  1.00 21.97 ? 12 LYS B CG  1 
ATOM   555 C CD  . LYS B 1 12 ? 10.667  9.498   -8.880  1.00 22.05 ? 12 LYS B CD  1 
ATOM   556 C CE  . LYS B 1 12 ? 11.680  8.851   -7.958  1.00 22.11 ? 12 LYS B CE  1 
ATOM   557 N NZ  . LYS B 1 12 ? 11.819  7.402   -8.271  1.00 22.16 ? 12 LYS B NZ  1 
ATOM   558 N N   . THR B 1 13 ? 8.560   13.418  -9.037  1.00 21.86 ? 13 THR B N   1 
ATOM   559 C CA  . THR B 1 13 ? 7.238   13.532  -9.724  1.00 21.89 ? 13 THR B CA  1 
ATOM   560 C C   . THR B 1 13 ? 7.347   12.233  -10.542 1.00 21.87 ? 13 THR B C   1 
ATOM   561 O O   . THR B 1 13 ? 8.519   11.908  -10.901 1.00 21.87 ? 13 THR B O   1 
ATOM   562 C CB  . THR B 1 13 ? 7.000   14.857  -10.446 1.00 22.06 ? 13 THR B CB  1 
ATOM   563 O OG1 . THR B 1 13 ? 6.232   14.591  -11.675 1.00 22.19 ? 13 THR B OG1 1 
ATOM   564 C CG2 . THR B 1 13 ? 8.274   15.659  -10.802 1.00 22.17 ? 13 THR B CG2 1 
ATOM   565 N N   . CYS B 1 14 ? 6.265   11.544  -10.805 1.00 21.86 ? 14 CYS B N   1 
ATOM   566 C CA  . CYS B 1 14 ? 6.326   10.310  -11.548 1.00 21.75 ? 14 CYS B CA  1 
ATOM   567 C C   . CYS B 1 14 ? 6.001   10.212  -13.017 1.00 21.93 ? 14 CYS B C   1 
ATOM   568 O O   . CYS B 1 14 ? 5.028   10.774  -13.539 1.00 21.96 ? 14 CYS B O   1 
ATOM   569 C CB  . CYS B 1 14 ? 5.350   9.276   -10.876 1.00 21.28 ? 14 CYS B CB  1 
ATOM   570 S SG  . CYS B 1 14 ? 5.383   9.101   -9.108  1.00 20.96 ? 14 CYS B SG  1 
ATOM   571 N N   . PRO B 1 15 ? 6.861   9.438   -13.679 1.00 22.02 ? 15 PRO B N   1 
ATOM   572 C CA  . PRO B 1 15 ? 6.729   9.184   -15.120 1.00 22.12 ? 15 PRO B CA  1 
ATOM   573 C C   . PRO B 1 15 ? 5.360   8.564   -15.358 1.00 22.23 ? 15 PRO B C   1 
ATOM   574 O O   . PRO B 1 15 ? 4.741   8.077   -14.378 1.00 22.27 ? 15 PRO B O   1 
ATOM   575 C CB  . PRO B 1 15 ? 7.869   8.256   -15.459 1.00 22.10 ? 15 PRO B CB  1 
ATOM   576 C CG  . PRO B 1 15 ? 8.338   7.681   -14.151 1.00 22.08 ? 15 PRO B CG  1 
ATOM   577 C CD  . PRO B 1 15 ? 8.030   8.740   -13.112 1.00 22.04 ? 15 PRO B CD  1 
ATOM   578 N N   . GLU B 1 16 ? 4.920   8.591   -16.607 1.00 22.32 ? 16 GLU B N   1 
ATOM   579 C CA  . GLU B 1 16 ? 3.590   8.004   -16.942 1.00 22.41 ? 16 GLU B CA  1 
ATOM   580 C C   . GLU B 1 16 ? 3.677   6.507   -16.680 1.00 22.35 ? 16 GLU B C   1 
ATOM   581 O O   . GLU B 1 16 ? 4.751   5.891   -16.900 1.00 22.37 ? 16 GLU B O   1 
ATOM   582 C CB  . GLU B 1 16 ? 3.177   8.297   -18.362 1.00 22.69 ? 16 GLU B CB  1 
ATOM   583 C CG  . GLU B 1 16 ? 2.915   9.781   -18.701 1.00 22.98 ? 16 GLU B CG  1 
ATOM   584 C CD  . GLU B 1 16 ? 2.633   10.080  -20.141 1.00 23.22 ? 16 GLU B CD  1 
ATOM   585 O OE1 . GLU B 1 16 ? 1.751   10.825  -20.536 1.00 23.28 ? 16 GLU B OE1 1 
ATOM   586 O OE2 . GLU B 1 16 ? 3.416   9.471   -20.916 1.00 23.34 ? 16 GLU B OE2 1 
ATOM   587 N N   . GLY B 1 17 ? 2.575   5.941   -16.214 1.00 22.29 ? 17 GLY B N   1 
ATOM   588 C CA  . GLY B 1 17 ? 2.559   4.486   -15.924 1.00 22.22 ? 17 GLY B CA  1 
ATOM   589 C C   . GLY B 1 17 ? 3.093   4.279   -14.509 1.00 22.17 ? 17 GLY B C   1 
ATOM   590 O O   . GLY B 1 17 ? 3.217   3.147   -14.025 1.00 22.24 ? 17 GLY B O   1 
ATOM   591 N N   . LYS B 1 18 ? 3.397   5.393   -13.894 1.00 22.07 ? 18 LYS B N   1 
ATOM   592 C CA  . LYS B 1 18 ? 3.924   5.427   -12.491 1.00 21.93 ? 18 LYS B CA  1 
ATOM   593 C C   . LYS B 1 18 ? 2.769   6.240   -11.864 1.00 21.78 ? 18 LYS B C   1 
ATOM   594 O O   . LYS B 1 18 ? 2.781   7.455   -11.731 1.00 21.81 ? 18 LYS B O   1 
ATOM   595 C CB  . LYS B 1 18 ? 5.284   5.963   -12.357 1.00 22.01 ? 18 LYS B CB  1 
ATOM   596 C CG  . LYS B 1 18 ? 6.385   4.894   -12.222 1.00 22.06 ? 18 LYS B CG  1 
ATOM   597 C CD  . LYS B 1 18 ? 6.452   3.998   -13.441 1.00 22.12 ? 18 LYS B CD  1 
ATOM   598 C CE  . LYS B 1 18 ? 7.651   3.064   -13.432 1.00 22.18 ? 18 LYS B CE  1 
ATOM   599 N NZ  . LYS B 1 18 ? 8.913   3.789   -13.121 1.00 22.18 ? 18 LYS B NZ  1 
ATOM   600 N N   . ASN B 1 19 ? 1.781   5.419   -11.532 1.00 21.63 ? 19 ASN B N   1 
ATOM   601 C CA  . ASN B 1 19 ? 0.521   5.890   -10.928 1.00 21.44 ? 19 ASN B CA  1 
ATOM   602 C C   . ASN B 1 19 ? 0.451   5.595   -9.448  1.00 21.21 ? 19 ASN B C   1 
ATOM   603 O O   . ASN B 1 19 ? -0.519  6.014   -8.785  1.00 21.23 ? 19 ASN B O   1 
ATOM   604 C CB  . ASN B 1 19 ? -0.650  5.356   -11.769 1.00 21.59 ? 19 ASN B CB  1 
ATOM   605 C CG  . ASN B 1 19 ? -0.486  3.928   -12.225 1.00 21.79 ? 19 ASN B CG  1 
ATOM   606 O OD1 . ASN B 1 19 ? -1.260  3.431   -13.072 1.00 21.88 ? 19 ASN B OD1 1 
ATOM   607 N ND2 . ASN B 1 19 ? 0.511   3.207   -11.695 1.00 21.86 ? 19 ASN B ND2 1 
ATOM   608 N N   . LEU B 1 20 ? 1.445   4.907   -8.953  1.00 20.99 ? 20 LEU B N   1 
ATOM   609 C CA  . LEU B 1 20 ? 1.592   4.511   -7.572  1.00 20.75 ? 20 LEU B CA  1 
ATOM   610 C C   . LEU B 1 20 ? 2.901   4.966   -6.914  1.00 20.62 ? 20 LEU B C   1 
ATOM   611 O O   . LEU B 1 20 ? 3.915   5.245   -7.560  1.00 20.59 ? 20 LEU B O   1 
ATOM   612 C CB  . LEU B 1 20 ? 1.578   2.960   -7.566  1.00 20.62 ? 20 LEU B CB  1 
ATOM   613 C CG  . LEU B 1 20 ? 0.375   2.222   -7.072  1.00 20.55 ? 20 LEU B CG  1 
ATOM   614 C CD1 . LEU B 1 20 ? -0.908  2.732   -7.714  1.00 20.53 ? 20 LEU B CD1 1 
ATOM   615 C CD2 . LEU B 1 20 ? 0.578   0.733   -7.398  1.00 20.51 ? 20 LEU B CD2 1 
ATOM   616 N N   . CYS B 1 21 ? 2.817   5.010   -5.602  1.00 20.48 ? 21 CYS B N   1 
ATOM   617 C CA  . CYS B 1 21 ? 3.902   5.382   -4.687  1.00 20.39 ? 21 CYS B CA  1 
ATOM   618 C C   . CYS B 1 21 ? 4.087   4.054   -3.877  1.00 20.35 ? 21 CYS B C   1 
ATOM   619 O O   . CYS B 1 21 ? 3.123   3.268   -3.851  1.00 20.28 ? 21 CYS B O   1 
ATOM   620 C CB  . CYS B 1 21 ? 3.668   6.513   -3.759  1.00 20.30 ? 21 CYS B CB  1 
ATOM   621 S SG  . CYS B 1 21 ? 3.766   8.209   -4.280  1.00 20.23 ? 21 CYS B SG  1 
ATOM   622 N N   . TYR B 1 22 ? 5.226   3.864   -3.293  1.00 20.36 ? 22 TYR B N   1 
ATOM   623 C CA  . TYR B 1 22 ? 5.509   2.667   -2.513  1.00 20.38 ? 22 TYR B CA  1 
ATOM   624 C C   . TYR B 1 22 ? 6.720   2.832   -1.601  1.00 20.40 ? 22 TYR B C   1 
ATOM   625 O O   . TYR B 1 22 ? 7.591   3.704   -1.723  1.00 20.39 ? 22 TYR B O   1 
ATOM   626 C CB  . TYR B 1 22 ? 5.770   1.420   -3.447  1.00 20.42 ? 22 TYR B CB  1 
ATOM   627 C CG  . TYR B 1 22 ? 7.198   1.443   -3.962  1.00 20.47 ? 22 TYR B CG  1 
ATOM   628 C CD1 . TYR B 1 22 ? 8.248   0.859   -3.254  1.00 20.52 ? 22 TYR B CD1 1 
ATOM   629 C CD2 . TYR B 1 22 ? 7.497   2.062   -5.168  1.00 20.49 ? 22 TYR B CD2 1 
ATOM   630 C CE1 . TYR B 1 22 ? 9.556   0.893   -3.733  1.00 20.54 ? 22 TYR B CE1 1 
ATOM   631 C CE2 . TYR B 1 22 ? 8.794   2.106   -5.664  1.00 20.51 ? 22 TYR B CE2 1 
ATOM   632 C CZ  . TYR B 1 22 ? 9.827   1.520   -4.945  1.00 20.51 ? 22 TYR B CZ  1 
ATOM   633 O OH  . TYR B 1 22 ? 11.090  1.587   -5.465  1.00 20.50 ? 22 TYR B OH  1 
ATOM   634 N N   . LYS B 1 23 ? 6.743   1.918   -0.650  1.00 20.39 ? 23 LYS B N   1 
ATOM   635 C CA  . LYS B 1 23 ? 7.791   1.822   0.368   1.00 20.45 ? 23 LYS B CA  1 
ATOM   636 C C   . LYS B 1 23 ? 8.379   0.420   0.176   1.00 20.50 ? 23 LYS B C   1 
ATOM   637 O O   . LYS B 1 23 ? 7.644   -0.439  -0.330  1.00 20.50 ? 23 LYS B O   1 
ATOM   638 C CB  . LYS B 1 23 ? 7.265   2.011   1.767   1.00 20.45 ? 23 LYS B CB  1 
ATOM   639 C CG  . LYS B 1 23 ? 7.850   3.207   2.520   1.00 20.42 ? 23 LYS B CG  1 
ATOM   640 C CD  . LYS B 1 23 ? 8.356   2.745   3.885   1.00 20.49 ? 23 LYS B CD  1 
ATOM   641 C CE  . LYS B 1 23 ? 7.607   3.423   5.016   1.00 20.58 ? 23 LYS B CE  1 
ATOM   642 N NZ  . LYS B 1 23 ? 6.140   3.281   4.799   1.00 20.65 ? 23 LYS B NZ  1 
ATOM   643 N N   . MET B 1 24 ? 9.602   0.214   0.543   1.00 20.60 ? 24 MET B N   1 
ATOM   644 C CA  . MET B 1 24 ? 10.271  -1.092  0.420   1.00 20.72 ? 24 MET B CA  1 
ATOM   645 C C   . MET B 1 24 ? 11.028  -1.187  1.769   1.00 20.91 ? 24 MET B C   1 
ATOM   646 O O   . MET B 1 24 ? 11.991  -0.435  1.942   1.00 20.93 ? 24 MET B O   1 
ATOM   647 C CB  . MET B 1 24 ? 11.143  -1.325  -0.772  1.00 20.55 ? 24 MET B CB  1 
ATOM   648 C CG  . MET B 1 24 ? 12.115  -2.458  -0.535  1.00 20.38 ? 24 MET B CG  1 
ATOM   649 S SD  . MET B 1 24 ? 12.756  -3.077  -2.132  1.00 20.21 ? 24 MET B SD  1 
ATOM   650 C CE  . MET B 1 24 ? 14.087  -4.113  -1.527  1.00 20.18 ? 24 MET B CE  1 
ATOM   651 N N   . MET B 1 25 ? 10.541  -2.076  2.613   1.00 21.05 ? 25 MET B N   1 
ATOM   652 C CA  . MET B 1 25 ? 11.132  -2.287  3.936   1.00 21.29 ? 25 MET B CA  1 
ATOM   653 C C   . MET B 1 25 ? 11.595  -3.721  4.191   1.00 21.45 ? 25 MET B C   1 
ATOM   654 O O   . MET B 1 25 ? 11.046  -4.691  3.672   1.00 21.38 ? 25 MET B O   1 
ATOM   655 C CB  . MET B 1 25 ? 10.119  -1.902  5.026   1.00 21.28 ? 25 MET B CB  1 
ATOM   656 C CG  . MET B 1 25 ? 9.408   -0.619  4.693   1.00 21.32 ? 25 MET B CG  1 
ATOM   657 S SD  . MET B 1 25 ? 7.874   -0.594  5.710   1.00 21.35 ? 25 MET B SD  1 
ATOM   658 C CE  . MET B 1 25 ? 6.937   -1.867  4.813   1.00 21.27 ? 25 MET B CE  1 
ATOM   659 N N   . LEU B 1 26 ? 12.626  -3.799  5.021   1.00 21.65 ? 26 LEU B N   1 
ATOM   660 C CA  . LEU B 1 26 ? 13.236  -5.063  5.420   1.00 21.93 ? 26 LEU B CA  1 
ATOM   661 C C   . LEU B 1 26 ? 12.638  -5.481  6.768   1.00 22.15 ? 26 LEU B C   1 
ATOM   662 O O   . LEU B 1 26 ? 12.655  -4.695  7.721   1.00 22.17 ? 26 LEU B O   1 
ATOM   663 C CB  . LEU B 1 26 ? 14.751  -4.940  5.461   1.00 21.92 ? 26 LEU B CB  1 
ATOM   664 C CG  . LEU B 1 26 ? 15.599  -4.996  4.216   1.00 21.90 ? 26 LEU B CG  1 
ATOM   665 C CD1 . LEU B 1 26 ? 17.065  -5.262  4.576   1.00 21.89 ? 26 LEU B CD1 1 
ATOM   666 C CD2 . LEU B 1 26 ? 15.108  -6.093  3.268   1.00 21.88 ? 26 LEU B CD2 1 
ATOM   667 N N   . ALA B 1 27 ? 12.145  -6.701  6.784   1.00 22.39 ? 27 ALA B N   1 
ATOM   668 C CA  . ALA B 1 27 ? 11.529  -7.284  7.979   1.00 22.65 ? 27 ALA B CA  1 
ATOM   669 C C   . ALA B 1 27 ? 12.503  -7.355  9.138   1.00 22.87 ? 27 ALA B C   1 
ATOM   670 O O   . ALA B 1 27 ? 12.082  -7.444  10.304  1.00 22.92 ? 27 ALA B O   1 
ATOM   671 C CB  . ALA B 1 27 ? 10.988  -8.672  7.631   1.00 22.61 ? 27 ALA B CB  1 
ATOM   672 N N   . SER B 1 28 ? 13.772  -7.316  8.814   1.00 23.09 ? 28 SER B N   1 
ATOM   673 C CA  . SER B 1 28 ? 14.887  -7.377  9.757   1.00 23.35 ? 28 SER B CA  1 
ATOM   674 C C   . SER B 1 28 ? 14.749  -6.510  10.996  1.00 23.46 ? 28 SER B C   1 
ATOM   675 O O   . SER B 1 28 ? 15.456  -5.489  11.127  1.00 23.51 ? 28 SER B O   1 
ATOM   676 C CB  . SER B 1 28 ? 16.205  -7.044  9.012   1.00 23.47 ? 28 SER B CB  1 
ATOM   677 O OG  . SER B 1 28 ? 17.233  -7.948  9.418   1.00 23.53 ? 28 SER B OG  1 
ATOM   678 N N   . LYS B 1 29 ? 13.874  -6.902  11.888  1.00 23.56 ? 29 LYS B N   1 
ATOM   679 C CA  . LYS B 1 29 ? 13.597  -6.194  13.172  1.00 23.65 ? 29 LYS B CA  1 
ATOM   680 C C   . LYS B 1 29 ? 12.231  -5.568  12.984  1.00 23.64 ? 29 LYS B C   1 
ATOM   681 O O   . LYS B 1 29 ? 11.192  -6.226  13.194  1.00 23.72 ? 29 LYS B O   1 
ATOM   682 C CB  . LYS B 1 29 ? 14.686  -5.233  13.541  1.00 23.83 ? 29 LYS B CB  1 
ATOM   683 C CG  . LYS B 1 29 ? 14.366  -4.045  14.423  1.00 24.04 ? 29 LYS B CG  1 
ATOM   684 C CD  . LYS B 1 29 ? 14.471  -2.725  13.653  1.00 24.19 ? 29 LYS B CD  1 
ATOM   685 C CE  . LYS B 1 29 ? 15.874  -2.137  13.750  1.00 24.31 ? 29 LYS B CE  1 
ATOM   686 N NZ  . LYS B 1 29 ? 15.767  -0.640  13.733  1.00 24.40 ? 29 LYS B NZ  1 
ATOM   687 N N   . LYS B 1 30 ? 12.313  -4.324  12.581  1.00 23.57 ? 30 LYS B N   1 
ATOM   688 C CA  . LYS B 1 30 ? 11.160  -3.485  12.326  1.00 23.43 ? 30 LYS B CA  1 
ATOM   689 C C   . LYS B 1 30 ? 11.428  -2.593  11.120  1.00 23.34 ? 30 LYS B C   1 
ATOM   690 O O   . LYS B 1 30 ? 12.293  -1.714  11.077  1.00 23.39 ? 30 LYS B O   1 
ATOM   691 C CB  . LYS B 1 30 ? 10.858  -2.622  13.550  1.00 23.40 ? 30 LYS B CB  1 
ATOM   692 C CG  . LYS B 1 30 ? 9.698   -3.066  14.411  1.00 23.43 ? 30 LYS B CG  1 
ATOM   693 C CD  . LYS B 1 30 ? 9.780   -4.459  14.965  1.00 23.42 ? 30 LYS B CD  1 
ATOM   694 C CE  . LYS B 1 30 ? 11.009  -4.736  15.806  1.00 23.37 ? 30 LYS B CE  1 
ATOM   695 N NZ  . LYS B 1 30 ? 11.291  -6.202  15.809  1.00 23.33 ? 30 LYS B NZ  1 
ATOM   696 N N   . MET B 1 31 ? 10.625  -2.870  10.127  1.00 23.17 ? 31 MET B N   1 
ATOM   697 C CA  . MET B 1 31 ? 10.573  -2.256  8.860   1.00 22.98 ? 31 MET B CA  1 
ATOM   698 C C   . MET B 1 31 ? 11.358  -0.975  8.629   1.00 22.83 ? 31 MET B C   1 
ATOM   699 O O   . MET B 1 31 ? 10.776  0.135   8.592   1.00 22.83 ? 31 MET B O   1 
ATOM   700 C CB  . MET B 1 31 ? 9.074   -1.959  8.510   1.00 23.03 ? 31 MET B CB  1 
ATOM   701 C CG  . MET B 1 31 ? 8.519   -3.157  7.761   1.00 23.04 ? 31 MET B CG  1 
ATOM   702 S SD  . MET B 1 31 ? 8.363   -4.486  9.001   1.00 23.03 ? 31 MET B SD  1 
ATOM   703 C CE  . MET B 1 31 ? 8.465   -5.925  7.934   1.00 23.07 ? 31 MET B CE  1 
ATOM   704 N N   . VAL B 1 32 ? 12.657  -1.171  8.470   1.00 22.65 ? 32 VAL B N   1 
ATOM   705 C CA  . VAL B 1 32 ? 13.564  0.007   8.197   1.00 22.41 ? 32 VAL B CA  1 
ATOM   706 C C   . VAL B 1 32 ? 13.322  0.054   6.664   1.00 22.24 ? 32 VAL B C   1 
ATOM   707 O O   . VAL B 1 32 ? 13.425  -1.029  6.038   1.00 22.24 ? 32 VAL B O   1 
ATOM   708 C CB  . VAL B 1 32 ? 14.960  -0.310  8.650   1.00 22.40 ? 32 VAL B CB  1 
ATOM   709 C CG1 . VAL B 1 32 ? 15.506  -1.601  8.014   1.00 22.36 ? 32 VAL B CG1 1 
ATOM   710 C CG2 . VAL B 1 32 ? 15.956  0.821   8.417   1.00 22.43 ? 32 VAL B CG2 1 
ATOM   711 N N   . PRO B 1 33 ? 13.007  1.198   6.130   1.00 22.09 ? 33 PRO B N   1 
ATOM   712 C CA  . PRO B 1 33 ? 12.750  1.361   4.678   1.00 21.94 ? 33 PRO B CA  1 
ATOM   713 C C   . PRO B 1 33 ? 14.083  1.303   3.945   1.00 21.78 ? 33 PRO B C   1 
ATOM   714 O O   . PRO B 1 33 ? 15.097  1.789   4.517   1.00 21.79 ? 33 PRO B O   1 
ATOM   715 C CB  . PRO B 1 33 ? 12.043  2.683   4.557   1.00 21.96 ? 33 PRO B CB  1 
ATOM   716 C CG  . PRO B 1 33 ? 11.989  3.309   5.907   1.00 22.01 ? 33 PRO B CG  1 
ATOM   717 C CD  . PRO B 1 33 ? 12.874  2.480   6.839   1.00 22.06 ? 33 PRO B CD  1 
ATOM   718 N N   . VAL B 1 34 ? 14.129  0.748   2.751   1.00 21.60 ? 34 VAL B N   1 
ATOM   719 C CA  . VAL B 1 34 ? 15.405  0.660   2.000   1.00 21.37 ? 34 VAL B CA  1 
ATOM   720 C C   . VAL B 1 34 ? 15.315  1.074   0.545   1.00 21.19 ? 34 VAL B C   1 
ATOM   721 O O   . VAL B 1 34 ? 16.321  1.023   -0.197  1.00 21.17 ? 34 VAL B O   1 
ATOM   722 C CB  . VAL B 1 34 ? 15.983  -0.764  2.193   1.00 21.39 ? 34 VAL B CB  1 
ATOM   723 C CG1 . VAL B 1 34 ? 16.524  -0.977  3.599   1.00 21.40 ? 34 VAL B CG1 1 
ATOM   724 C CG2 . VAL B 1 34 ? 14.971  -1.830  1.818   1.00 21.38 ? 34 VAL B CG2 1 
ATOM   725 N N   . LYS B 1 35 ? 14.142  1.476   0.139   1.00 21.02 ? 35 LYS B N   1 
ATOM   726 C CA  . LYS B 1 35 ? 13.812  1.933   -1.212  1.00 20.77 ? 35 LYS B CA  1 
ATOM   727 C C   . LYS B 1 35 ? 12.440  2.611   -1.083  1.00 20.68 ? 35 LYS B C   1 
ATOM   728 O O   . LYS B 1 35 ? 11.589  2.142   -0.310  1.00 20.69 ? 35 LYS B O   1 
ATOM   729 C CB  . LYS B 1 35 ? 13.869  0.913   -2.304  1.00 20.65 ? 35 LYS B CB  1 
ATOM   730 C CG  . LYS B 1 35 ? 14.638  1.456   -3.529  1.00 20.61 ? 35 LYS B CG  1 
ATOM   731 C CD  . LYS B 1 35 ? 14.046  0.967   -4.840  1.00 20.60 ? 35 LYS B CD  1 
ATOM   732 C CE  . LYS B 1 35 ? 14.737  -0.282  -5.326  1.00 20.60 ? 35 LYS B CE  1 
ATOM   733 N NZ  . LYS B 1 35 ? 16.219  -0.092  -5.213  1.00 20.63 ? 35 LYS B NZ  1 
ATOM   734 N N   . ARG B 1 36 ? 12.280  3.673   -1.813  1.00 20.57 ? 36 ARG B N   1 
ATOM   735 C CA  . ARG B 1 36 ? 11.055  4.478   -1.841  1.00 20.48 ? 36 ARG B CA  1 
ATOM   736 C C   . ARG B 1 36 ? 10.988  5.099   -3.240  1.00 20.43 ? 36 ARG B C   1 
ATOM   737 O O   . ARG B 1 36 ? 12.070  5.525   -3.688  1.00 20.44 ? 36 ARG B O   1 
ATOM   738 C CB  . ARG B 1 36 ? 11.052  5.594   -0.818  1.00 20.43 ? 36 ARG B CB  1 
ATOM   739 C CG  . ARG B 1 36 ? 10.457  5.338   0.544   1.00 20.41 ? 36 ARG B CG  1 
ATOM   740 C CD  . ARG B 1 36 ? 9.995   6.602   1.184   1.00 20.41 ? 36 ARG B CD  1 
ATOM   741 N NE  . ARG B 1 36 ? 10.825  6.995   2.309   1.00 20.47 ? 36 ARG B NE  1 
ATOM   742 C CZ  . ARG B 1 36 ? 10.498  6.751   3.583   1.00 20.50 ? 36 ARG B CZ  1 
ATOM   743 N NH1 . ARG B 1 36 ? 11.270  7.105   4.602   1.00 20.47 ? 36 ARG B NH1 1 
ATOM   744 N NH2 . ARG B 1 36 ? 9.347   6.129   3.844   1.00 20.56 ? 36 ARG B NH2 1 
ATOM   745 N N   . GLY B 1 37 ? 9.817   5.128   -3.831  1.00 20.37 ? 37 GLY B N   1 
ATOM   746 C CA  . GLY B 1 37 ? 9.695   5.712   -5.168  1.00 20.34 ? 37 GLY B CA  1 
ATOM   747 C C   . GLY B 1 37 ? 8.289   5.583   -5.722  1.00 20.34 ? 37 GLY B C   1 
ATOM   748 O O   . GLY B 1 37 ? 7.295   5.407   -5.014  1.00 20.34 ? 37 GLY B O   1 
ATOM   749 N N   . CYS B 1 38 ? 8.268   5.687   -7.039  1.00 20.33 ? 38 CYS B N   1 
ATOM   750 C CA  . CYS B 1 38 ? 7.084   5.597   -7.878  1.00 20.33 ? 38 CYS B CA  1 
ATOM   751 C C   . CYS B 1 38 ? 7.140   4.150   -8.440  1.00 20.21 ? 38 CYS B C   1 
ATOM   752 O O   . CYS B 1 38 ? 8.250   3.687   -8.791  1.00 20.20 ? 38 CYS B O   1 
ATOM   753 C CB  . CYS B 1 38 ? 7.056   6.560   -9.040  1.00 20.64 ? 38 CYS B CB  1 
ATOM   754 S SG  . CYS B 1 38 ? 7.204   8.312   -8.685  1.00 20.86 ? 38 CYS B SG  1 
ATOM   755 N N   . ILE B 1 39 ? 5.979   3.543   -8.489  1.00 20.11 ? 39 ILE B N   1 
ATOM   756 C CA  . ILE B 1 39 ? 5.911   2.139   -9.020  1.00 19.95 ? 39 ILE B CA  1 
ATOM   757 C C   . ILE B 1 39 ? 4.720   2.112   -9.952  1.00 19.89 ? 39 ILE B C   1 
ATOM   758 O O   . ILE B 1 39 ? 3.952   3.098   -9.964  1.00 19.95 ? 39 ILE B O   1 
ATOM   759 C CB  . ILE B 1 39 ? 5.922   1.164   -7.814  1.00 19.87 ? 39 ILE B CB  1 
ATOM   760 C CG1 . ILE B 1 39 ? 6.667   -0.152  -8.108  1.00 19.82 ? 39 ILE B CG1 1 
ATOM   761 C CG2 . ILE B 1 39 ? 4.501   0.915   -7.222  1.00 19.88 ? 39 ILE B CG2 1 
ATOM   762 C CD1 . ILE B 1 39 ? 6.742   -0.685  -9.536  1.00 19.79 ? 39 ILE B CD1 1 
ATOM   763 N N   . ASN B 1 40 ? 4.545   1.059   -10.711 1.00 19.81 ? 40 ASN B N   1 
ATOM   764 C CA  . ASN B 1 40 ? 3.410   0.932   -11.654 1.00 19.64 ? 40 ASN B CA  1 
ATOM   765 C C   . ASN B 1 40 ? 2.383   -0.015  -11.008 1.00 19.54 ? 40 ASN B C   1 
ATOM   766 O O   . ASN B 1 40 ? 1.163   0.210   -11.018 1.00 19.51 ? 40 ASN B O   1 
ATOM   767 C CB  . ASN B 1 40 ? 3.899   0.504   -13.030 1.00 19.64 ? 40 ASN B CB  1 
ATOM   768 C CG  . ASN B 1 40 ? 4.593   -0.836  -13.074 1.00 19.67 ? 40 ASN B CG  1 
ATOM   769 O OD1 . ASN B 1 40 ? 5.505   -1.102  -12.274 1.00 19.72 ? 40 ASN B OD1 1 
ATOM   770 N ND2 . ASN B 1 40 ? 4.189   -1.712  -13.995 1.00 19.67 ? 40 ASN B ND2 1 
ATOM   771 N N   . VAL B 1 41 ? 2.950   -1.081  -10.450 1.00 19.40 ? 41 VAL B N   1 
ATOM   772 C CA  . VAL B 1 41 ? 2.198   -2.131  -9.768  1.00 19.24 ? 41 VAL B CA  1 
ATOM   773 C C   . VAL B 1 41 ? 2.819   -2.347  -8.382  1.00 19.14 ? 41 VAL B C   1 
ATOM   774 O O   . VAL B 1 41 ? 4.055   -2.312  -8.268  1.00 19.14 ? 41 VAL B O   1 
ATOM   775 C CB  . VAL B 1 41 ? 2.162   -3.437  -10.584 1.00 19.19 ? 41 VAL B CB  1 
ATOM   776 C CG1 . VAL B 1 41 ? 1.692   -3.257  -12.023 1.00 19.16 ? 41 VAL B CG1 1 
ATOM   777 C CG2 . VAL B 1 41 ? 3.493   -4.163  -10.545 1.00 19.19 ? 41 VAL B CG2 1 
ATOM   778 N N   . CYS B 1 42 ? 1.952   -2.557  -7.409  1.00 19.04 ? 42 CYS B N   1 
ATOM   779 C CA  . CYS B 1 42 ? 2.392   -2.788  -6.023  1.00 18.89 ? 42 CYS B CA  1 
ATOM   780 C C   . CYS B 1 42 ? 3.025   -4.193  -5.981  1.00 18.85 ? 42 CYS B C   1 
ATOM   781 O O   . CYS B 1 42 ? 2.319   -5.170  -6.256  1.00 18.85 ? 42 CYS B O   1 
ATOM   782 C CB  . CYS B 1 42 ? 1.239   -2.710  -5.040  1.00 18.73 ? 42 CYS B CB  1 
ATOM   783 S SG  . CYS B 1 42 ? 1.916   -2.498  -3.349  1.00 18.65 ? 42 CYS B SG  1 
ATOM   784 N N   . PRO B 1 43 ? 4.292   -4.247  -5.651  1.00 18.80 ? 43 PRO B N   1 
ATOM   785 C CA  . PRO B 1 43 ? 5.057   -5.487  -5.568  1.00 18.80 ? 43 PRO B CA  1 
ATOM   786 C C   . PRO B 1 43 ? 4.645   -6.396  -4.431  1.00 18.80 ? 43 PRO B C   1 
ATOM   787 O O   . PRO B 1 43 ? 4.283   -5.980  -3.324  1.00 18.80 ? 43 PRO B O   1 
ATOM   788 C CB  . PRO B 1 43 ? 6.518   -5.047  -5.526  1.00 18.79 ? 43 PRO B CB  1 
ATOM   789 C CG  . PRO B 1 43 ? 6.516   -3.580  -5.837  1.00 18.79 ? 43 PRO B CG  1 
ATOM   790 C CD  . PRO B 1 43 ? 5.155   -3.085  -5.321  1.00 18.81 ? 43 PRO B CD  1 
ATOM   791 N N   . LYS B 1 44 ? 4.709   -7.687  -4.739  1.00 18.79 ? 44 LYS B N   1 
ATOM   792 C CA  . LYS B 1 44 ? 4.341   -8.742  -3.769  1.00 18.80 ? 44 LYS B CA  1 
ATOM   793 C C   . LYS B 1 44 ? 5.418   -8.902  -2.737  1.00 18.80 ? 44 LYS B C   1 
ATOM   794 O O   . LYS B 1 44 ? 6.608   -8.775  -3.080  1.00 18.85 ? 44 LYS B O   1 
ATOM   795 C CB  . LYS B 1 44 ? 3.946   -10.016 -4.495  1.00 18.80 ? 44 LYS B CB  1 
ATOM   796 C CG  . LYS B 1 44 ? 2.438   -9.999  -4.873  1.00 18.81 ? 44 LYS B CG  1 
ATOM   797 C CD  . LYS B 1 44 ? 2.029   -8.664  -5.481  1.00 18.77 ? 44 LYS B CD  1 
ATOM   798 C CE  . LYS B 1 44 ? 0.937   -8.793  -6.523  1.00 18.71 ? 44 LYS B CE  1 
ATOM   799 N NZ  . LYS B 1 44 ? 1.096   -7.780  -7.596  1.00 18.64 ? 44 LYS B NZ  1 
ATOM   800 N N   . ASN B 1 45 ? 4.990   -9.170  -1.506  1.00 18.77 ? 45 ASN B N   1 
ATOM   801 C CA  . ASN B 1 45 ? 5.953   -9.333  -0.419  1.00 18.78 ? 45 ASN B CA  1 
ATOM   802 C C   . ASN B 1 45 ? 6.640   -10.693 -0.361  1.00 18.81 ? 45 ASN B C   1 
ATOM   803 O O   . ASN B 1 45 ? 6.105   -11.777 -0.541  1.00 18.83 ? 45 ASN B O   1 
ATOM   804 C CB  . ASN B 1 45 ? 5.359   -8.921  0.938   1.00 18.72 ? 45 ASN B CB  1 
ATOM   805 C CG  . ASN B 1 45 ? 4.792   -7.525  1.013   1.00 18.64 ? 45 ASN B CG  1 
ATOM   806 O OD1 . ASN B 1 45 ? 4.864   -6.721  0.073   1.00 18.60 ? 45 ASN B OD1 1 
ATOM   807 N ND2 . ASN B 1 45 ? 4.186   -7.181  2.159   1.00 18.60 ? 45 ASN B ND2 1 
ATOM   808 N N   . SER B 1 46 ? 7.916   -10.526 -0.080  1.00 18.83 ? 46 SER B N   1 
ATOM   809 C CA  . SER B 1 46 ? 8.903   -11.611 0.076   1.00 18.87 ? 46 SER B CA  1 
ATOM   810 C C   . SER B 1 46 ? 8.896   -11.811 1.603   1.00 18.88 ? 46 SER B C   1 
ATOM   811 O O   . SER B 1 46 ? 8.264   -10.979 2.311   1.00 18.91 ? 46 SER B O   1 
ATOM   812 C CB  . SER B 1 46 ? 10.213  -11.238 -0.531  1.00 18.95 ? 46 SER B CB  1 
ATOM   813 O OG  . SER B 1 46 ? 11.303  -12.027 -0.103  1.00 19.08 ? 46 SER B OG  1 
ATOM   814 N N   . ALA B 1 47 ? 9.529   -12.822 2.108   1.00 18.90 ? 47 ALA B N   1 
ATOM   815 C CA  . ALA B 1 47 ? 9.584   -13.111 3.541   1.00 18.90 ? 47 ALA B CA  1 
ATOM   816 C C   . ALA B 1 47 ? 10.300  -12.012 4.313   1.00 18.95 ? 47 ALA B C   1 
ATOM   817 O O   . ALA B 1 47 ? 9.992   -11.800 5.506   1.00 18.95 ? 47 ALA B O   1 
ATOM   818 C CB  . ALA B 1 47 ? 10.255  -14.467 3.756   1.00 18.84 ? 47 ALA B CB  1 
ATOM   819 N N   . LEU B 1 48 ? 11.236  -11.328 3.657   1.00 18.97 ? 48 LEU B N   1 
ATOM   820 C CA  . LEU B 1 48 ? 11.982  -10.260 4.295   1.00 19.02 ? 48 LEU B CA  1 
ATOM   821 C C   . LEU B 1 48 ? 11.804  -8.908  3.589   1.00 19.04 ? 48 LEU B C   1 
ATOM   822 O O   . LEU B 1 48 ? 12.115  -7.892  4.250   1.00 19.04 ? 48 LEU B O   1 
ATOM   823 C CB  . LEU B 1 48 ? 13.458  -10.591 4.398   1.00 19.12 ? 48 LEU B CB  1 
ATOM   824 C CG  . LEU B 1 48 ? 14.086  -11.927 4.239   1.00 19.23 ? 48 LEU B CG  1 
ATOM   825 C CD1 . LEU B 1 48 ? 14.005  -12.463 2.808   1.00 19.24 ? 48 LEU B CD1 1 
ATOM   826 C CD2 . LEU B 1 48 ? 15.579  -11.797 4.633   1.00 19.22 ? 48 LEU B CD2 1 
ATOM   827 N N   . VAL B 1 49 ? 11.348  -8.912  2.353   1.00 19.08 ? 49 VAL B N   1 
ATOM   828 C CA  . VAL B 1 49 ? 11.183  -7.616  1.647   1.00 19.14 ? 49 VAL B CA  1 
ATOM   829 C C   . VAL B 1 49 ? 9.755   -7.264  1.303   1.00 19.17 ? 49 VAL B C   1 
ATOM   830 O O   . VAL B 1 49 ? 9.107   -7.718  0.351   1.00 19.20 ? 49 VAL B O   1 
ATOM   831 C CB  . VAL B 1 49 ? 12.199  -7.577  0.483   1.00 19.13 ? 49 VAL B CB  1 
ATOM   832 C CG1 . VAL B 1 49 ? 13.383  -8.514  0.738   1.00 19.07 ? 49 VAL B CG1 1 
ATOM   833 C CG2 . VAL B 1 49 ? 11.602  -7.843  -0.881  1.00 19.17 ? 49 VAL B CG2 1 
ATOM   834 N N   . LYS B 1 50 ? 9.243   -6.375  2.147   1.00 19.21 ? 50 LYS B N   1 
ATOM   835 C CA  . LYS B 1 50 ? 7.918   -5.816  2.137   1.00 19.14 ? 50 LYS B CA  1 
ATOM   836 C C   . LYS B 1 50 ? 7.711   -4.520  1.388   1.00 19.15 ? 50 LYS B C   1 
ATOM   837 O O   . LYS B 1 50 ? 8.518   -3.585  1.432   1.00 19.22 ? 50 LYS B O   1 
ATOM   838 C CB  . LYS B 1 50 ? 7.506   -5.554  3.617   1.00 19.06 ? 50 LYS B CB  1 
ATOM   839 C CG  . LYS B 1 50 ? 8.082   -6.579  4.595   1.00 19.02 ? 50 LYS B CG  1 
ATOM   840 C CD  . LYS B 1 50 ? 7.609   -7.986  4.298   1.00 19.05 ? 50 LYS B CD  1 
ATOM   841 C CE  . LYS B 1 50 ? 7.345   -8.816  5.537   1.00 19.05 ? 50 LYS B CE  1 
ATOM   842 N NZ  . LYS B 1 50 ? 6.828   -10.171 5.162   1.00 19.01 ? 50 LYS B NZ  1 
ATOM   843 N N   . TYR B 1 51 ? 6.583   -4.477  0.692   1.00 19.12 ? 51 TYR B N   1 
ATOM   844 C CA  . TYR B 1 51 ? 6.124   -3.362  -0.109  1.00 19.08 ? 51 TYR B CA  1 
ATOM   845 C C   . TYR B 1 51 ? 4.782   -2.856  0.430   1.00 19.06 ? 51 TYR B C   1 
ATOM   846 O O   . TYR B 1 51 ? 3.923   -3.664  0.846   1.00 19.10 ? 51 TYR B O   1 
ATOM   847 C CB  . TYR B 1 51 ? 5.963   -3.734  -1.621  1.00 19.06 ? 51 TYR B CB  1 
ATOM   848 C CG  . TYR B 1 51 ? 7.289   -4.261  -2.146  1.00 19.07 ? 51 TYR B CG  1 
ATOM   849 C CD1 . TYR B 1 51 ? 8.244   -3.404  -2.697  1.00 19.09 ? 51 TYR B CD1 1 
ATOM   850 C CD2 . TYR B 1 51 ? 7.572   -5.621  -2.072  1.00 19.07 ? 51 TYR B CD2 1 
ATOM   851 C CE1 . TYR B 1 51 ? 9.457   -3.900  -3.169  1.00 19.11 ? 51 TYR B CE1 1 
ATOM   852 C CE2 . TYR B 1 51 ? 8.776   -6.133  -2.535  1.00 19.12 ? 51 TYR B CE2 1 
ATOM   853 C CZ  . TYR B 1 51 ? 9.717   -5.265  -3.084  1.00 19.16 ? 51 TYR B CZ  1 
ATOM   854 O OH  . TYR B 1 51 ? 10.891  -5.808  -3.529  1.00 19.21 ? 51 TYR B OH  1 
ATOM   855 N N   . VAL B 1 52 ? 4.629   -1.550  0.414   1.00 19.01 ? 52 VAL B N   1 
ATOM   856 C CA  . VAL B 1 52 ? 3.403   -0.888  0.874   1.00 18.90 ? 52 VAL B CA  1 
ATOM   857 C C   . VAL B 1 52 ? 3.229   0.322   -0.076  1.00 18.85 ? 52 VAL B C   1 
ATOM   858 O O   . VAL B 1 52 ? 4.054   1.230   -0.084  1.00 18.90 ? 52 VAL B O   1 
ATOM   859 C CB  . VAL B 1 52 ? 3.271   -0.597  2.347   1.00 18.86 ? 52 VAL B CB  1 
ATOM   860 C CG1 . VAL B 1 52 ? 4.529   -0.164  3.070   1.00 18.89 ? 52 VAL B CG1 1 
ATOM   861 C CG2 . VAL B 1 52 ? 2.137   0.422   2.582   1.00 18.80 ? 52 VAL B CG2 1 
ATOM   862 N N   . CYS B 1 53 ? 2.149   0.247   -0.831  1.00 18.78 ? 53 CYS B N   1 
ATOM   863 C CA  . CYS B 1 53 ? 1.762   1.247   -1.812  1.00 18.66 ? 53 CYS B CA  1 
ATOM   864 C C   . CYS B 1 53 ? 0.570   2.119   -1.475  1.00 18.60 ? 53 CYS B C   1 
ATOM   865 O O   . CYS B 1 53 ? -0.391  1.749   -0.787  1.00 18.60 ? 53 CYS B O   1 
ATOM   866 C CB  . CYS B 1 53 ? 1.480   0.500   -3.152  1.00 18.61 ? 53 CYS B CB  1 
ATOM   867 S SG  . CYS B 1 53 ? 2.813   -0.679  -3.528  1.00 18.63 ? 53 CYS B SG  1 
ATOM   868 N N   . CYS B 1 54 ? 0.661   3.334   -2.008  1.00 18.56 ? 54 CYS B N   1 
ATOM   869 C CA  . CYS B 1 54 ? -0.338  4.397   -1.861  1.00 18.44 ? 54 CYS B CA  1 
ATOM   870 C C   . CYS B 1 54 ? -0.256  5.283   -3.112  1.00 18.45 ? 54 CYS B C   1 
ATOM   871 O O   . CYS B 1 54 ? 0.798   5.338   -3.759  1.00 18.50 ? 54 CYS B O   1 
ATOM   872 C CB  . CYS B 1 54 ? -0.156  5.182   -0.583  1.00 18.23 ? 54 CYS B CB  1 
ATOM   873 S SG  . CYS B 1 54 ? 1.473   5.939   -0.380  1.00 18.08 ? 54 CYS B SG  1 
ATOM   874 N N   . SER B 1 55 ? -1.361  5.940   -3.410  1.00 18.42 ? 55 SER B N   1 
ATOM   875 C CA  . SER B 1 55 ? -1.517  6.822   -4.549  1.00 18.31 ? 55 SER B CA  1 
ATOM   876 C C   . SER B 1 55 ? -1.645  8.304   -4.304  1.00 18.29 ? 55 SER B C   1 
ATOM   877 O O   . SER B 1 55 ? -2.145  8.963   -5.256  1.00 18.30 ? 55 SER B O   1 
ATOM   878 C CB  . SER B 1 55 ? -2.783  6.383   -5.333  1.00 18.24 ? 55 SER B CB  1 
ATOM   879 O OG  . SER B 1 55 ? -2.970  4.993   -5.227  1.00 18.20 ? 55 SER B OG  1 
ATOM   880 N N   . THR B 1 56 ? -1.262  8.859   -3.189  1.00 18.27 ? 56 THR B N   1 
ATOM   881 C CA  . THR B 1 56 ? -1.357  10.287  -2.894  1.00 18.24 ? 56 THR B CA  1 
ATOM   882 C C   . THR B 1 56 ? -0.019  10.958  -2.612  1.00 18.23 ? 56 THR B C   1 
ATOM   883 O O   . THR B 1 56 ? 0.834   10.452  -1.869  1.00 18.26 ? 56 THR B O   1 
ATOM   884 C CB  . THR B 1 56 ? -2.337  10.548  -1.675  1.00 18.23 ? 56 THR B CB  1 
ATOM   885 O OG1 . THR B 1 56 ? -3.640  10.047  -2.079  1.00 18.23 ? 56 THR B OG1 1 
ATOM   886 C CG2 . THR B 1 56 ? -2.378  12.020  -1.249  1.00 18.23 ? 56 THR B CG2 1 
ATOM   887 N N   . ASP B 1 57 ? 0.183   12.113  -3.195  1.00 18.20 ? 57 ASP B N   1 
ATOM   888 C CA  . ASP B 1 57 ? 1.337   12.986  -3.126  1.00 18.16 ? 57 ASP B CA  1 
ATOM   889 C C   . ASP B 1 57 ? 2.180   12.915  -1.855  1.00 18.12 ? 57 ASP B C   1 
ATOM   890 O O   . ASP B 1 57 ? 1.768   13.421  -0.793  1.00 18.10 ? 57 ASP B O   1 
ATOM   891 C CB  . ASP B 1 57 ? 0.855   14.448  -3.318  1.00 18.21 ? 57 ASP B CB  1 
ATOM   892 C CG  . ASP B 1 57 ? 0.897   14.962  -4.724  1.00 18.29 ? 57 ASP B CG  1 
ATOM   893 O OD1 . ASP B 1 57 ? 0.685   16.173  -4.957  1.00 18.33 ? 57 ASP B OD1 1 
ATOM   894 O OD2 . ASP B 1 57 ? 1.145   14.150  -5.638  1.00 18.34 ? 57 ASP B OD2 1 
ATOM   895 N N   . ARG B 1 58 ? 3.346   12.305  -1.969  1.00 18.09 ? 58 ARG B N   1 
ATOM   896 C CA  . ARG B 1 58 ? 4.315   12.130  -0.888  1.00 18.02 ? 58 ARG B CA  1 
ATOM   897 C C   . ARG B 1 58 ? 3.834   11.287  0.264   1.00 17.96 ? 58 ARG B C   1 
ATOM   898 O O   . ARG B 1 58 ? 4.205   11.556  1.436   1.00 17.96 ? 58 ARG B O   1 
ATOM   899 C CB  . ARG B 1 58 ? 4.727   13.550  -0.371  1.00 18.09 ? 58 ARG B CB  1 
ATOM   900 C CG  . ARG B 1 58 ? 5.889   14.139  -1.105  1.00 18.21 ? 58 ARG B CG  1 
ATOM   901 C CD  . ARG B 1 58 ? 6.096   15.544  -1.246  1.00 18.34 ? 58 ARG B CD  1 
ATOM   902 N NE  . ARG B 1 58 ? 6.736   16.349  -0.282  1.00 18.47 ? 58 ARG B NE  1 
ATOM   903 C CZ  . ARG B 1 58 ? 7.686   16.217  0.615   1.00 18.51 ? 58 ARG B CZ  1 
ATOM   904 N NH1 . ARG B 1 58 ? 7.995   17.254  1.412   1.00 18.52 ? 58 ARG B NH1 1 
ATOM   905 N NH2 . ARG B 1 58 ? 8.376   15.084  0.786   1.00 18.48 ? 58 ARG B NH2 1 
ATOM   906 N N   . CYS B 1 59 ? 3.027   10.275  -0.017  1.00 17.90 ? 59 CYS B N   1 
ATOM   907 C CA  . CYS B 1 59 ? 2.485   9.385   1.017   1.00 17.85 ? 59 CYS B CA  1 
ATOM   908 C C   . CYS B 1 59 ? 3.424   8.281   1.466   1.00 17.77 ? 59 CYS B C   1 
ATOM   909 O O   . CYS B 1 59 ? 3.308   7.838   2.635   1.00 17.77 ? 59 CYS B O   1 
ATOM   910 C CB  . CYS B 1 59 ? 1.133   8.816   0.567   1.00 17.97 ? 59 CYS B CB  1 
ATOM   911 S SG  . CYS B 1 59 ? 1.176   7.876   -0.959  1.00 18.05 ? 59 CYS B SG  1 
ATOM   912 N N   . ASN B 1 60 ? 4.310   7.837   0.622   1.00 17.70 ? 60 ASN B N   1 
ATOM   913 C CA  . ASN B 1 60 ? 5.282   6.775   0.897   1.00 17.63 ? 60 ASN B CA  1 
ATOM   914 C C   . ASN B 1 60 ? 6.405   7.177   1.833   1.00 17.65 ? 60 ASN B C   1 
ATOM   915 O O   . ASN B 1 60 ? 6.729   8.388   1.875   1.00 17.72 ? 60 ASN B O   1 
ATOM   916 C CB  . ASN B 1 60 ? 5.771   6.216   -0.456  1.00 17.54 ? 60 ASN B CB  1 
ATOM   917 C CG  . ASN B 1 60 ? 6.444   7.271   -1.309  1.00 17.48 ? 60 ASN B CG  1 
ATOM   918 O OD1 . ASN B 1 60 ? 6.201   8.472   -1.161  1.00 17.46 ? 60 ASN B OD1 1 
ATOM   919 N ND2 . ASN B 1 60 ? 7.309   6.845   -2.224  1.00 17.48 ? 60 ASN B ND2 1 
ATOM   920 O OXT . ASN B 1 60 ? 6.963   6.296   2.522   1.00 17.58 ? 60 ASN B OXT 1 
HETATM 921 P P   . PO4 C 2 .  ? -12.855 -7.622  -0.790  0.50 22.48 ? 61 PO4 A P   1 
HETATM 922 O O1  . PO4 C 2 .  ? -14.106 -8.293  -0.278  0.50 22.46 ? 61 PO4 A O1  1 
HETATM 923 O O2  . PO4 C 2 .  ? -11.668 -8.483  -0.509  0.50 22.43 ? 61 PO4 A O2  1 
HETATM 924 O O3  . PO4 C 2 .  ? -12.976 -7.389  -2.268  0.50 22.45 ? 61 PO4 A O3  1 
HETATM 925 O O4  . PO4 C 2 .  ? -12.721 -6.297  -0.092  0.50 22.46 ? 61 PO4 A O4  1 
HETATM 926 P P   . PO4 D 2 .  ? 12.117  4.237   -8.795  0.60 20.35 ? 61 PO4 B P   1 
HETATM 927 O O1  . PO4 D 2 .  ? 11.568  3.199   -7.871  0.60 20.33 ? 61 PO4 B O1  1 
HETATM 928 O O2  . PO4 D 2 .  ? 13.075  5.121   -8.029  0.60 20.35 ? 61 PO4 B O2  1 
HETATM 929 O O3  . PO4 D 2 .  ? 12.866  3.576   -9.918  0.60 20.33 ? 61 PO4 B O3  1 
HETATM 930 O O4  . PO4 D 2 .  ? 11.021  5.091   -9.348  0.60 20.33 ? 61 PO4 B O4  1 
HETATM 931 O O   . HOH E 3 .  ? -4.785  -16.503 -1.377  0.80 20.00 ? 62 HOH A O   1 
HETATM 932 O O   . HOH E 3 .  ? -5.231  -18.214 11.283  0.64 20.00 ? 63 HOH A O   1 
HETATM 933 O O   . HOH E 3 .  ? -4.549  -8.748  11.538  0.42 20.00 ? 64 HOH A O   1 
HETATM 934 O O   . HOH E 3 .  ? -16.293 -6.896  9.148   0.86 20.00 ? 65 HOH A O   1 
HETATM 935 O O   . HOH E 3 .  ? -10.413 -9.603  -9.755  0.61 20.00 ? 66 HOH A O   1 
HETATM 936 O O   . HOH E 3 .  ? -1.846  -16.556 -5.928  1.04 20.00 ? 67 HOH A O   1 
HETATM 937 O O   . HOH E 3 .  ? -1.279  -15.399 -2.822  0.51 20.00 ? 68 HOH A O   1 
HETATM 938 O O   . HOH E 3 .  ? 0.338   -12.603 -3.008  0.69 20.00 ? 69 HOH A O   1 
HETATM 939 O O   . HOH E 3 .  ? 2.720   -12.383 -0.833  0.98 20.00 ? 70 HOH A O   1 
HETATM 940 O O   . HOH E 3 .  ? -3.760  -1.606  8.539   0.52 20.00 ? 71 HOH A O   1 
HETATM 941 O O   . HOH E 3 .  ? -7.626  4.785   9.693   0.87 20.00 ? 72 HOH A O   1 
HETATM 942 O O   . HOH E 3 .  ? -6.575  2.603   10.386  0.65 20.00 ? 73 HOH A O   1 
HETATM 943 O O   . HOH E 3 .  ? -7.737  1.348   12.499  0.72 20.00 ? 74 HOH A O   1 
HETATM 944 O O   . HOH E 3 .  ? -7.341  -0.955  12.151  1.01 20.00 ? 75 HOH A O   1 
HETATM 945 O O   . HOH E 3 .  ? -6.214  -3.734  11.310  0.54 20.00 ? 76 HOH A O   1 
HETATM 946 O O   . HOH E 3 .  ? -17.135 14.180  4.514   0.60 20.00 ? 77 HOH A O   1 
HETATM 947 O O   . HOH E 3 .  ? -15.507 12.803  7.968   0.96 20.00 ? 78 HOH A O   1 
HETATM 948 O O   . HOH E 3 .  ? -12.659 13.879  13.951  0.74 20.00 ? 79 HOH A O   1 
HETATM 949 O O   . HOH E 3 .  ? -11.911 9.544   9.701   0.51 20.00 ? 80 HOH A O   1 
HETATM 950 O O   . HOH E 3 .  ? -3.041  1.391   -9.722  1.31 20.00 ? 81 HOH A O   1 
HETATM 951 O O   . HOH E 3 .  ? -2.946  7.469   2.952   0.69 20.00 ? 82 HOH A O   1 
HETATM 952 O O   . HOH E 3 .  ? -3.063  6.497   -0.090  1.22 20.00 ? 83 HOH A O   1 
HETATM 953 O O   . HOH E 3 .  ? 2.664   -5.432  -1.233  0.94 20.00 ? 84 HOH A O   1 
HETATM 954 O O   . HOH E 3 .  ? -1.529  -17.758 4.678   0.73 20.00 ? 85 HOH A O   1 
HETATM 955 O O   . HOH E 3 .  ? -19.798 14.218  0.346   0.69 20.00 ? 86 HOH A O   1 
HETATM 956 O O   . HOH E 3 .  ? -19.740 16.440  -1.617  0.75 20.00 ? 87 HOH A O   1 
HETATM 957 O O   . HOH E 3 .  ? -19.112 -10.417 1.005   0.84 20.00 ? 88 HOH A O   1 
HETATM 958 O O   . HOH E 3 .  ? -18.273 -10.788 3.908   0.56 20.00 ? 89 HOH A O   1 
HETATM 959 O O   . HOH F 3 .  ? -3.186  3.385   -3.847  1.16 20.00 ? 62 HOH B O   1 
HETATM 960 O O   . HOH F 3 .  ? 0.648   19.492  -6.966  0.73 20.00 ? 63 HOH B O   1 
HETATM 961 O O   . HOH F 3 .  ? 1.140   16.939  -7.460  0.68 20.00 ? 64 HOH B O   1 
HETATM 962 O O   . HOH F 3 .  ? 19.592  10.489  -5.149  0.79 20.00 ? 65 HOH B O   1 
HETATM 963 O O   . HOH F 3 .  ? 17.177  8.561   -4.849  0.44 20.00 ? 66 HOH B O   1 
HETATM 964 O O   . HOH F 3 .  ? 17.585  12.383  -7.309  0.51 20.00 ? 67 HOH B O   1 
HETATM 965 O O   . HOH F 3 .  ? 13.186  6.390   -10.509 0.56 20.00 ? 68 HOH B O   1 
HETATM 966 O O   . HOH F 3 .  ? 1.228   8.908   -22.544 0.69 20.00 ? 69 HOH B O   1 
HETATM 967 O O   . HOH F 3 .  ? 4.354   9.136   -23.468 0.61 20.00 ? 70 HOH B O   1 
HETATM 968 O O   . HOH F 3 .  ? 17.577  -9.052  7.133   0.53 20.00 ? 71 HOH B O   1 
HETATM 969 O O   . HOH F 3 .  ? 11.447  -9.142  14.718  0.48 20.00 ? 72 HOH B O   1 
HETATM 970 O O   . HOH F 3 .  ? 12.813  -10.317 17.490  0.66 20.00 ? 73 HOH B O   1 
HETATM 971 O O   . HOH F 3 .  ? 14.394  -10.057 14.702  0.69 20.00 ? 74 HOH B O   1 
HETATM 972 O O   . HOH F 3 .  ? 7.346   -3.150  -12.141 0.67 20.00 ? 75 HOH B O   1 
HETATM 973 O O   . HOH F 3 .  ? 9.864   -1.143  -12.521 0.52 20.00 ? 76 HOH B O   1 
HETATM 974 O O   . HOH F 3 .  ? 10.905  0.583   -14.905 0.46 20.00 ? 77 HOH B O   1 
HETATM 975 O O   . HOH F 3 .  ? 18.691  8.362   -8.854  0.79 20.00 ? 78 HOH B O   1 
HETATM 976 O O   . HOH F 3 .  ? 19.911  5.988   -11.171 0.68 20.00 ? 79 HOH B O   1 
HETATM 977 O O   . HOH F 3 .  ? 10.845  -3.995  -7.446  0.79 20.00 ? 80 HOH B O   1 
HETATM 978 O O   . HOH F 3 .  ? 5.735   -12.578 7.994   0.38 20.00 ? 81 HOH B O   1 
# 
